data_2X1G
#
_entry.id   2X1G
#
_cell.length_a   82.569
_cell.length_b   100.792
_cell.length_c   93.923
_cell.angle_alpha   89.83
_cell.angle_beta   110.18
_cell.angle_gamma   90.63
#
_symmetry.space_group_name_H-M   'P 1'
#
loop_
_entity.id
_entity.type
_entity.pdbx_description
1 polymer 'RNA-BINDING PROTEIN 8A'
2 polymer 'PROTEIN MAGO NASHI'
3 polymer CADMUS
#
loop_
_entity_poly.entity_id
_entity_poly.type
_entity_poly.pdbx_seq_one_letter_code
_entity_poly.pdbx_strand_id
1 'polypeptide(L)'
;MADVLDIDNAEEFEVDEDGDQGIVRLKEKAKHRKGRGFGSDSNTREAIHSYERVRNEDDDELEPGPQRSVEGWILFVTSI
HEEAQEDEIQEKFCDYGEIKNIHLNLDRRTGFSKGYALVEYETHKQALAAKEALNGAEIMGQTIQVDWCFVKGPKRVKKS
EKRRR
;
A,C
2 'polypeptide(L)'
;MSTEDFYLRYYVGHKGKFGHEFLEFEFRPDGKLRYANNSNYKNDTMIRKEAFVHQSVMEELKRIIIDSEIMQEDDLPWPP
PDRVGRQELEIVIGDEHISFTTSKTGSLVDVNRSKDPEGLRCFYYLVQDLKCLVFSLIGLHFKIKPI
;
B,D
3 'polypeptide(L)'
;MEPIDIARLEEAVVSFYRSNSQNQAITHEWLTDAEASPQAWQFSWQLMQLGKSQEVQFFGAITLHSKLMKHWHEVPPENR
EELKQKILESIVRFAGGPKIVLNRLCISLGAYIVHMLGEWPGAIEEVINTFQNQRMPNVSADVQLWIMLEVLTAIPEEAQ
VIHTSVKRVVLRAEIAKRVQLVIHTVERYLKLQMNRVWDAEAYSNMNRAVKCVGTWIKNIGYTIEGCVTITAVLLEVVHK
CYWPCIHAGDGCMTADENELAESCLKTMVNIIIQPDCHNYPKTAFVLIKMFLDSLSEITKTEWKRENDNEDIIVHIYMLF
VSSVERHSTLLLSGITSADPELSILVHRIVQEILHCTDKPGIYPVEESCSTMALAFWYMLQDEVFAMSNDEQKHKCWEYI
KPLYAHLTRILVRKSEQPDEKSLAKWSSDDLECFRCYRQDISDTFMYCYDVLNDYILEILAAMLDEAIADLQRHPTHWTK
LEACIYSFQSVAEHFGGEEKRQIPRLMRVLAEIPYEKLNVKLLGTALETMGSYCNWLMENPAYIPPAINLLVRGLNSSMS
AQATLGLKELCRDCQLQLKPYADPLLNACHASLNTGRMKNSDSVRLMFSIGKLMSLLRPEEIPKYLDIIVSPCFEELQAI
CQADSKTPAARIRTIFRLNMISTLFSSLNTDVDEQATDQPIVQPVLLVMQRTMPIFKRIAEMWVEEIDVLEAACSAMKHA
ITNLRSSFQPMLQDLCLFIVASFQTRCCAPTLEISKTAIVMFFKDEGCKPLMQQLLREFIQHSFKLFESTPEQNFSNISD
TMETFFGCLTQIIKKIPQVLEDKTLAYDRLVFYAQRGMTLPESGAIRNSIQFLTHFVMQSRNHAHVTEVVLATGEQTLYT
AMMCVGYLTPRSQVDKFADILLAMNRKYAAEMAVWMKSLMSTPNFPTQLITDADKTRYTALIIKEKVNKRLLQQHLSEMA
MKTRGLTEKFQ
;
F,G
#
# COMPACT_ATOMS: atom_id res chain seq x y z
N PRO A 64 17.90 -21.72 -4.99
CA PRO A 64 16.82 -21.58 -3.97
C PRO A 64 17.18 -20.58 -2.88
N GLY A 65 16.33 -20.48 -1.87
CA GLY A 65 16.56 -19.55 -0.78
C GLY A 65 15.32 -18.69 -0.57
N PRO A 66 14.52 -18.99 0.47
CA PRO A 66 13.29 -18.25 0.78
C PRO A 66 13.52 -16.75 0.87
N GLN A 67 12.45 -15.99 0.69
CA GLN A 67 12.52 -14.54 0.75
C GLN A 67 11.41 -14.00 1.63
N ARG A 68 11.77 -13.12 2.56
CA ARG A 68 10.81 -12.51 3.46
C ARG A 68 10.01 -11.49 2.68
N SER A 69 8.71 -11.44 2.90
CA SER A 69 7.86 -10.48 2.22
C SER A 69 7.48 -9.41 3.23
N VAL A 70 7.09 -8.25 2.73
CA VAL A 70 6.70 -7.15 3.60
C VAL A 70 5.84 -7.61 4.76
N GLU A 71 4.81 -8.42 4.49
CA GLU A 71 3.92 -8.89 5.54
C GLU A 71 4.48 -10.08 6.32
N GLY A 72 5.50 -10.72 5.76
CA GLY A 72 6.10 -11.88 6.43
C GLY A 72 6.60 -12.94 5.46
N TRP A 73 6.46 -14.20 5.83
CA TRP A 73 6.91 -15.27 4.96
C TRP A 73 5.74 -15.94 4.29
N ILE A 74 5.84 -16.10 2.96
CA ILE A 74 4.77 -16.70 2.17
C ILE A 74 5.09 -18.07 1.56
N LEU A 75 4.06 -18.92 1.53
CA LEU A 75 4.18 -20.26 0.95
C LEU A 75 3.22 -20.34 -0.23
N PHE A 76 3.58 -21.15 -1.21
CA PHE A 76 2.76 -21.32 -2.40
C PHE A 76 2.22 -22.73 -2.38
N VAL A 77 0.95 -22.89 -2.00
CA VAL A 77 0.35 -24.21 -1.95
C VAL A 77 -0.20 -24.62 -3.29
N THR A 78 0.31 -25.74 -3.81
CA THR A 78 -0.14 -26.24 -5.09
C THR A 78 -0.92 -27.53 -4.87
N SER A 79 -1.64 -27.97 -5.90
CA SER A 79 -2.44 -29.19 -5.82
C SER A 79 -3.59 -29.05 -4.83
N ILE A 80 -4.22 -27.88 -4.83
CA ILE A 80 -5.35 -27.60 -3.96
C ILE A 80 -6.63 -27.94 -4.71
N HIS A 81 -7.50 -28.70 -4.05
CA HIS A 81 -8.75 -29.14 -4.66
C HIS A 81 -9.47 -28.01 -5.40
N GLU A 82 -10.20 -28.37 -6.45
CA GLU A 82 -10.93 -27.40 -7.26
C GLU A 82 -12.14 -26.80 -6.54
N GLU A 83 -12.72 -27.56 -5.60
CA GLU A 83 -13.88 -27.09 -4.86
C GLU A 83 -13.40 -26.45 -3.55
N ALA A 84 -12.10 -26.50 -3.32
CA ALA A 84 -11.48 -25.95 -2.12
C ALA A 84 -11.82 -24.48 -1.83
N GLN A 85 -12.34 -24.24 -0.62
CA GLN A 85 -12.70 -22.89 -0.20
C GLN A 85 -11.77 -22.40 0.89
N GLU A 86 -11.78 -21.08 1.12
CA GLU A 86 -10.94 -20.46 2.13
C GLU A 86 -11.02 -21.18 3.48
N ASP A 87 -12.17 -21.77 3.77
CA ASP A 87 -12.36 -22.48 5.04
C ASP A 87 -11.46 -23.71 5.15
N GLU A 88 -11.37 -24.48 4.08
CA GLU A 88 -10.53 -25.69 4.08
C GLU A 88 -9.06 -25.38 4.28
N ILE A 89 -8.53 -24.48 3.46
CA ILE A 89 -7.14 -24.09 3.55
C ILE A 89 -6.87 -23.42 4.89
N GLN A 90 -7.83 -22.59 5.31
CA GLN A 90 -7.75 -21.87 6.57
C GLN A 90 -7.89 -22.81 7.77
N GLU A 91 -8.21 -24.07 7.49
CA GLU A 91 -8.39 -25.07 8.55
C GLU A 91 -7.09 -25.75 8.96
N LYS A 92 -6.26 -26.12 7.98
CA LYS A 92 -5.01 -26.81 8.28
C LYS A 92 -3.78 -25.92 8.33
N PHE A 93 -3.97 -24.63 8.08
CA PHE A 93 -2.84 -23.70 8.11
C PHE A 93 -2.83 -22.70 9.26
N CYS A 94 -3.82 -22.78 10.15
CA CYS A 94 -3.87 -21.88 11.29
C CYS A 94 -3.27 -22.57 12.51
N ASP A 95 -3.14 -23.88 12.42
CA ASP A 95 -2.59 -24.69 13.51
C ASP A 95 -1.10 -24.46 13.77
N TYR A 96 -0.40 -23.88 12.79
CA TYR A 96 1.03 -23.63 12.95
C TYR A 96 1.42 -22.18 13.20
N GLY A 97 0.43 -21.32 13.39
CA GLY A 97 0.71 -19.91 13.64
C GLY A 97 -0.39 -18.97 13.19
N GLU A 98 -0.25 -17.69 13.55
CA GLU A 98 -1.23 -16.68 13.18
C GLU A 98 -0.91 -16.18 11.78
N ILE A 99 -1.51 -16.79 10.77
CA ILE A 99 -1.28 -16.40 9.39
C ILE A 99 -1.58 -14.92 9.15
N LYS A 100 -0.55 -14.16 8.83
CA LYS A 100 -0.70 -12.72 8.57
C LYS A 100 -1.81 -12.52 7.55
N ASN A 101 -1.76 -13.29 6.48
CA ASN A 101 -2.75 -13.22 5.41
C ASN A 101 -2.89 -14.56 4.69
N ILE A 102 -3.94 -14.67 3.88
CA ILE A 102 -4.21 -15.88 3.12
C ILE A 102 -4.72 -15.47 1.75
N HIS A 103 -4.57 -16.34 0.76
CA HIS A 103 -5.02 -16.04 -0.59
C HIS A 103 -5.34 -17.32 -1.35
N LEU A 104 -6.57 -17.41 -1.86
CA LEU A 104 -6.97 -18.59 -2.61
C LEU A 104 -7.51 -18.19 -3.98
N ASN A 105 -6.66 -18.28 -4.98
CA ASN A 105 -7.02 -17.93 -6.35
C ASN A 105 -7.61 -19.19 -7.02
N ASP A 107 -10.81 -17.48 -8.88
CA ASP A 107 -11.59 -18.44 -9.66
C ASP A 107 -11.59 -18.01 -11.12
N ARG A 108 -12.00 -18.92 -12.00
CA ARG A 108 -12.05 -18.61 -13.42
C ARG A 108 -13.06 -19.48 -14.16
N ARG A 109 -13.70 -18.89 -15.16
CA ARG A 109 -14.71 -19.58 -15.96
C ARG A 109 -15.69 -20.30 -15.05
N THR A 110 -16.07 -19.61 -13.97
CA THR A 110 -17.01 -20.13 -12.98
C THR A 110 -16.41 -21.29 -12.16
N GLY A 111 -15.12 -21.57 -12.36
CA GLY A 111 -14.49 -22.63 -11.57
C GLY A 111 -14.24 -22.06 -10.18
N PHE A 112 -14.74 -22.70 -9.13
CA PHE A 112 -14.55 -22.19 -7.77
C PHE A 112 -13.12 -21.94 -7.31
N SER A 113 -12.17 -22.73 -7.80
CA SER A 113 -10.78 -22.53 -7.40
C SER A 113 -9.80 -22.61 -8.56
N LYS A 114 -8.58 -22.14 -8.32
CA LYS A 114 -7.55 -22.18 -9.35
C LYS A 114 -6.45 -23.16 -8.96
N GLY A 115 -6.67 -23.86 -7.85
CA GLY A 115 -5.72 -24.86 -7.39
C GLY A 115 -4.51 -24.42 -6.58
N TYR A 116 -4.43 -23.14 -6.23
CA TYR A 116 -3.30 -22.67 -5.45
C TYR A 116 -3.67 -21.58 -4.48
N ALA A 117 -2.81 -21.39 -3.49
CA ALA A 117 -3.05 -20.38 -2.48
C ALA A 117 -1.75 -19.81 -1.92
N LEU A 118 -1.77 -18.53 -1.62
CA LEU A 118 -0.61 -17.87 -1.05
C LEU A 118 -0.86 -17.70 0.44
N VAL A 119 -0.41 -18.67 1.22
CA VAL A 119 -0.57 -18.60 2.66
C VAL A 119 0.62 -17.84 3.25
N GLU A 120 0.33 -16.81 4.05
CA GLU A 120 1.39 -16.01 4.65
C GLU A 120 1.43 -16.09 6.17
N TYR A 121 2.61 -16.35 6.71
CA TYR A 121 2.80 -16.43 8.17
C TYR A 121 3.70 -15.33 8.65
N GLU A 122 3.30 -14.66 9.73
CA GLU A 122 4.07 -13.57 10.32
C GLU A 122 5.51 -14.01 10.54
N THR A 123 5.69 -15.24 11.03
CA THR A 123 7.03 -15.76 11.28
C THR A 123 7.56 -16.53 10.08
N HIS A 124 8.66 -17.23 10.33
CA HIS A 124 9.32 -18.06 9.33
C HIS A 124 9.35 -19.45 9.96
N LYS A 125 9.33 -19.46 11.29
CA LYS A 125 9.35 -20.70 12.05
C LYS A 125 8.09 -21.48 11.74
N GLN A 126 6.98 -20.76 11.67
CA GLN A 126 5.69 -21.35 11.38
C GLN A 126 5.60 -21.72 9.91
N ALA A 127 6.07 -20.82 9.06
CA ALA A 127 6.07 -21.03 7.62
C ALA A 127 6.77 -22.33 7.26
N LEU A 128 7.93 -22.56 7.86
CA LEU A 128 8.68 -23.79 7.61
C LEU A 128 8.01 -24.98 8.26
N ALA A 129 7.61 -24.81 9.52
CA ALA A 129 6.95 -25.88 10.26
C ALA A 129 5.79 -26.39 9.43
N ALA A 130 5.06 -25.45 8.83
CA ALA A 130 3.92 -25.78 7.99
C ALA A 130 4.40 -26.41 6.69
N LYS A 131 5.35 -25.76 6.05
CA LYS A 131 5.90 -26.24 4.79
C LYS A 131 6.31 -27.70 4.84
N GLU A 132 6.87 -28.12 5.98
CA GLU A 132 7.30 -29.50 6.17
C GLU A 132 6.18 -30.42 6.61
N ALA A 133 5.38 -29.94 7.57
CA ALA A 133 4.28 -30.72 8.11
C ALA A 133 3.04 -30.79 7.22
N LEU A 134 2.84 -29.79 6.36
CA LEU A 134 1.68 -29.78 5.47
C LEU A 134 1.99 -30.17 4.02
N ASN A 135 3.21 -30.65 3.78
CA ASN A 135 3.61 -31.02 2.44
C ASN A 135 2.83 -32.17 1.81
N GLY A 136 2.45 -33.16 2.62
CA GLY A 136 1.71 -34.28 2.10
C GLY A 136 0.21 -34.20 2.38
N ALA A 137 -0.22 -33.11 3.00
CA ALA A 137 -1.63 -32.92 3.35
C ALA A 137 -2.57 -33.42 2.26
N GLU A 138 -3.70 -33.98 2.68
CA GLU A 138 -4.68 -34.51 1.75
C GLU A 138 -6.06 -33.95 2.10
N ILE A 139 -6.31 -32.70 1.69
CA ILE A 139 -7.58 -32.07 1.96
C ILE A 139 -8.51 -32.16 0.75
N MET A 140 -9.81 -32.25 1.02
CA MET A 140 -10.82 -32.33 -0.03
C MET A 140 -10.45 -33.35 -1.10
N GLY A 141 -9.89 -34.47 -0.66
CA GLY A 141 -9.53 -35.53 -1.59
C GLY A 141 -8.12 -35.50 -2.16
N GLN A 142 -7.67 -34.34 -2.62
CA GLN A 142 -6.34 -34.23 -3.19
C GLN A 142 -5.26 -33.90 -2.18
N THR A 143 -4.05 -34.35 -2.51
CA THR A 143 -2.87 -34.10 -1.69
C THR A 143 -2.35 -32.72 -2.11
N ILE A 144 -1.66 -32.02 -1.23
CA ILE A 144 -1.16 -30.71 -1.61
C ILE A 144 0.36 -30.66 -1.69
N GLN A 145 0.87 -29.54 -2.17
CA GLN A 145 2.31 -29.34 -2.30
C GLN A 145 2.58 -27.95 -1.75
N VAL A 146 3.26 -27.90 -0.60
CA VAL A 146 3.60 -26.63 0.04
C VAL A 146 5.05 -26.27 -0.22
N ASP A 147 5.25 -25.08 -0.81
CA ASP A 147 6.59 -24.57 -1.14
C ASP A 147 6.76 -23.12 -0.71
N TRP A 148 8.00 -22.67 -0.62
CA TRP A 148 8.28 -21.28 -0.27
C TRP A 148 7.84 -20.53 -1.51
N CYS A 149 7.07 -19.46 -1.33
CA CYS A 149 6.59 -18.73 -2.50
C CYS A 149 7.66 -17.91 -3.22
N PHE A 150 8.39 -17.07 -2.48
CA PHE A 150 9.42 -16.23 -3.08
C PHE A 150 10.84 -16.58 -2.68
N VAL A 151 11.69 -16.80 -3.67
CA VAL A 151 13.09 -17.14 -3.44
C VAL A 151 13.90 -15.84 -3.58
N LYS A 152 15.20 -15.90 -3.30
CA LYS A 152 16.03 -14.70 -3.39
C LYS A 152 17.17 -14.72 -4.42
N GLY A 153 16.87 -15.11 -5.66
CA GLY A 153 17.90 -15.12 -6.66
C GLY A 153 17.89 -16.35 -7.57
N PRO A 154 18.61 -16.29 -8.69
CA PRO A 154 18.70 -17.38 -9.66
C PRO A 154 20.03 -18.13 -9.56
N THR B 3 13.65 -30.29 -19.85
CA THR B 3 13.86 -29.14 -20.78
C THR B 3 13.56 -27.84 -20.05
N GLU B 4 14.39 -26.84 -20.24
CA GLU B 4 14.21 -25.59 -19.52
C GLU B 4 13.58 -24.43 -20.26
N ASP B 5 12.97 -24.64 -21.42
CA ASP B 5 12.41 -23.48 -22.10
C ASP B 5 11.03 -23.05 -21.68
N PHE B 6 10.98 -22.27 -20.60
CA PHE B 6 9.72 -21.69 -20.13
C PHE B 6 9.97 -20.20 -20.09
N TYR B 7 8.99 -19.44 -20.58
CA TYR B 7 9.12 -18.00 -20.63
C TYR B 7 7.75 -17.38 -20.85
N LEU B 8 7.35 -16.45 -19.99
CA LEU B 8 6.06 -15.81 -20.13
C LEU B 8 6.20 -14.30 -20.03
N ARG B 9 5.36 -13.59 -20.78
CA ARG B 9 5.38 -12.15 -20.80
C ARG B 9 4.03 -11.64 -21.24
N TYR B 10 3.69 -10.43 -20.81
CA TYR B 10 2.42 -9.85 -21.16
C TYR B 10 2.52 -8.33 -21.21
N TYR B 11 1.67 -7.71 -22.01
CA TYR B 11 1.65 -6.26 -22.13
C TYR B 11 0.33 -5.78 -22.72
N VAL B 12 -0.21 -4.73 -22.11
CA VAL B 12 -1.47 -4.16 -22.56
C VAL B 12 -1.57 -2.69 -22.20
N GLY B 13 -1.41 -1.84 -23.20
CA GLY B 13 -1.49 -0.41 -22.96
C GLY B 13 -1.83 0.40 -24.20
N HIS B 14 -2.23 1.63 -23.97
CA HIS B 14 -2.60 2.55 -25.03
C HIS B 14 -1.74 3.80 -24.97
N LYS B 15 -1.09 4.12 -26.10
CA LYS B 15 -0.24 5.30 -26.16
C LYS B 15 -1.01 6.48 -26.73
N GLY B 16 -1.87 7.07 -25.91
CA GLY B 16 -2.65 8.21 -26.36
C GLY B 16 -1.87 9.50 -26.23
N LYS B 17 -2.54 10.63 -26.43
CA LYS B 17 -1.89 11.92 -26.32
C LYS B 17 -1.65 12.25 -24.85
N PHE B 18 -2.42 11.62 -23.97
CA PHE B 18 -2.31 11.84 -22.53
C PHE B 18 -1.26 10.96 -21.86
N GLY B 19 -0.48 10.25 -22.65
CA GLY B 19 0.54 9.40 -22.06
C GLY B 19 0.32 7.93 -22.35
N HIS B 20 1.25 7.11 -21.86
CA HIS B 20 1.22 5.66 -22.09
C HIS B 20 0.78 4.85 -20.87
N GLU B 21 -0.51 4.67 -20.73
CA GLU B 21 -1.06 3.89 -19.62
C GLU B 21 -0.74 2.44 -19.94
N PHE B 22 -0.54 1.60 -18.93
CA PHE B 22 -0.23 0.21 -19.20
C PHE B 22 -0.05 -0.72 -18.01
N LEU B 23 -0.01 -2.02 -18.31
CA LEU B 23 0.19 -3.10 -17.36
C LEU B 23 0.98 -4.17 -18.11
N GLU B 24 2.24 -4.35 -17.75
CA GLU B 24 3.10 -5.33 -18.42
C GLU B 24 4.02 -6.06 -17.47
N PHE B 25 3.81 -7.35 -17.27
CA PHE B 25 4.66 -8.13 -16.38
C PHE B 25 5.34 -9.27 -17.17
N GLU B 26 6.41 -9.83 -16.61
CA GLU B 26 7.13 -10.91 -17.30
C GLU B 26 7.81 -11.92 -16.37
N PHE B 27 7.70 -13.19 -16.73
CA PHE B 27 8.31 -14.28 -15.97
C PHE B 27 9.55 -14.79 -16.68
N ARG B 28 10.72 -14.49 -16.12
CA ARG B 28 11.98 -14.94 -16.71
C ARG B 28 12.32 -16.40 -16.38
N PRO B 29 13.11 -17.05 -17.26
CA PRO B 29 13.52 -18.45 -17.11
C PRO B 29 14.10 -18.76 -15.74
N ASP B 30 14.87 -17.83 -15.19
CA ASP B 30 15.48 -18.06 -13.89
C ASP B 30 14.49 -17.88 -12.74
N GLY B 31 13.23 -17.64 -13.07
CA GLY B 31 12.22 -17.46 -12.04
C GLY B 31 12.16 -16.05 -11.53
N LYS B 32 12.59 -15.10 -12.35
CA LYS B 32 12.59 -13.69 -12.00
C LYS B 32 11.30 -13.10 -12.55
N LEU B 33 10.51 -12.50 -11.66
CA LEU B 33 9.23 -11.92 -12.02
C LEU B 33 9.19 -10.40 -12.03
N ARG B 34 9.59 -9.76 -13.13
CA ARG B 34 9.53 -8.32 -13.16
C ARG B 34 8.09 -7.92 -13.52
N TYR B 35 7.59 -6.88 -12.87
CA TYR B 35 6.24 -6.38 -13.09
C TYR B 35 6.27 -4.85 -13.10
N ALA B 36 5.61 -4.26 -14.08
CA ALA B 36 5.56 -2.80 -14.21
C ALA B 36 4.15 -2.40 -14.61
N ASN B 37 3.71 -1.24 -14.15
CA ASN B 37 2.37 -0.77 -14.48
C ASN B 37 2.20 0.70 -14.16
N ASN B 38 1.92 1.50 -15.18
CA ASN B 38 1.73 2.93 -15.01
C ASN B 38 0.26 3.29 -15.21
N SER B 39 -0.38 3.71 -14.12
CA SER B 39 -1.79 4.08 -14.18
C SER B 39 -2.00 5.58 -14.00
N ASN B 40 -3.04 6.08 -14.67
CA ASN B 40 -3.43 7.47 -14.62
C ASN B 40 -4.88 7.45 -14.16
N TYR B 41 -5.09 7.46 -12.85
CA TYR B 41 -6.43 7.43 -12.29
C TYR B 41 -7.28 8.59 -12.78
N THR B 45 2.55 8.07 -12.00
CA THR B 45 2.97 6.97 -11.13
C THR B 45 3.37 5.75 -11.94
N MET B 46 4.58 5.25 -11.68
CA MET B 46 5.08 4.07 -12.36
C MET B 46 5.63 3.12 -11.30
N ILE B 47 4.90 2.03 -11.07
CA ILE B 47 5.29 1.05 -10.06
C ILE B 47 6.15 -0.11 -10.57
N ARG B 48 7.45 0.00 -10.34
CA ARG B 48 8.40 -1.04 -10.74
C ARG B 48 8.38 -2.10 -9.65
N LYS B 49 8.57 -3.36 -10.02
CA LYS B 49 8.60 -4.45 -9.06
C LYS B 49 9.33 -5.62 -9.70
N GLU B 50 10.07 -6.38 -8.89
CA GLU B 50 10.81 -7.53 -9.39
C GLU B 50 11.01 -8.50 -8.25
N ALA B 51 11.07 -9.79 -8.56
CA ALA B 51 11.24 -10.78 -7.53
C ALA B 51 11.39 -12.17 -8.13
N PHE B 52 12.10 -13.04 -7.43
CA PHE B 52 12.29 -14.40 -7.89
C PHE B 52 11.27 -15.32 -7.26
N VAL B 53 10.30 -15.75 -8.06
CA VAL B 53 9.26 -16.63 -7.58
C VAL B 53 9.87 -18.02 -7.47
N HIS B 54 9.33 -18.85 -6.58
CA HIS B 54 9.86 -20.19 -6.39
C HIS B 54 9.51 -21.14 -7.54
N GLN B 55 10.34 -22.16 -7.71
CA GLN B 55 10.15 -23.15 -8.76
C GLN B 55 8.66 -23.44 -8.96
N SER B 56 7.98 -23.85 -7.88
CA SER B 56 6.56 -24.16 -7.95
C SER B 56 5.68 -23.13 -8.64
N VAL B 57 5.97 -21.84 -8.44
CA VAL B 57 5.16 -20.82 -9.08
C VAL B 57 5.30 -20.92 -10.59
N MET B 58 6.51 -21.23 -11.04
CA MET B 58 6.76 -21.38 -12.48
C MET B 58 5.93 -22.54 -12.98
N GLU B 59 5.84 -23.58 -12.16
CA GLU B 59 5.07 -24.79 -12.49
C GLU B 59 3.59 -24.47 -12.67
N GLU B 60 3.03 -23.69 -11.76
CA GLU B 60 1.63 -23.31 -11.82
C GLU B 60 1.34 -22.46 -13.06
N LEU B 61 2.21 -21.49 -13.32
CA LEU B 61 2.03 -20.63 -14.50
C LEU B 61 1.91 -21.54 -15.70
N LYS B 62 2.78 -22.56 -15.73
CA LYS B 62 2.80 -23.53 -16.82
C LYS B 62 1.51 -24.35 -16.87
N ARG B 63 1.14 -24.96 -15.74
CA ARG B 63 -0.07 -25.78 -15.68
C ARG B 63 -1.28 -25.03 -16.23
N ILE B 64 -1.49 -23.82 -15.71
CA ILE B 64 -2.60 -23.01 -16.16
C ILE B 64 -2.56 -22.85 -17.67
N ILE B 65 -1.37 -22.65 -18.22
CA ILE B 65 -1.19 -22.47 -19.65
C ILE B 65 -1.52 -23.73 -20.45
N ILE B 66 -1.04 -24.87 -19.97
CA ILE B 66 -1.24 -26.13 -20.66
C ILE B 66 -2.71 -26.59 -20.66
N ASP B 67 -3.46 -26.24 -19.63
CA ASP B 67 -4.86 -26.62 -19.54
C ASP B 67 -5.75 -25.70 -20.37
N SER B 68 -5.30 -24.47 -20.58
CA SER B 68 -6.06 -23.51 -21.35
C SER B 68 -5.80 -23.70 -22.84
N GLU B 69 -4.89 -24.60 -23.17
CA GLU B 69 -4.54 -24.88 -24.57
C GLU B 69 -4.37 -23.60 -25.37
N ILE B 70 -3.87 -22.55 -24.71
CA ILE B 70 -3.66 -21.26 -25.35
C ILE B 70 -2.37 -21.27 -26.17
N MET B 71 -1.80 -22.45 -26.35
CA MET B 71 -0.56 -22.61 -27.11
C MET B 71 -0.86 -23.09 -28.52
N GLN B 72 -2.10 -23.49 -28.75
CA GLN B 72 -2.52 -23.99 -30.05
C GLN B 72 -3.03 -22.81 -30.88
N GLU B 73 -3.81 -21.96 -30.23
CA GLU B 73 -4.39 -20.78 -30.87
C GLU B 73 -3.37 -19.90 -31.58
N ASP B 74 -3.86 -19.02 -32.45
CA ASP B 74 -3.03 -18.09 -33.21
C ASP B 74 -3.80 -16.78 -33.39
N ASP B 75 -3.08 -15.67 -33.46
CA ASP B 75 -3.73 -14.36 -33.62
C ASP B 75 -3.97 -14.00 -35.08
N LEU B 76 -3.71 -14.94 -35.97
CA LEU B 76 -3.88 -14.73 -37.41
C LEU B 76 -5.21 -14.10 -37.78
N PRO B 77 -6.32 -14.67 -37.32
CA PRO B 77 -7.61 -14.08 -37.66
C PRO B 77 -8.01 -12.97 -36.70
N TRP B 78 -7.38 -12.98 -35.53
CA TRP B 78 -7.64 -12.02 -34.45
C TRP B 78 -7.51 -10.55 -34.78
N PRO B 79 -8.18 -9.70 -33.99
CA PRO B 79 -8.18 -8.24 -34.12
C PRO B 79 -6.83 -7.68 -33.71
N PRO B 80 -6.12 -7.05 -34.66
CA PRO B 80 -4.81 -6.48 -34.32
C PRO B 80 -4.98 -5.30 -33.38
N PRO B 81 -3.87 -4.72 -32.91
CA PRO B 81 -3.99 -3.57 -32.01
C PRO B 81 -4.63 -2.41 -32.75
N ASP B 82 -5.45 -1.65 -32.02
CA ASP B 82 -6.13 -0.50 -32.58
C ASP B 82 -5.87 0.78 -31.76
N ARG B 83 -6.29 1.92 -32.29
CA ARG B 83 -6.10 3.21 -31.63
C ARG B 83 -6.31 3.14 -30.12
N VAL B 84 -7.29 2.35 -29.69
CA VAL B 84 -7.60 2.23 -28.26
C VAL B 84 -6.60 1.41 -27.44
N GLY B 85 -6.16 0.27 -27.97
CA GLY B 85 -5.22 -0.53 -27.21
C GLY B 85 -4.33 -1.50 -27.97
N ARG B 86 -3.52 -2.23 -27.22
CA ARG B 86 -2.59 -3.21 -27.78
C ARG B 86 -2.19 -4.23 -26.72
N GLN B 87 -2.59 -5.48 -26.92
CA GLN B 87 -2.28 -6.56 -26.00
C GLN B 87 -1.22 -7.48 -26.58
N GLU B 88 -0.30 -7.91 -25.73
CA GLU B 88 0.77 -8.80 -26.17
C GLU B 88 0.93 -9.98 -25.22
N LEU B 89 1.19 -11.15 -25.80
CA LEU B 89 1.38 -12.38 -25.02
C LEU B 89 2.47 -13.22 -25.69
N GLU B 90 3.50 -13.54 -24.92
CA GLU B 90 4.59 -14.34 -25.45
C GLU B 90 4.88 -15.49 -24.49
N ILE B 91 4.55 -16.69 -24.91
CA ILE B 91 4.80 -17.86 -24.10
C ILE B 91 5.73 -18.80 -24.85
N VAL B 92 6.55 -19.53 -24.09
CA VAL B 92 7.48 -20.49 -24.66
C VAL B 92 7.56 -21.60 -23.62
N ILE B 93 7.38 -22.84 -24.06
CA ILE B 93 7.46 -23.96 -23.14
C ILE B 93 8.13 -25.10 -23.88
N GLY B 94 9.38 -25.39 -23.51
CA GLY B 94 10.11 -26.45 -24.16
C GLY B 94 10.58 -25.99 -25.52
N ASP B 95 10.09 -26.65 -26.57
CA ASP B 95 10.50 -26.28 -27.93
C ASP B 95 9.39 -25.61 -28.73
N GLU B 96 8.49 -24.94 -28.04
CA GLU B 96 7.38 -24.25 -28.69
C GLU B 96 7.24 -22.82 -28.17
N HIS B 97 7.43 -21.86 -29.06
CA HIS B 97 7.34 -20.45 -28.70
C HIS B 97 6.21 -19.75 -29.44
N ILE B 98 5.46 -18.93 -28.71
CA ILE B 98 4.34 -18.17 -29.29
C ILE B 98 4.40 -16.72 -28.85
N SER B 99 3.71 -15.86 -29.59
CA SER B 99 3.63 -14.43 -29.28
C SER B 99 2.44 -13.87 -30.04
N PHE B 100 1.53 -13.22 -29.32
CA PHE B 100 0.33 -12.69 -29.96
C PHE B 100 0.21 -11.16 -29.97
N THR B 101 -0.66 -10.67 -30.84
CA THR B 101 -0.89 -9.24 -30.99
C THR B 101 -2.39 -8.97 -31.18
N THR B 102 -2.96 -8.16 -30.31
CA THR B 102 -4.39 -7.84 -30.39
C THR B 102 -4.60 -6.50 -29.72
N SER B 103 -5.84 -6.03 -29.73
CA SER B 103 -6.19 -4.77 -29.09
C SER B 103 -7.03 -5.12 -27.87
N LYS B 104 -7.10 -4.23 -26.89
CA LYS B 104 -7.88 -4.48 -25.68
C LYS B 104 -9.36 -4.55 -26.06
N THR B 105 -10.19 -4.99 -25.11
CA THR B 105 -11.63 -5.09 -25.35
C THR B 105 -12.43 -4.73 -24.09
N LEU B 108 -19.18 -8.10 -25.25
CA LEU B 108 -19.47 -9.49 -25.61
C LEU B 108 -19.57 -9.63 -27.10
N VAL B 109 -19.91 -8.53 -27.76
CA VAL B 109 -20.08 -8.57 -29.20
C VAL B 109 -18.82 -8.41 -30.04
N ASP B 110 -17.90 -7.58 -29.54
CA ASP B 110 -16.63 -7.34 -30.20
C ASP B 110 -15.85 -8.60 -30.40
N VAL B 111 -15.89 -9.50 -29.41
CA VAL B 111 -15.16 -10.75 -29.52
C VAL B 111 -15.89 -11.69 -30.49
N ASN B 112 -17.22 -11.66 -30.47
CA ASN B 112 -18.01 -12.51 -31.36
C ASN B 112 -17.75 -12.13 -32.83
N ARG B 113 -17.75 -10.83 -33.11
CA ARG B 113 -17.54 -10.32 -34.47
C ARG B 113 -16.14 -10.58 -35.03
N SER B 114 -15.23 -11.02 -34.16
CA SER B 114 -13.87 -11.36 -34.56
C SER B 114 -13.94 -12.69 -35.30
N LYS B 115 -12.96 -12.94 -36.16
CA LYS B 115 -12.91 -14.20 -36.91
C LYS B 115 -13.24 -15.40 -36.00
N ASP B 116 -12.39 -15.62 -34.99
CA ASP B 116 -12.55 -16.70 -34.02
C ASP B 116 -12.84 -16.12 -32.63
N PRO B 117 -14.13 -16.06 -32.22
CA PRO B 117 -14.46 -15.52 -30.91
C PRO B 117 -13.96 -16.53 -29.87
N GLU B 118 -13.93 -17.80 -30.28
CA GLU B 118 -13.46 -18.87 -29.41
C GLU B 118 -11.94 -18.72 -29.23
N GLY B 119 -11.29 -18.14 -30.22
CA GLY B 119 -9.86 -17.93 -30.11
C GLY B 119 -9.59 -16.86 -29.08
N LEU B 120 -10.27 -15.73 -29.24
CA LEU B 120 -10.14 -14.59 -28.35
C LEU B 120 -10.64 -14.93 -26.94
N ARG B 121 -11.70 -15.71 -26.85
CA ARG B 121 -12.25 -16.07 -25.54
C ARG B 121 -11.26 -16.84 -24.68
N CYS B 122 -10.48 -17.71 -25.32
CA CYS B 122 -9.48 -18.49 -24.60
C CYS B 122 -8.33 -17.58 -24.19
N PHE B 123 -7.91 -16.74 -25.12
CA PHE B 123 -6.82 -15.80 -24.88
C PHE B 123 -7.18 -14.87 -23.73
N TYR B 124 -8.27 -14.13 -23.89
CA TYR B 124 -8.68 -13.20 -22.85
C TYR B 124 -9.05 -13.95 -21.57
N TYR B 125 -9.18 -15.27 -21.66
CA TYR B 125 -9.51 -16.01 -20.45
C TYR B 125 -8.26 -16.41 -19.69
N LEU B 126 -7.18 -16.70 -20.40
CA LEU B 126 -5.92 -17.08 -19.76
C LEU B 126 -5.32 -15.85 -19.11
N VAL B 127 -5.39 -14.75 -19.84
CA VAL B 127 -4.85 -13.50 -19.35
C VAL B 127 -5.40 -13.24 -17.96
N GLN B 128 -6.69 -13.45 -17.76
CA GLN B 128 -7.28 -13.23 -16.46
C GLN B 128 -6.67 -14.18 -15.45
N ASP B 129 -6.44 -15.42 -15.88
CA ASP B 129 -5.85 -16.43 -15.01
C ASP B 129 -4.42 -16.07 -14.60
N LEU B 130 -3.72 -15.37 -15.48
CA LEU B 130 -2.34 -14.95 -15.24
C LEU B 130 -2.35 -13.62 -14.48
N LYS B 131 -3.25 -12.74 -14.89
CA LYS B 131 -3.40 -11.43 -14.28
C LYS B 131 -3.62 -11.62 -12.78
N CYS B 132 -4.59 -12.46 -12.46
CA CYS B 132 -4.96 -12.76 -11.08
C CYS B 132 -3.79 -13.31 -10.27
N LEU B 133 -2.91 -14.06 -10.91
CA LEU B 133 -1.77 -14.66 -10.22
C LEU B 133 -0.66 -13.65 -9.94
N VAL B 134 -0.23 -12.97 -10.99
CA VAL B 134 0.82 -11.98 -10.85
C VAL B 134 0.40 -10.93 -9.84
N PHE B 135 -0.90 -10.72 -9.71
CA PHE B 135 -1.39 -9.73 -8.78
C PHE B 135 -1.34 -10.24 -7.35
N SER B 136 -1.71 -11.50 -7.12
CA SER B 136 -1.67 -12.05 -5.78
C SER B 136 -0.23 -12.10 -5.33
N LEU B 137 0.65 -12.45 -6.28
CA LEU B 137 2.07 -12.51 -6.00
C LEU B 137 2.56 -11.18 -5.44
N ILE B 138 2.43 -10.13 -6.26
CA ILE B 138 2.85 -8.78 -5.94
C ILE B 138 2.08 -8.21 -4.73
N GLY B 139 0.76 -8.35 -4.76
CA GLY B 139 -0.08 -7.84 -3.70
C GLY B 139 0.30 -8.27 -2.29
N LEU B 140 1.25 -9.20 -2.17
CA LEU B 140 1.66 -9.68 -0.85
C LEU B 140 3.11 -9.34 -0.59
N HIS B 141 3.90 -9.38 -1.64
CA HIS B 141 5.30 -9.07 -1.54
C HIS B 141 5.44 -7.57 -1.29
N PHE B 142 4.48 -6.78 -1.76
CA PHE B 142 4.57 -5.33 -1.61
C PHE B 142 3.34 -4.62 -1.09
N LYS B 143 2.31 -5.36 -0.76
CA LYS B 143 1.09 -4.79 -0.19
C LYS B 143 0.14 -3.93 -1.03
N ILE B 144 0.14 -4.10 -2.35
CA ILE B 144 -0.78 -3.30 -3.16
C ILE B 144 -0.84 -3.69 -4.62
N LYS B 145 -2.04 -3.71 -5.16
CA LYS B 145 -2.26 -4.01 -6.57
C LYS B 145 -2.47 -2.66 -7.24
N PRO B 146 -2.63 -2.64 -8.57
CA PRO B 146 -2.85 -1.40 -9.32
C PRO B 146 -4.31 -0.97 -9.31
N ILE B 147 -4.54 0.32 -9.42
CA ILE B 147 -5.90 0.85 -9.42
C ILE B 147 -5.99 1.86 -10.58
N PRO C 64 -16.29 20.81 4.19
CA PRO C 64 -17.31 21.89 4.22
C PRO C 64 -18.63 21.45 3.61
N GLY C 65 -19.57 22.39 3.49
CA GLY C 65 -20.87 22.08 2.95
C GLY C 65 -21.95 22.57 3.89
N PRO C 66 -22.60 23.70 3.58
CA PRO C 66 -23.66 24.28 4.41
C PRO C 66 -24.75 23.29 4.76
N GLN C 67 -25.47 23.57 5.83
CA GLN C 67 -26.55 22.71 6.27
C GLN C 67 -27.79 23.53 6.58
N ARG C 68 -28.92 23.10 6.02
CA ARG C 68 -30.19 23.78 6.24
C ARG C 68 -30.66 23.48 7.66
N SER C 69 -31.17 24.50 8.34
CA SER C 69 -31.67 24.31 9.69
C SER C 69 -33.18 24.34 9.64
N VAL C 70 -33.82 23.78 10.65
CA VAL C 70 -35.27 23.75 10.71
C VAL C 70 -35.88 25.08 10.28
N GLU C 71 -35.39 26.18 10.82
CA GLU C 71 -35.94 27.49 10.50
C GLU C 71 -35.42 28.05 9.17
N GLY C 72 -34.32 27.48 8.67
CA GLY C 72 -33.75 27.94 7.42
C GLY C 72 -32.23 27.84 7.39
N TRP C 73 -31.58 28.80 6.76
CA TRP C 73 -30.13 28.78 6.67
C TRP C 73 -29.52 29.77 7.64
N ILE C 74 -28.55 29.30 8.41
CA ILE C 74 -27.88 30.13 9.42
C ILE C 74 -26.41 30.47 9.13
N LEU C 75 -26.03 31.69 9.50
CA LEU C 75 -24.66 32.17 9.33
C LEU C 75 -24.11 32.49 10.71
N PHE C 76 -22.81 32.32 10.86
CA PHE C 76 -22.14 32.59 12.12
C PHE C 76 -21.26 33.80 11.93
N VAL C 77 -21.71 34.95 12.42
CA VAL C 77 -20.94 36.18 12.28
C VAL C 77 -19.93 36.31 13.40
N THR C 78 -18.67 36.40 13.03
CA THR C 78 -17.61 36.56 14.00
C THR C 78 -17.01 37.95 13.87
N SER C 79 -16.22 38.35 14.86
CA SER C 79 -15.58 39.65 14.87
C SER C 79 -16.61 40.78 14.97
N ILE C 80 -17.63 40.56 15.80
CA ILE C 80 -18.68 41.56 16.02
C ILE C 80 -18.29 42.41 17.21
N HIS C 81 -18.37 43.73 17.04
CA HIS C 81 -17.99 44.65 18.09
C HIS C 81 -18.54 44.27 19.46
N GLU C 82 -17.80 44.63 20.51
CA GLU C 82 -18.19 44.30 21.87
C GLU C 82 -19.40 45.11 22.37
N GLU C 83 -19.59 46.31 21.81
CA GLU C 83 -20.70 47.15 22.21
C GLU C 83 -21.87 46.92 21.25
N ALA C 84 -21.63 46.08 20.25
CA ALA C 84 -22.63 45.76 19.24
C ALA C 84 -23.98 45.27 19.79
N GLN C 85 -25.05 45.95 19.38
CA GLN C 85 -26.40 45.59 19.82
C GLN C 85 -27.22 45.03 18.66
N GLU C 86 -28.31 44.36 18.99
CA GLU C 86 -29.19 43.76 18.00
C GLU C 86 -29.53 44.73 16.86
N ASP C 87 -29.58 46.02 17.18
CA ASP C 87 -29.91 47.03 16.17
C ASP C 87 -28.85 47.12 15.07
N GLU C 88 -27.58 47.10 15.46
CA GLU C 88 -26.49 47.19 14.50
C GLU C 88 -26.45 46.01 13.54
N ILE C 89 -26.46 44.80 14.10
CA ILE C 89 -26.44 43.59 13.29
C ILE C 89 -27.71 43.51 12.46
N GLN C 90 -28.82 43.89 13.08
CA GLN C 90 -30.13 43.88 12.42
C GLN C 90 -30.23 44.96 11.36
N GLU C 91 -29.22 45.82 11.29
CA GLU C 91 -29.20 46.90 10.32
C GLU C 91 -28.62 46.50 8.96
N LYS C 92 -27.53 45.75 8.97
CA LYS C 92 -26.87 45.34 7.72
C LYS C 92 -27.25 43.95 7.24
N PHE C 93 -28.08 43.25 8.00
CA PHE C 93 -28.48 41.90 7.61
C PHE C 93 -29.94 41.75 7.17
N CYS C 94 -30.69 42.84 7.16
CA CYS C 94 -32.09 42.78 6.75
C CYS C 94 -32.20 43.19 5.28
N ASP C 95 -31.14 43.82 4.77
CA ASP C 95 -31.10 44.28 3.40
C ASP C 95 -31.04 43.15 2.36
N TYR C 96 -30.67 41.95 2.79
CA TYR C 96 -30.57 40.81 1.88
C TYR C 96 -31.71 39.80 1.99
N GLY C 97 -32.70 40.09 2.80
CA GLY C 97 -33.82 39.17 2.96
C GLY C 97 -34.52 39.26 4.31
N GLU C 98 -35.63 38.55 4.44
CA GLU C 98 -36.39 38.55 5.68
C GLU C 98 -35.80 37.50 6.62
N ILE C 99 -34.87 37.93 7.47
CA ILE C 99 -34.22 37.02 8.41
C ILE C 99 -35.23 36.32 9.30
N LYS C 100 -35.32 35.00 9.15
CA LYS C 100 -36.25 34.19 9.95
C LYS C 100 -36.05 34.51 11.43
N ASN C 101 -34.78 34.52 11.84
CA ASN C 101 -34.42 34.82 13.22
C ASN C 101 -33.03 35.42 13.32
N ILE C 102 -32.71 35.96 14.49
CA ILE C 102 -31.42 36.57 14.74
C ILE C 102 -30.99 36.20 16.16
N HIS C 103 -29.69 36.23 16.41
CA HIS C 103 -29.18 35.89 17.73
C HIS C 103 -27.85 36.57 17.99
N LEU C 104 -27.76 37.34 19.08
CA LEU C 104 -26.53 38.05 19.41
C LEU C 104 -26.11 37.72 20.84
N ASN C 105 -25.19 36.77 20.96
CA ASN C 105 -24.68 36.33 22.24
C ASN C 105 -23.48 37.23 22.61
N ASP C 107 -24.40 37.91 26.53
CA ASP C 107 -23.40 38.74 27.21
C ASP C 107 -22.80 37.96 28.36
N ARG C 108 -21.68 38.45 28.89
CA ARG C 108 -21.03 37.79 30.01
C ARG C 108 -20.19 38.76 30.84
N ARG C 109 -20.16 38.51 32.14
CA ARG C 109 -19.41 39.35 33.08
C ARG C 109 -19.72 40.82 32.81
N THR C 110 -21.00 41.10 32.56
CA THR C 110 -21.48 42.45 32.28
C THR C 110 -21.00 42.98 30.92
N GLY C 111 -20.33 42.13 30.13
CA GLY C 111 -19.89 42.58 28.81
C GLY C 111 -21.12 42.57 27.92
N PHE C 112 -21.44 43.69 27.28
CA PHE C 112 -22.63 43.75 26.43
C PHE C 112 -22.72 42.73 25.29
N SER C 113 -21.60 42.31 24.73
CA SER C 113 -21.63 41.33 23.64
C SER C 113 -20.59 40.24 23.80
N LYS C 114 -20.76 39.16 23.03
CA LYS C 114 -19.81 38.06 23.08
C LYS C 114 -19.06 37.96 21.76
N GLY C 115 -19.30 38.94 20.88
CA GLY C 115 -18.61 38.98 19.60
C GLY C 115 -19.13 38.14 18.45
N TYR C 116 -20.27 37.49 18.63
CA TYR C 116 -20.81 36.67 17.55
C TYR C 116 -22.32 36.67 17.51
N ALA C 117 -22.86 36.28 16.36
CA ALA C 117 -24.29 36.25 16.19
C ALA C 117 -24.72 35.18 15.19
N LEU C 118 -25.87 34.57 15.47
CA LEU C 118 -26.40 33.56 14.59
C LEU C 118 -27.52 34.18 13.79
N VAL C 119 -27.19 34.70 12.61
CA VAL C 119 -28.18 35.31 11.75
C VAL C 119 -28.82 34.22 10.88
N GLU C 120 -30.14 34.14 10.90
CA GLU C 120 -30.82 33.12 10.11
C GLU C 120 -31.73 33.69 9.01
N TYR C 121 -31.57 33.19 7.80
CA TYR C 121 -32.38 33.63 6.66
C TYR C 121 -33.26 32.49 6.16
N GLU C 122 -34.53 32.82 5.91
CA GLU C 122 -35.49 31.84 5.42
C GLU C 122 -34.93 31.12 4.21
N THR C 123 -34.31 31.87 3.31
CA THR C 123 -33.73 31.29 2.10
C THR C 123 -32.27 30.90 2.31
N HIS C 124 -31.63 30.59 1.19
CA HIS C 124 -30.22 30.23 1.15
C HIS C 124 -29.59 31.23 0.19
N LYS C 125 -30.43 31.75 -0.71
CA LYS C 125 -30.00 32.72 -1.70
C LYS C 125 -29.56 33.98 -0.98
N GLN C 126 -30.32 34.35 0.04
CA GLN C 126 -30.05 35.53 0.84
C GLN C 126 -28.87 35.25 1.77
N ALA C 127 -28.87 34.08 2.38
CA ALA C 127 -27.81 33.68 3.29
C ALA C 127 -26.45 33.80 2.62
N LEU C 128 -26.36 33.29 1.38
CA LEU C 128 -25.11 33.35 0.64
C LEU C 128 -24.83 34.77 0.19
N ALA C 129 -25.85 35.43 -0.37
CA ALA C 129 -25.70 36.80 -0.84
C ALA C 129 -25.10 37.63 0.28
N ALA C 130 -25.60 37.40 1.49
CA ALA C 130 -25.13 38.12 2.66
C ALA C 130 -23.73 37.66 3.02
N LYS C 131 -23.56 36.35 3.09
CA LYS C 131 -22.27 35.76 3.42
C LYS C 131 -21.12 36.32 2.60
N GLU C 132 -21.39 36.58 1.32
CA GLU C 132 -20.38 37.12 0.41
C GLU C 132 -20.29 38.64 0.48
N ALA C 133 -21.44 39.29 0.50
CA ALA C 133 -21.50 40.75 0.55
C ALA C 133 -21.20 41.37 1.91
N LEU C 134 -21.45 40.62 2.99
CA LEU C 134 -21.20 41.14 4.34
C LEU C 134 -19.92 40.61 4.99
N ASN C 135 -19.10 39.90 4.21
CA ASN C 135 -17.88 39.33 4.73
C ASN C 135 -16.84 40.33 5.24
N GLY C 136 -16.74 41.47 4.57
CA GLY C 136 -15.77 42.48 4.99
C GLY C 136 -16.40 43.62 5.76
N ALA C 137 -17.69 43.54 6.02
CA ALA C 137 -18.43 44.58 6.73
C ALA C 137 -17.61 45.16 7.88
N GLU C 138 -17.76 46.46 8.10
CA GLU C 138 -17.05 47.15 9.18
C GLU C 138 -18.03 47.95 10.01
N ILE C 139 -18.75 47.26 10.90
CA ILE C 139 -19.71 47.93 11.76
C ILE C 139 -19.13 48.22 13.13
N MET C 140 -19.58 49.32 13.74
CA MET C 140 -19.12 49.71 15.06
C MET C 140 -17.60 49.65 15.20
N GLY C 141 -16.91 50.03 14.13
CA GLY C 141 -15.45 50.04 14.15
C GLY C 141 -14.75 48.79 13.66
N GLN C 142 -15.20 47.63 14.11
CA GLN C 142 -14.56 46.38 13.70
C GLN C 142 -15.15 45.76 12.45
N THR C 143 -14.32 45.01 11.75
CA THR C 143 -14.72 44.32 10.53
C THR C 143 -15.32 43.00 10.99
N ILE C 144 -16.21 42.41 10.21
CA ILE C 144 -16.79 41.14 10.63
C ILE C 144 -16.39 39.98 9.74
N GLN C 145 -16.77 38.78 10.16
CA GLN C 145 -16.46 37.57 9.41
C GLN C 145 -17.75 36.78 9.36
N VAL C 146 -18.33 36.67 8.18
CA VAL C 146 -19.58 35.93 8.00
C VAL C 146 -19.31 34.56 7.39
N ASP C 147 -19.74 33.52 8.09
CA ASP C 147 -19.57 32.13 7.65
C ASP C 147 -20.85 31.32 7.79
N TRP C 148 -20.92 30.19 7.10
CA TRP C 148 -22.08 29.31 7.19
C TRP C 148 -21.97 28.75 8.59
N CYS C 149 -23.06 28.75 9.35
CA CYS C 149 -22.99 28.25 10.72
C CYS C 149 -22.84 26.74 10.83
N PHE C 150 -23.74 26.00 10.17
CA PHE C 150 -23.71 24.54 10.24
C PHE C 150 -23.33 23.85 8.93
N VAL C 151 -22.33 22.99 9.00
CA VAL C 151 -21.86 22.25 7.84
C VAL C 151 -22.51 20.86 7.89
N LYS C 152 -22.30 20.05 6.86
CA LYS C 152 -22.91 18.71 6.83
C LYS C 152 -21.95 17.52 6.81
N GLY C 153 -20.97 17.51 7.70
CA GLY C 153 -20.05 16.39 7.74
C GLY C 153 -18.59 16.76 7.92
N PRO C 154 -17.74 15.80 8.25
CA PRO C 154 -16.30 16.01 8.46
C PRO C 154 -15.48 15.50 7.27
N THR D 3 -1.76 23.39 13.91
CA THR D 3 -1.96 22.23 14.83
C THR D 3 -3.45 21.98 15.00
N GLU D 4 -3.84 20.72 14.96
CA GLU D 4 -5.25 20.40 15.04
C GLU D 4 -5.80 19.91 16.37
N ASP D 5 -5.07 20.06 17.47
CA ASP D 5 -5.63 19.54 18.71
C ASP D 5 -6.58 20.46 19.46
N PHE D 6 -7.85 20.45 19.04
CA PHE D 6 -8.89 21.21 19.72
C PHE D 6 -9.94 20.17 20.08
N TYR D 7 -10.44 20.27 21.31
CA TYR D 7 -11.44 19.34 21.79
C TYR D 7 -12.10 19.90 23.03
N LEU D 8 -13.43 19.96 23.03
CA LEU D 8 -14.14 20.49 24.18
C LEU D 8 -15.26 19.56 24.57
N ARG D 9 -15.53 19.49 25.87
CA ARG D 9 -16.58 18.63 26.40
C ARG D 9 -17.02 19.17 27.74
N TYR D 10 -18.26 18.86 28.10
CA TYR D 10 -18.80 19.33 29.36
C TYR D 10 -19.85 18.37 29.88
N TYR D 11 -20.02 18.35 31.19
CA TYR D 11 -21.01 17.48 31.82
C TYR D 11 -21.34 17.94 33.22
N VAL D 12 -22.63 17.97 33.53
CA VAL D 12 -23.09 18.39 34.84
C VAL D 12 -24.42 17.74 35.19
N GLY D 13 -24.37 16.78 36.10
CA GLY D 13 -25.59 16.10 36.50
C GLY D 13 -25.49 15.42 37.85
N HIS D 14 -26.64 15.09 38.41
CA HIS D 14 -26.73 14.44 39.70
C HIS D 14 -27.46 13.11 39.57
N LYS D 15 -26.82 12.04 40.04
CA LYS D 15 -27.41 10.72 39.98
C LYS D 15 -28.13 10.38 41.30
N GLY D 16 -29.30 10.98 41.50
CA GLY D 16 -30.06 10.73 42.70
C GLY D 16 -30.88 9.46 42.58
N LYS D 17 -31.74 9.23 43.56
CA LYS D 17 -32.60 8.06 43.55
C LYS D 17 -33.70 8.21 42.52
N PHE D 18 -33.99 9.47 42.17
CA PHE D 18 -35.03 9.80 41.20
C PHE D 18 -34.55 9.78 39.76
N GLY D 19 -33.31 9.33 39.54
CA GLY D 19 -32.81 9.29 38.18
C GLY D 19 -31.60 10.19 37.98
N HIS D 20 -31.06 10.16 36.76
CA HIS D 20 -29.88 10.94 36.40
C HIS D 20 -30.16 12.16 35.55
N GLU D 21 -30.46 13.28 36.21
CA GLU D 21 -30.72 14.53 35.52
C GLU D 21 -29.38 15.02 35.00
N PHE D 22 -29.36 15.72 33.88
CA PHE D 22 -28.08 16.21 33.36
C PHE D 22 -28.11 17.05 32.08
N LEU D 23 -26.96 17.65 31.80
CA LEU D 23 -26.71 18.48 30.62
C LEU D 23 -25.26 18.24 30.25
N GLU D 24 -25.02 17.55 29.14
CA GLU D 24 -23.66 17.25 28.70
C GLU D 24 -23.49 17.33 27.19
N PHE D 25 -22.72 18.31 26.74
CA PHE D 25 -22.48 18.46 25.30
C PHE D 25 -20.99 18.34 24.99
N GLU D 26 -20.63 18.07 23.74
CA GLU D 26 -19.23 17.93 23.35
C GLU D 26 -18.90 18.35 21.93
N PHE D 27 -17.77 19.03 21.78
CA PHE D 27 -17.30 19.49 20.47
C PHE D 27 -16.15 18.62 19.99
N ARG D 28 -16.42 17.80 18.97
CA ARG D 28 -15.40 16.92 18.41
C ARG D 28 -14.44 17.63 17.44
N PRO D 29 -13.21 17.11 17.31
CA PRO D 29 -12.18 17.67 16.43
C PRO D 29 -12.66 17.93 15.02
N ASP D 30 -13.48 17.03 14.50
CA ASP D 30 -13.98 17.20 13.14
C ASP D 30 -15.09 18.23 13.04
N GLY D 31 -15.38 18.91 14.15
CA GLY D 31 -16.43 19.91 14.15
C GLY D 31 -17.81 19.33 14.35
N LYS D 32 -17.87 18.16 14.99
CA LYS D 32 -19.13 17.49 15.27
C LYS D 32 -19.54 17.90 16.67
N LEU D 33 -20.75 18.44 16.78
CA LEU D 33 -21.27 18.91 18.05
C LEU D 33 -22.39 18.06 18.63
N ARG D 34 -22.06 17.01 19.36
CA ARG D 34 -23.11 16.21 19.95
C ARG D 34 -23.55 16.89 21.25
N TYR D 35 -24.86 16.89 21.49
CA TYR D 35 -25.43 17.52 22.69
C TYR D 35 -26.53 16.61 23.24
N ALA D 36 -26.52 16.39 24.54
CA ALA D 36 -27.52 15.54 25.19
C ALA D 36 -27.93 16.18 26.49
N ASN D 37 -29.18 16.01 26.88
CA ASN D 37 -29.67 16.60 28.13
C ASN D 37 -30.99 16.00 28.55
N ASN D 38 -31.00 15.37 29.72
CA ASN D 38 -32.20 14.74 30.25
C ASN D 38 -32.73 15.53 31.44
N SER D 39 -33.88 16.16 31.26
CA SER D 39 -34.49 16.95 32.33
C SER D 39 -35.76 16.31 32.88
N ASN D 40 -35.96 16.53 34.18
CA ASN D 40 -37.13 16.04 34.90
C ASN D 40 -37.76 17.28 35.49
N TYR D 41 -38.66 17.90 34.74
CA TYR D 41 -39.33 19.10 35.18
C TYR D 41 -40.09 18.88 36.48
N THR D 45 -37.65 12.28 29.54
CA THR D 45 -37.29 12.93 28.30
C THR D 45 -35.78 13.05 28.13
N MET D 46 -35.27 12.54 27.02
CA MET D 46 -33.84 12.61 26.73
C MET D 46 -33.66 13.14 25.32
N ILE D 47 -33.21 14.38 25.22
CA ILE D 47 -33.02 15.03 23.93
C ILE D 47 -31.63 14.89 23.31
N ARG D 48 -31.52 13.96 22.37
CA ARG D 48 -30.26 13.72 21.66
C ARG D 48 -30.19 14.74 20.54
N LYS D 49 -28.98 15.20 20.22
CA LYS D 49 -28.76 16.17 19.15
C LYS D 49 -27.32 16.06 18.70
N GLU D 50 -27.08 16.25 17.41
CA GLU D 50 -25.74 16.19 16.85
C GLU D 50 -25.70 17.03 15.59
N ALA D 51 -24.54 17.61 15.31
CA ALA D 51 -24.41 18.44 14.12
C ALA D 51 -22.98 18.92 13.93
N PHE D 52 -22.60 19.14 12.68
CA PHE D 52 -21.27 19.63 12.38
C PHE D 52 -21.26 21.13 12.27
N VAL D 53 -20.69 21.79 13.27
CA VAL D 53 -20.62 23.24 13.27
C VAL D 53 -19.51 23.64 12.31
N HIS D 54 -19.61 24.83 11.73
CA HIS D 54 -18.61 25.28 10.78
C HIS D 54 -17.28 25.66 11.44
N GLN D 55 -16.21 25.59 10.66
CA GLN D 55 -14.88 25.92 11.13
C GLN D 55 -14.93 27.09 12.11
N SER D 56 -15.48 28.20 11.66
CA SER D 56 -15.57 29.41 12.48
C SER D 56 -16.14 29.20 13.88
N VAL D 57 -17.12 28.32 14.03
CA VAL D 57 -17.68 28.08 15.36
C VAL D 57 -16.61 27.49 16.26
N MET D 58 -15.79 26.62 15.70
CA MET D 58 -14.71 25.99 16.46
C MET D 58 -13.76 27.09 16.91
N GLU D 59 -13.53 28.06 16.02
CA GLU D 59 -12.64 29.19 16.30
C GLU D 59 -13.15 30.03 17.48
N GLU D 60 -14.45 30.31 17.48
CA GLU D 60 -15.05 31.10 18.56
C GLU D 60 -14.96 30.36 19.90
N LEU D 61 -15.28 29.07 19.89
CA LEU D 61 -15.22 28.27 21.11
C LEU D 61 -13.81 28.45 21.67
N LYS D 62 -12.83 28.39 20.78
CA LYS D 62 -11.43 28.54 21.16
C LYS D 62 -11.14 29.93 21.70
N ARG D 63 -11.49 30.96 20.94
CA ARG D 63 -11.25 32.35 21.37
C ARG D 63 -11.77 32.59 22.78
N ILE D 64 -13.03 32.24 23.01
CA ILE D 64 -13.63 32.42 24.31
C ILE D 64 -12.78 31.74 25.38
N ILE D 65 -12.27 30.56 25.06
CA ILE D 65 -11.45 29.79 26.00
C ILE D 65 -10.12 30.46 26.29
N ILE D 66 -9.46 30.95 25.24
CA ILE D 66 -8.17 31.58 25.39
C ILE D 66 -8.20 32.90 26.15
N ASP D 67 -9.30 33.63 26.03
CA ASP D 67 -9.44 34.91 26.73
C ASP D 67 -9.83 34.73 28.19
N SER D 68 -10.48 33.61 28.50
CA SER D 68 -10.89 33.33 29.86
C SER D 68 -9.75 32.69 30.65
N GLU D 69 -8.63 32.43 29.97
CA GLU D 69 -7.46 31.82 30.60
C GLU D 69 -7.86 30.66 31.51
N ILE D 70 -8.89 29.94 31.12
CA ILE D 70 -9.39 28.81 31.90
C ILE D 70 -8.53 27.57 31.64
N MET D 71 -7.41 27.77 30.97
CA MET D 71 -6.49 26.68 30.66
C MET D 71 -5.32 26.65 31.63
N GLN D 72 -5.21 27.71 32.43
CA GLN D 72 -4.14 27.82 33.40
C GLN D 72 -4.61 27.21 34.71
N GLU D 73 -5.84 27.53 35.07
CA GLU D 73 -6.44 27.04 36.31
C GLU D 73 -6.39 25.51 36.47
N ASP D 74 -6.60 25.06 37.70
CA ASP D 74 -6.60 23.63 38.03
C ASP D 74 -7.63 23.38 39.12
N ASP D 75 -8.23 22.19 39.12
CA ASP D 75 -9.24 21.85 40.11
C ASP D 75 -8.65 21.28 41.39
N LEU D 76 -7.32 21.30 41.49
CA LEU D 76 -6.62 20.78 42.66
C LEU D 76 -7.20 21.25 43.99
N PRO D 77 -7.36 22.57 44.17
CA PRO D 77 -7.92 23.05 45.44
C PRO D 77 -9.44 23.05 45.43
N TRP D 78 -10.00 23.02 44.23
CA TRP D 78 -11.44 23.05 44.01
C TRP D 78 -12.28 21.98 44.69
N PRO D 79 -13.58 22.28 44.87
CA PRO D 79 -14.57 21.39 45.50
C PRO D 79 -14.88 20.23 44.57
N PRO D 80 -14.56 19.00 44.99
CA PRO D 80 -14.84 17.84 44.15
C PRO D 80 -16.35 17.63 44.05
N PRO D 81 -16.77 16.66 43.23
CA PRO D 81 -18.21 16.42 43.12
C PRO D 81 -18.78 15.94 44.45
N ASP D 82 -20.00 16.37 44.74
CA ASP D 82 -20.67 16.00 45.98
C ASP D 82 -22.04 15.38 45.71
N ARG D 83 -22.65 14.83 46.77
CA ARG D 83 -23.96 14.19 46.67
C ARG D 83 -24.93 14.94 45.74
N VAL D 84 -24.88 16.27 45.77
CA VAL D 84 -25.76 17.08 44.95
C VAL D 84 -25.42 17.13 43.46
N GLY D 85 -24.14 17.27 43.12
CA GLY D 85 -23.79 17.32 41.72
C GLY D 85 -22.37 16.96 41.34
N ARG D 86 -22.09 17.06 40.03
CA ARG D 86 -20.79 16.74 39.47
C ARG D 86 -20.60 17.43 38.12
N GLN D 87 -19.66 18.37 38.06
CA GLN D 87 -19.38 19.11 36.83
C GLN D 87 -18.07 18.64 36.22
N GLU D 88 -18.04 18.52 34.91
CA GLU D 88 -16.84 18.10 34.21
C GLU D 88 -16.54 19.01 33.03
N LEU D 89 -15.25 19.28 32.83
CA LEU D 89 -14.78 20.12 31.73
C LEU D 89 -13.48 19.58 31.20
N GLU D 90 -13.45 19.29 29.90
CA GLU D 90 -12.25 18.76 29.27
C GLU D 90 -11.94 19.55 28.02
N ILE D 91 -10.87 20.35 28.08
CA ILE D 91 -10.46 21.13 26.93
C ILE D 91 -9.07 20.72 26.52
N VAL D 92 -8.80 20.83 25.22
CA VAL D 92 -7.49 20.49 24.66
C VAL D 92 -7.32 21.44 23.50
N ILE D 93 -6.19 22.13 23.46
CA ILE D 93 -5.92 23.05 22.38
C ILE D 93 -4.44 22.95 22.04
N GLY D 94 -4.15 22.35 20.90
CA GLY D 94 -2.76 22.19 20.49
C GLY D 94 -2.12 21.08 21.30
N ASP D 95 -1.10 21.41 22.08
CA ASP D 95 -0.41 20.41 22.88
C ASP D 95 -0.69 20.54 24.38
N GLU D 96 -1.85 21.07 24.72
CA GLU D 96 -2.23 21.24 26.12
C GLU D 96 -3.64 20.71 26.37
N HIS D 97 -3.74 19.69 27.22
CA HIS D 97 -5.02 19.08 27.54
C HIS D 97 -5.36 19.22 29.01
N ILE D 98 -6.62 19.57 29.29
CA ILE D 98 -7.08 19.73 30.67
C ILE D 98 -8.42 19.03 30.85
N SER D 99 -8.77 18.76 32.12
CA SER D 99 -10.01 18.10 32.47
C SER D 99 -10.26 18.37 33.95
N PHE D 100 -11.43 18.93 34.27
CA PHE D 100 -11.72 19.26 35.66
C PHE D 100 -12.86 18.47 36.29
N THR D 101 -12.90 18.51 37.62
CA THR D 101 -13.91 17.79 38.39
C THR D 101 -14.37 18.66 39.56
N THR D 102 -15.66 18.94 39.62
CA THR D 102 -16.22 19.76 40.69
C THR D 102 -17.69 19.38 40.86
N SER D 103 -18.34 20.01 41.83
CA SER D 103 -19.75 19.78 42.06
C SER D 103 -20.49 21.06 41.63
N LYS D 104 -21.77 20.95 41.34
CA LYS D 104 -22.55 22.11 40.91
C LYS D 104 -22.66 23.09 42.08
N THR D 105 -23.14 24.29 41.80
CA THR D 105 -23.30 25.32 42.83
C THR D 105 -24.56 26.16 42.61
N LEU D 108 -23.12 32.60 46.44
CA LEU D 108 -21.94 33.47 46.35
C LEU D 108 -20.94 33.09 47.39
N VAL D 109 -21.41 32.46 48.46
CA VAL D 109 -20.51 32.08 49.54
C VAL D 109 -19.77 30.75 49.36
N ASP D 110 -20.45 29.79 48.76
CA ASP D 110 -19.89 28.48 48.49
C ASP D 110 -18.63 28.57 47.67
N VAL D 111 -18.61 29.48 46.70
CA VAL D 111 -17.44 29.63 45.85
C VAL D 111 -16.34 30.34 46.63
N ASN D 112 -16.72 31.31 47.47
CA ASN D 112 -15.74 32.04 48.27
C ASN D 112 -15.01 31.09 49.24
N ARG D 113 -15.78 30.24 49.91
CA ARG D 113 -15.25 29.29 50.89
C ARG D 113 -14.35 28.22 50.30
N SER D 114 -14.33 28.13 48.97
CA SER D 114 -13.48 27.18 48.27
C SER D 114 -12.06 27.72 48.33
N LYS D 115 -11.08 26.84 48.19
CA LYS D 115 -9.68 27.25 48.23
C LYS D 115 -9.45 28.51 47.37
N ASP D 116 -9.71 28.39 46.07
CA ASP D 116 -9.57 29.50 45.10
C ASP D 116 -10.95 29.88 44.56
N PRO D 117 -11.57 30.93 45.11
CA PRO D 117 -12.89 31.35 44.61
C PRO D 117 -12.68 31.95 43.23
N GLU D 118 -11.49 32.51 43.01
CA GLU D 118 -11.13 33.10 41.73
C GLU D 118 -10.96 31.97 40.71
N GLY D 119 -10.59 30.80 41.19
CA GLY D 119 -10.44 29.68 40.29
C GLY D 119 -11.81 29.23 39.80
N LEU D 120 -12.70 29.02 40.75
CA LEU D 120 -14.07 28.60 40.48
C LEU D 120 -14.84 29.67 39.70
N ARG D 121 -14.60 30.94 40.03
CA ARG D 121 -15.30 32.02 39.35
C ARG D 121 -15.02 32.06 37.85
N CYS D 122 -13.78 31.76 37.48
CA CYS D 122 -13.41 31.74 36.07
C CYS D 122 -14.03 30.53 35.40
N PHE D 123 -13.95 29.39 36.08
CA PHE D 123 -14.50 28.16 35.57
C PHE D 123 -16.00 28.29 35.34
N TYR D 124 -16.73 28.60 36.41
CA TYR D 124 -18.16 28.75 36.31
C TYR D 124 -18.52 29.92 35.39
N TYR D 125 -17.54 30.75 35.05
CA TYR D 125 -17.84 31.86 34.16
C TYR D 125 -17.70 31.45 32.70
N LEU D 126 -16.75 30.56 32.40
CA LEU D 126 -16.56 30.11 31.02
C LEU D 126 -17.71 29.20 30.66
N VAL D 127 -18.07 28.34 31.59
CA VAL D 127 -19.16 27.41 31.38
C VAL D 127 -20.38 28.18 30.87
N GLN D 128 -20.67 29.31 31.48
CA GLN D 128 -21.81 30.09 31.03
C GLN D 128 -21.59 30.57 29.61
N ASP D 129 -20.36 30.95 29.30
CA ASP D 129 -20.01 31.42 27.97
C ASP D 129 -20.17 30.33 26.92
N LEU D 130 -19.94 29.08 27.34
CA LEU D 130 -20.04 27.93 26.45
C LEU D 130 -21.49 27.44 26.43
N LYS D 131 -22.11 27.43 27.59
CA LYS D 131 -23.50 27.02 27.74
C LYS D 131 -24.35 27.85 26.79
N CYS D 132 -24.20 29.16 26.87
CA CYS D 132 -24.94 30.10 26.06
C CYS D 132 -24.75 29.87 24.56
N LEU D 133 -23.56 29.42 24.18
CA LEU D 133 -23.26 29.19 22.77
C LEU D 133 -23.89 27.90 22.24
N VAL D 134 -23.62 26.81 22.93
CA VAL D 134 -24.15 25.52 22.53
C VAL D 134 -25.66 25.58 22.50
N PHE D 135 -26.24 26.46 23.30
CA PHE D 135 -27.69 26.60 23.34
C PHE D 135 -28.20 27.38 22.14
N SER D 136 -27.51 28.45 21.76
CA SER D 136 -27.94 29.25 20.61
C SER D 136 -27.80 28.38 19.38
N LEU D 137 -26.74 27.59 19.35
CA LEU D 137 -26.50 26.69 18.24
C LEU D 137 -27.70 25.78 18.04
N ILE D 138 -27.97 24.97 19.05
CA ILE D 138 -29.07 24.00 19.07
C ILE D 138 -30.45 24.67 18.92
N GLY D 139 -30.67 25.71 19.74
CA GLY D 139 -31.93 26.42 19.72
C GLY D 139 -32.40 26.91 18.37
N LEU D 140 -31.55 26.80 17.35
CA LEU D 140 -31.93 27.25 16.00
C LEU D 140 -31.97 26.09 15.03
N HIS D 141 -31.05 25.16 15.24
CA HIS D 141 -30.99 23.98 14.40
C HIS D 141 -32.21 23.11 14.68
N PHE D 142 -32.73 23.18 15.90
CA PHE D 142 -33.88 22.35 16.27
C PHE D 142 -35.05 23.02 16.95
N LYS D 143 -34.97 24.33 17.11
CA LYS D 143 -36.07 25.09 17.71
C LYS D 143 -36.41 24.98 19.19
N ILE D 144 -35.45 24.60 20.03
CA ILE D 144 -35.77 24.50 21.45
C ILE D 144 -34.58 24.24 22.35
N LYS D 145 -34.53 24.94 23.48
CA LYS D 145 -33.48 24.76 24.46
C LYS D 145 -34.10 23.87 25.55
N PRO D 146 -33.32 23.50 26.57
CA PRO D 146 -33.81 22.67 27.67
C PRO D 146 -34.51 23.49 28.74
N ILE D 147 -35.45 22.88 29.44
CA ILE D 147 -36.19 23.56 30.49
C ILE D 147 -36.21 22.63 31.70
N GLU E 11 27.80 -56.41 -11.20
CA GLU E 11 29.03 -55.74 -11.68
C GLU E 11 28.86 -55.28 -13.13
N ALA E 12 27.61 -55.32 -13.59
CA ALA E 12 27.30 -54.93 -14.96
C ALA E 12 27.31 -53.41 -15.08
N VAL E 13 27.25 -52.74 -13.94
CA VAL E 13 27.25 -51.28 -13.91
C VAL E 13 28.45 -50.71 -14.67
N VAL E 14 29.51 -51.50 -14.77
CA VAL E 14 30.74 -51.07 -15.46
C VAL E 14 30.47 -50.68 -16.90
N SER E 15 29.67 -51.50 -17.60
CA SER E 15 29.34 -51.22 -18.98
C SER E 15 28.63 -49.86 -19.08
N PHE E 16 27.76 -49.59 -18.12
CA PHE E 16 27.01 -48.34 -18.10
C PHE E 16 27.88 -47.10 -17.91
N TYR E 17 28.98 -47.24 -17.16
CA TYR E 17 29.87 -46.11 -16.93
C TYR E 17 30.54 -45.61 -18.20
N ARG E 18 30.59 -46.43 -19.23
CA ARG E 18 31.19 -46.01 -20.49
C ARG E 18 30.11 -45.39 -21.36
N SER E 19 28.86 -45.60 -20.96
CA SER E 19 27.73 -45.03 -21.69
C SER E 19 26.50 -44.93 -20.78
N ASN E 20 26.62 -44.12 -19.74
CA ASN E 20 25.55 -43.92 -18.77
C ASN E 20 24.25 -43.40 -19.40
N SER E 21 24.34 -42.35 -20.20
CA SER E 21 23.17 -41.71 -20.81
C SER E 21 22.25 -42.49 -21.76
N GLN E 22 22.76 -42.98 -22.89
CA GLN E 22 21.88 -43.67 -23.84
C GLN E 22 21.51 -45.13 -23.54
N ASN E 23 22.00 -45.68 -22.43
CA ASN E 23 21.69 -47.08 -22.09
C ASN E 23 21.26 -47.88 -23.31
N HIS E 28 20.43 -47.82 -17.18
CA HIS E 28 20.13 -47.09 -15.94
C HIS E 28 18.94 -47.71 -15.22
N GLU E 29 17.78 -47.64 -15.86
CA GLU E 29 16.55 -48.17 -15.29
C GLU E 29 16.75 -49.48 -14.54
N TRP E 30 17.43 -50.43 -15.17
CA TRP E 30 17.68 -51.74 -14.54
C TRP E 30 18.43 -51.58 -13.23
N LEU E 31 19.66 -51.07 -13.32
CA LEU E 31 20.52 -50.87 -12.16
C LEU E 31 19.83 -50.12 -11.03
N THR E 32 19.08 -49.08 -11.38
CA THR E 32 18.38 -48.26 -10.39
C THR E 32 17.38 -49.02 -9.54
N ASP E 33 16.46 -49.72 -10.18
CA ASP E 33 15.46 -50.47 -9.44
C ASP E 33 16.12 -51.57 -8.64
N ALA E 34 17.31 -51.96 -9.04
CA ALA E 34 18.08 -53.00 -8.36
C ALA E 34 18.58 -52.42 -7.04
N GLU E 35 18.59 -51.09 -6.97
CA GLU E 35 19.04 -50.38 -5.79
C GLU E 35 17.85 -50.33 -4.84
N ALA E 36 16.67 -50.62 -5.38
CA ALA E 36 15.43 -50.62 -4.62
C ALA E 36 15.17 -51.96 -3.93
N SER E 37 15.47 -53.06 -4.63
CA SER E 37 15.24 -54.41 -4.09
C SER E 37 16.14 -54.66 -2.89
N PRO E 38 15.58 -55.29 -1.83
CA PRO E 38 16.27 -55.63 -0.58
C PRO E 38 17.62 -56.35 -0.75
N GLN E 39 17.85 -56.94 -1.92
CA GLN E 39 19.10 -57.62 -2.17
C GLN E 39 20.16 -56.53 -2.26
N ALA E 40 19.70 -55.30 -2.47
CA ALA E 40 20.57 -54.13 -2.58
C ALA E 40 21.42 -54.00 -1.33
N TRP E 41 20.84 -54.42 -0.20
CA TRP E 41 21.55 -54.36 1.06
C TRP E 41 22.61 -55.45 1.08
N GLN E 42 22.25 -56.64 0.59
CA GLN E 42 23.18 -57.75 0.57
C GLN E 42 24.32 -57.59 -0.44
N PHE E 43 24.02 -57.04 -1.62
CA PHE E 43 25.06 -56.90 -2.63
C PHE E 43 25.95 -55.67 -2.53
N SER E 44 25.48 -54.63 -1.86
CA SER E 44 26.26 -53.41 -1.74
C SER E 44 27.63 -53.64 -1.12
N TRP E 45 27.67 -54.16 0.11
CA TRP E 45 28.95 -54.40 0.79
C TRP E 45 29.84 -55.36 0.02
N GLN E 46 29.23 -56.27 -0.73
CA GLN E 46 30.02 -57.23 -1.50
C GLN E 46 30.51 -56.54 -2.76
N LEU E 47 29.66 -55.67 -3.29
CA LEU E 47 29.95 -54.92 -4.52
C LEU E 47 31.04 -53.87 -4.33
N MET E 48 31.31 -53.51 -3.08
CA MET E 48 32.33 -52.54 -2.76
C MET E 48 33.42 -53.19 -1.89
N GLN E 49 33.89 -54.36 -2.32
CA GLN E 49 34.92 -55.08 -1.57
C GLN E 49 36.30 -54.54 -1.91
N LEU E 50 37.32 -55.21 -1.40
CA LEU E 50 38.71 -54.81 -1.64
C LEU E 50 39.30 -55.36 -2.93
N GLY E 51 39.89 -54.47 -3.72
CA GLY E 51 40.48 -54.88 -4.98
C GLY E 51 39.53 -54.71 -6.14
N LYS E 52 38.29 -54.33 -5.82
CA LYS E 52 37.28 -54.14 -6.86
C LYS E 52 37.40 -52.75 -7.47
N SER E 53 36.79 -52.58 -8.64
CA SER E 53 36.82 -51.30 -9.34
C SER E 53 36.07 -50.21 -8.58
N GLN E 54 36.67 -49.03 -8.54
CA GLN E 54 36.09 -47.89 -7.87
C GLN E 54 34.74 -47.52 -8.49
N GLU E 55 34.60 -47.78 -9.79
CA GLU E 55 33.38 -47.48 -10.51
C GLU E 55 32.15 -48.12 -9.89
N VAL E 56 32.22 -49.41 -9.62
CA VAL E 56 31.08 -50.12 -9.04
C VAL E 56 31.07 -49.94 -7.53
N GLN E 57 32.22 -49.69 -6.94
CA GLN E 57 32.29 -49.48 -5.50
C GLN E 57 31.50 -48.24 -5.13
N PHE E 58 31.48 -47.26 -6.03
CA PHE E 58 30.72 -46.04 -5.80
C PHE E 58 29.25 -46.41 -5.90
N PHE E 59 28.94 -47.36 -6.78
CA PHE E 59 27.56 -47.78 -6.94
C PHE E 59 27.17 -48.60 -5.72
N GLY E 60 28.16 -49.28 -5.14
CA GLY E 60 27.87 -50.07 -3.95
C GLY E 60 27.52 -49.13 -2.83
N ALA E 61 28.22 -47.99 -2.79
CA ALA E 61 28.01 -46.98 -1.76
C ALA E 61 26.72 -46.20 -1.94
N ILE E 62 26.42 -45.79 -3.17
CA ILE E 62 25.20 -45.03 -3.43
C ILE E 62 23.96 -45.88 -3.07
N THR E 63 24.09 -47.18 -3.21
CA THR E 63 23.00 -48.09 -2.89
C THR E 63 22.70 -48.01 -1.41
N LEU E 64 23.69 -48.37 -0.61
CA LEU E 64 23.54 -48.33 0.84
C LEU E 64 22.98 -47.00 1.28
N HIS E 65 23.40 -45.93 0.62
CA HIS E 65 22.94 -44.58 0.95
C HIS E 65 21.46 -44.42 0.65
N SER E 66 21.07 -44.64 -0.61
CA SER E 66 19.68 -44.51 -1.02
C SER E 66 18.78 -45.43 -0.20
N LYS E 67 19.29 -46.62 0.11
CA LYS E 67 18.53 -47.58 0.89
C LYS E 67 18.33 -47.09 2.32
N LEU E 68 19.34 -46.44 2.89
CA LEU E 68 19.26 -45.94 4.26
C LEU E 68 18.27 -44.78 4.38
N MET E 69 18.01 -44.10 3.28
CA MET E 69 17.08 -42.98 3.31
C MET E 69 15.73 -43.38 2.73
N LYS E 70 15.75 -44.27 1.74
CA LYS E 70 14.52 -44.71 1.09
C LYS E 70 13.88 -45.98 1.65
N HIS E 71 14.67 -46.94 2.11
CA HIS E 71 14.08 -48.17 2.62
C HIS E 71 14.38 -48.48 4.07
N TRP E 72 14.19 -47.49 4.94
CA TRP E 72 14.41 -47.71 6.37
C TRP E 72 13.18 -48.51 6.77
N HIS E 73 12.19 -48.51 5.88
CA HIS E 73 10.94 -49.23 6.07
C HIS E 73 11.20 -50.72 5.91
N GLU E 74 12.25 -51.04 5.16
CA GLU E 74 12.63 -52.44 4.93
C GLU E 74 13.83 -52.81 5.79
N VAL E 75 13.89 -52.26 7.00
CA VAL E 75 15.00 -52.50 7.93
C VAL E 75 14.59 -53.28 9.18
N PRO E 76 15.48 -54.17 9.67
CA PRO E 76 15.24 -54.98 10.87
C PRO E 76 15.76 -54.29 12.13
N PRO E 77 14.87 -53.64 12.90
CA PRO E 77 15.28 -52.95 14.13
C PRO E 77 16.25 -53.78 14.97
N GLU E 78 16.16 -55.10 14.84
CA GLU E 78 17.03 -55.98 15.60
C GLU E 78 18.50 -55.82 15.21
N ASN E 79 18.76 -55.63 13.92
CA ASN E 79 20.12 -55.49 13.44
C ASN E 79 20.54 -54.03 13.19
N ARG E 80 19.90 -53.11 13.89
CA ARG E 80 20.21 -51.69 13.73
C ARG E 80 21.68 -51.36 13.94
N GLU E 81 22.19 -51.63 15.14
CA GLU E 81 23.60 -51.33 15.42
C GLU E 81 24.51 -52.02 14.43
N GLU E 82 24.17 -53.26 14.08
CA GLU E 82 24.96 -54.02 13.12
C GLU E 82 25.20 -53.14 11.90
N LEU E 83 24.12 -52.52 11.42
CA LEU E 83 24.18 -51.65 10.25
C LEU E 83 25.24 -50.56 10.43
N LYS E 84 25.37 -50.06 11.65
CA LYS E 84 26.33 -49.01 11.95
C LYS E 84 27.73 -49.59 11.95
N GLN E 85 27.94 -50.64 12.75
CA GLN E 85 29.25 -51.29 12.81
C GLN E 85 29.60 -51.67 11.39
N LYS E 86 28.59 -52.09 10.62
CA LYS E 86 28.84 -52.47 9.23
C LYS E 86 29.37 -51.31 8.43
N ILE E 87 28.74 -50.14 8.59
CA ILE E 87 29.14 -48.94 7.89
C ILE E 87 30.46 -48.37 8.40
N LEU E 88 30.75 -48.60 9.68
CA LEU E 88 31.98 -48.10 10.28
C LEU E 88 33.20 -48.84 9.76
N GLU E 89 33.04 -50.14 9.50
CA GLU E 89 34.14 -50.95 8.99
C GLU E 89 34.52 -50.52 7.59
N SER E 90 33.52 -50.37 6.73
CA SER E 90 33.76 -49.96 5.37
C SER E 90 34.53 -48.63 5.39
N ILE E 91 34.00 -47.66 6.14
CA ILE E 91 34.63 -46.35 6.24
C ILE E 91 36.10 -46.52 6.55
N VAL E 92 36.41 -47.48 7.42
CA VAL E 92 37.79 -47.73 7.76
C VAL E 92 38.54 -48.24 6.54
N ARG E 93 37.92 -49.15 5.79
CA ARG E 93 38.56 -49.70 4.61
C ARG E 93 38.77 -48.65 3.52
N PHE E 94 37.78 -47.79 3.34
CA PHE E 94 37.86 -46.78 2.30
C PHE E 94 38.57 -45.47 2.61
N ALA E 95 39.00 -45.28 3.85
CA ALA E 95 39.71 -44.06 4.17
C ALA E 95 41.11 -44.30 3.63
N GLY E 96 41.43 -43.67 2.51
CA GLY E 96 42.73 -43.86 1.91
C GLY E 96 42.59 -44.60 0.59
N GLY E 97 41.43 -45.22 0.40
CA GLY E 97 41.16 -45.93 -0.84
C GLY E 97 40.58 -44.91 -1.80
N PRO E 98 39.37 -45.13 -2.32
CA PRO E 98 38.73 -44.20 -3.25
C PRO E 98 38.01 -43.06 -2.51
N LYS E 99 38.34 -41.83 -2.89
CA LYS E 99 37.76 -40.64 -2.28
C LYS E 99 36.24 -40.56 -2.35
N ILE E 100 35.70 -40.60 -3.57
CA ILE E 100 34.26 -40.50 -3.76
C ILE E 100 33.52 -41.47 -2.86
N VAL E 101 34.10 -42.67 -2.71
CA VAL E 101 33.47 -43.68 -1.91
C VAL E 101 33.49 -43.32 -0.43
N LEU E 102 34.66 -43.03 0.11
CA LEU E 102 34.75 -42.68 1.52
C LEU E 102 33.64 -41.71 1.84
N ASN E 103 33.64 -40.57 1.13
CA ASN E 103 32.65 -39.54 1.34
C ASN E 103 31.23 -40.12 1.33
N ARG E 104 31.01 -41.12 0.47
CA ARG E 104 29.69 -41.74 0.39
C ARG E 104 29.44 -42.58 1.64
N LEU E 105 30.48 -43.26 2.12
CA LEU E 105 30.33 -44.06 3.31
C LEU E 105 30.07 -43.13 4.49
N CYS E 106 30.82 -42.05 4.55
CA CYS E 106 30.64 -41.09 5.64
C CYS E 106 29.19 -40.62 5.70
N ILE E 107 28.66 -40.18 4.58
CA ILE E 107 27.29 -39.69 4.51
C ILE E 107 26.30 -40.78 4.85
N SER E 108 26.66 -42.03 4.57
CA SER E 108 25.79 -43.17 4.88
C SER E 108 25.73 -43.29 6.40
N LEU E 109 26.89 -43.16 7.03
CA LEU E 109 26.99 -43.23 8.48
C LEU E 109 26.16 -42.11 9.10
N GLY E 110 26.21 -40.92 8.50
CA GLY E 110 25.47 -39.79 9.01
C GLY E 110 23.97 -40.01 8.94
N ALA E 111 23.48 -40.28 7.73
CA ALA E 111 22.05 -40.51 7.51
C ALA E 111 21.54 -41.58 8.47
N TYR E 112 22.39 -42.58 8.72
CA TYR E 112 22.02 -43.65 9.64
C TYR E 112 21.64 -42.98 10.95
N ILE E 113 22.58 -42.20 11.48
CA ILE E 113 22.42 -41.49 12.74
C ILE E 113 21.17 -40.61 12.78
N VAL E 114 20.85 -39.98 11.66
CA VAL E 114 19.68 -39.12 11.59
C VAL E 114 18.45 -39.86 12.11
N HIS E 115 18.31 -41.11 11.69
CA HIS E 115 17.19 -41.97 12.05
C HIS E 115 17.10 -42.35 13.53
N MET E 116 18.23 -42.41 14.20
CA MET E 116 18.29 -42.78 15.61
C MET E 116 17.82 -41.64 16.54
N LEU E 117 17.56 -40.48 15.97
CA LEU E 117 17.13 -39.30 16.74
C LEU E 117 15.74 -39.41 17.34
N GLY E 118 14.94 -40.33 16.82
CA GLY E 118 13.60 -40.51 17.32
C GLY E 118 12.82 -41.58 16.58
N GLU E 125 22.00 -38.07 22.00
CA GLU E 125 23.25 -38.69 22.43
C GLU E 125 24.09 -39.12 21.24
N GLU E 126 23.41 -39.67 20.23
CA GLU E 126 24.05 -40.14 19.01
C GLU E 126 25.01 -39.12 18.41
N VAL E 127 24.55 -37.90 18.27
CA VAL E 127 25.42 -36.88 17.70
C VAL E 127 26.62 -36.61 18.62
N ILE E 128 26.45 -36.81 19.93
CA ILE E 128 27.54 -36.58 20.87
C ILE E 128 28.57 -37.70 20.95
N ASN E 129 28.14 -38.94 20.73
CA ASN E 129 29.07 -40.06 20.77
C ASN E 129 29.83 -40.13 19.46
N THR E 130 29.16 -39.76 18.37
CA THR E 130 29.76 -39.74 17.05
C THR E 130 31.00 -38.88 17.19
N PHE E 131 30.78 -37.67 17.68
CA PHE E 131 31.86 -36.73 17.88
C PHE E 131 32.91 -37.33 18.80
N GLN E 132 32.47 -37.86 19.94
CA GLN E 132 33.41 -38.45 20.90
C GLN E 132 34.31 -39.50 20.26
N ASN E 133 33.72 -40.43 19.52
CA ASN E 133 34.46 -41.48 18.86
C ASN E 133 35.63 -40.95 18.05
N GLN E 134 35.44 -39.79 17.43
CA GLN E 134 36.45 -39.22 16.57
C GLN E 134 37.08 -37.91 17.07
N ARG E 135 37.02 -37.67 18.37
CA ARG E 135 37.60 -36.46 18.95
C ARG E 135 38.34 -36.78 20.24
N SER E 140 44.29 -42.92 10.13
CA SER E 140 45.24 -41.82 10.19
C SER E 140 44.63 -40.57 10.84
N ALA E 141 45.41 -39.91 11.69
CA ALA E 141 44.97 -38.71 12.40
C ALA E 141 44.17 -37.79 11.50
N ASP E 142 44.83 -37.25 10.48
CA ASP E 142 44.21 -36.33 9.54
C ASP E 142 42.89 -36.84 8.99
N VAL E 143 42.94 -38.01 8.36
CA VAL E 143 41.74 -38.60 7.78
C VAL E 143 40.60 -38.67 8.78
N GLN E 144 40.88 -39.27 9.93
CA GLN E 144 39.89 -39.44 10.99
C GLN E 144 39.02 -38.19 11.13
N LEU E 145 39.67 -37.04 11.25
CA LEU E 145 38.97 -35.78 11.41
C LEU E 145 38.14 -35.44 10.18
N TRP E 146 38.62 -35.81 9.00
CA TRP E 146 37.88 -35.53 7.79
C TRP E 146 36.59 -36.33 7.89
N ILE E 147 36.74 -37.62 8.18
CA ILE E 147 35.60 -38.52 8.31
C ILE E 147 34.55 -37.89 9.21
N MET E 148 34.93 -37.64 10.47
CA MET E 148 33.99 -37.05 11.43
C MET E 148 33.28 -35.82 10.91
N LEU E 149 34.07 -34.84 10.46
CA LEU E 149 33.53 -33.61 9.92
C LEU E 149 32.56 -33.88 8.78
N GLU E 150 32.96 -34.67 7.80
CA GLU E 150 32.08 -34.98 6.67
C GLU E 150 30.81 -35.59 7.24
N VAL E 151 30.99 -36.52 8.16
CA VAL E 151 29.87 -37.21 8.80
C VAL E 151 28.88 -36.22 9.43
N LEU E 152 29.39 -35.33 10.28
CA LEU E 152 28.55 -34.36 10.97
C LEU E 152 27.87 -33.36 10.05
N THR E 153 28.53 -32.99 8.95
CA THR E 153 27.96 -32.03 8.02
C THR E 153 26.81 -32.66 7.25
N ALA E 154 27.01 -33.90 6.82
CA ALA E 154 26.00 -34.61 6.06
C ALA E 154 24.75 -34.86 6.89
N ILE E 155 24.85 -34.68 8.21
CA ILE E 155 23.72 -34.92 9.09
C ILE E 155 22.54 -33.96 8.96
N PRO E 156 22.79 -32.65 9.10
CA PRO E 156 21.64 -31.74 8.99
C PRO E 156 20.98 -31.73 7.61
N GLU E 157 21.72 -32.12 6.57
CA GLU E 157 21.16 -32.13 5.22
C GLU E 157 20.36 -33.41 4.91
N GLU E 158 20.75 -34.53 5.51
CA GLU E 158 20.04 -35.79 5.32
C GLU E 158 18.69 -35.65 5.98
N ALA E 159 18.69 -35.12 7.20
CA ALA E 159 17.48 -34.90 7.98
C ALA E 159 16.48 -34.08 7.17
N GLN E 160 16.98 -33.41 6.14
CA GLN E 160 16.15 -32.57 5.28
C GLN E 160 15.39 -33.39 4.26
N VAL E 161 15.95 -34.53 3.88
CA VAL E 161 15.31 -35.40 2.90
C VAL E 161 15.03 -36.79 3.45
N ILE E 162 15.94 -37.30 4.27
CA ILE E 162 15.79 -38.60 4.88
C ILE E 162 14.39 -38.79 5.47
N HIS E 163 13.75 -39.87 5.07
CA HIS E 163 12.39 -40.21 5.51
C HIS E 163 12.54 -40.97 6.84
N THR E 164 12.20 -40.30 7.94
CA THR E 164 12.33 -40.90 9.26
C THR E 164 11.04 -41.35 9.89
N SER E 165 9.95 -41.37 9.13
CA SER E 165 8.66 -41.80 9.66
C SER E 165 8.36 -41.05 10.95
N VAL E 166 8.99 -39.90 11.10
CA VAL E 166 8.81 -39.06 12.27
C VAL E 166 8.42 -37.67 11.79
N LYS E 167 7.59 -36.97 12.57
CA LYS E 167 7.18 -35.64 12.18
C LYS E 167 8.45 -34.81 11.95
N ARG E 168 8.41 -33.96 10.93
CA ARG E 168 9.56 -33.13 10.62
C ARG E 168 10.01 -32.31 11.82
N VAL E 169 9.07 -31.60 12.42
CA VAL E 169 9.33 -30.73 13.56
C VAL E 169 10.23 -31.33 14.64
N VAL E 170 10.01 -32.60 14.95
CA VAL E 170 10.81 -33.27 15.97
C VAL E 170 12.16 -33.75 15.45
N LEU E 171 12.25 -33.92 14.14
CA LEU E 171 13.50 -34.35 13.52
C LEU E 171 14.39 -33.10 13.49
N ARG E 172 13.75 -31.96 13.32
CA ARG E 172 14.43 -30.67 13.30
C ARG E 172 14.78 -30.34 14.74
N ALA E 173 13.77 -30.45 15.60
CA ALA E 173 13.92 -30.17 17.02
C ALA E 173 15.06 -30.94 17.68
N GLU E 174 15.13 -32.24 17.43
CA GLU E 174 16.19 -33.06 17.99
C GLU E 174 17.57 -32.51 17.61
N ILE E 175 17.77 -32.30 16.31
CA ILE E 175 19.04 -31.79 15.79
C ILE E 175 19.40 -30.39 16.28
N ALA E 176 18.42 -29.50 16.32
CA ALA E 176 18.66 -28.13 16.76
C ALA E 176 19.25 -28.10 18.17
N LYS E 177 19.08 -29.21 18.89
CA LYS E 177 19.56 -29.33 20.26
C LYS E 177 21.05 -29.62 20.41
N ARG E 178 21.76 -29.83 19.29
CA ARG E 178 23.18 -30.13 19.38
C ARG E 178 24.00 -29.22 18.48
N VAL E 179 23.41 -28.10 18.10
CA VAL E 179 24.09 -27.13 17.25
C VAL E 179 25.35 -26.61 17.96
N GLN E 180 25.15 -25.94 19.09
CA GLN E 180 26.27 -25.38 19.87
C GLN E 180 27.46 -26.32 19.93
N LEU E 181 27.20 -27.60 20.14
CA LEU E 181 28.29 -28.58 20.21
C LEU E 181 29.07 -28.51 18.91
N VAL E 182 28.36 -28.67 17.80
CA VAL E 182 28.96 -28.64 16.47
C VAL E 182 29.85 -27.43 16.28
N ILE E 183 29.26 -26.24 16.36
CA ILE E 183 30.04 -25.03 16.19
C ILE E 183 31.14 -24.93 17.24
N HIS E 184 30.77 -24.81 18.51
CA HIS E 184 31.77 -24.72 19.56
C HIS E 184 32.93 -25.65 19.25
N THR E 185 32.63 -26.84 18.76
CA THR E 185 33.66 -27.80 18.41
C THR E 185 34.54 -27.23 17.31
N VAL E 186 33.96 -26.99 16.14
CA VAL E 186 34.69 -26.44 15.01
C VAL E 186 35.44 -25.20 15.45
N GLU E 187 34.74 -24.32 16.16
CA GLU E 187 35.31 -23.08 16.67
C GLU E 187 36.50 -23.39 17.57
N ARG E 188 36.46 -24.55 18.22
CA ARG E 188 37.53 -24.98 19.10
C ARG E 188 38.70 -25.47 18.25
N TYR E 189 38.39 -26.33 17.28
CA TYR E 189 39.39 -26.88 16.38
C TYR E 189 40.19 -25.78 15.70
N LEU E 190 39.47 -24.87 15.04
CA LEU E 190 40.07 -23.75 14.34
C LEU E 190 41.11 -23.05 15.20
N LYS E 191 40.65 -22.43 16.28
CA LYS E 191 41.55 -21.74 17.21
C LYS E 191 42.76 -22.60 17.52
N LEU E 192 42.53 -23.90 17.72
CA LEU E 192 43.62 -24.82 18.01
C LEU E 192 44.61 -24.84 16.86
N GLN E 193 44.08 -24.70 15.65
CA GLN E 193 44.89 -24.70 14.44
C GLN E 193 45.52 -23.34 14.23
N MET E 194 44.95 -22.33 14.88
CA MET E 194 45.46 -20.97 14.76
C MET E 194 46.83 -20.86 15.40
N ASN E 195 47.23 -21.91 16.11
CA ASN E 195 48.51 -21.94 16.81
C ASN E 195 49.50 -22.94 16.21
N ARG E 196 48.99 -23.95 15.51
CA ARG E 196 49.85 -24.96 14.91
C ARG E 196 50.21 -24.66 13.46
N VAL E 197 50.90 -25.61 12.82
CA VAL E 197 51.32 -25.48 11.43
C VAL E 197 50.20 -25.85 10.48
N TRP E 198 49.95 -24.97 9.52
CA TRP E 198 48.89 -25.18 8.54
C TRP E 198 49.30 -26.07 7.39
N ASP E 199 49.16 -27.37 7.64
CA ASP E 199 49.47 -28.43 6.69
C ASP E 199 48.45 -28.35 5.55
N ALA E 200 48.81 -28.85 4.37
CA ALA E 200 47.90 -28.81 3.24
C ALA E 200 46.63 -29.53 3.66
N GLU E 201 46.79 -30.68 4.30
CA GLU E 201 45.65 -31.45 4.76
C GLU E 201 44.92 -30.69 5.87
N ALA E 202 45.59 -29.69 6.46
CA ALA E 202 45.01 -28.88 7.52
C ALA E 202 44.01 -27.89 6.96
N TYR E 203 44.38 -27.24 5.85
CA TYR E 203 43.48 -26.28 5.23
C TYR E 203 42.21 -27.03 4.87
N SER E 204 42.39 -28.14 4.16
CA SER E 204 41.29 -28.97 3.73
C SER E 204 40.38 -29.35 4.88
N ASN E 205 40.95 -29.83 5.98
CA ASN E 205 40.13 -30.21 7.12
C ASN E 205 39.48 -28.98 7.71
N MET E 206 40.16 -27.84 7.67
CA MET E 206 39.59 -26.61 8.19
C MET E 206 38.45 -26.15 7.28
N ASN E 207 38.51 -26.54 6.02
CA ASN E 207 37.48 -26.18 5.06
C ASN E 207 36.20 -26.93 5.46
N ARG E 208 36.34 -28.24 5.61
CA ARG E 208 35.22 -29.07 6.02
C ARG E 208 34.64 -28.47 7.28
N ALA E 209 35.53 -28.14 8.21
CA ALA E 209 35.16 -27.55 9.49
C ALA E 209 34.25 -26.36 9.33
N VAL E 210 34.75 -25.32 8.67
CA VAL E 210 34.01 -24.09 8.43
C VAL E 210 32.73 -24.33 7.62
N LYS E 211 32.81 -25.24 6.65
CA LYS E 211 31.64 -25.56 5.84
C LYS E 211 30.61 -26.28 6.69
N CYS E 212 31.10 -27.18 7.55
CA CYS E 212 30.22 -27.93 8.43
C CYS E 212 29.33 -26.93 9.14
N VAL E 213 29.96 -26.00 9.84
CA VAL E 213 29.25 -24.96 10.55
C VAL E 213 28.19 -24.34 9.66
N GLY E 214 28.63 -23.70 8.58
CA GLY E 214 27.72 -23.05 7.66
C GLY E 214 26.47 -23.85 7.33
N THR E 215 26.66 -25.10 6.92
CA THR E 215 25.56 -25.98 6.56
C THR E 215 24.55 -26.05 7.70
N TRP E 216 25.06 -26.20 8.92
CA TRP E 216 24.20 -26.28 10.09
C TRP E 216 23.48 -24.97 10.34
N ILE E 217 24.02 -23.86 9.84
CA ILE E 217 23.38 -22.58 10.05
C ILE E 217 22.19 -22.36 9.13
N LYS E 218 22.30 -22.74 7.87
CA LYS E 218 21.18 -22.56 6.96
C LYS E 218 20.14 -23.65 7.12
N ASN E 219 20.59 -24.85 7.47
CA ASN E 219 19.68 -25.99 7.65
C ASN E 219 19.02 -25.91 9.02
N ILE E 220 19.82 -25.92 10.08
CA ILE E 220 19.28 -25.80 11.43
C ILE E 220 19.54 -24.38 11.88
N GLY E 221 18.66 -23.80 12.66
CA GLY E 221 18.90 -22.44 13.08
C GLY E 221 19.44 -22.27 14.49
N TYR E 222 20.39 -21.36 14.65
CA TYR E 222 20.97 -21.07 15.96
C TYR E 222 20.96 -19.56 16.22
N THR E 223 20.85 -19.15 17.48
CA THR E 223 20.83 -17.73 17.80
C THR E 223 22.12 -17.06 17.35
N ILE E 224 22.00 -15.88 16.76
CA ILE E 224 23.17 -15.15 16.30
C ILE E 224 24.10 -14.83 17.45
N GLU E 225 23.51 -14.68 18.63
CA GLU E 225 24.24 -14.35 19.84
C GLU E 225 25.40 -15.30 20.16
N GLY E 226 25.32 -16.54 19.67
CA GLY E 226 26.39 -17.49 19.94
C GLY E 226 27.32 -17.63 18.76
N CYS E 227 27.03 -16.90 17.69
CA CYS E 227 27.83 -16.95 16.47
C CYS E 227 28.93 -15.89 16.46
N VAL E 228 28.91 -15.00 17.44
CA VAL E 228 29.90 -13.95 17.53
C VAL E 228 31.29 -14.54 17.72
N THR E 229 31.37 -15.59 18.52
CA THR E 229 32.64 -16.24 18.79
C THR E 229 33.25 -16.75 17.48
N ILE E 230 32.56 -17.70 16.86
CA ILE E 230 33.02 -18.30 15.61
C ILE E 230 33.18 -17.21 14.55
N THR E 231 32.17 -16.35 14.42
CA THR E 231 32.24 -15.26 13.44
C THR E 231 33.64 -14.64 13.48
N ALA E 232 34.06 -14.25 14.68
CA ALA E 232 35.35 -13.63 14.87
C ALA E 232 36.52 -14.54 14.47
N VAL E 233 36.44 -15.80 14.88
CA VAL E 233 37.48 -16.79 14.59
C VAL E 233 37.62 -16.96 13.08
N LEU E 234 36.51 -17.21 12.41
CA LEU E 234 36.52 -17.38 10.96
C LEU E 234 37.19 -16.16 10.35
N LEU E 235 36.82 -14.99 10.81
CA LEU E 235 37.39 -13.74 10.32
C LEU E 235 38.91 -13.82 10.35
N GLU E 236 39.48 -14.22 11.48
CA GLU E 236 40.93 -14.31 11.59
C GLU E 236 41.43 -15.44 10.70
N VAL E 237 40.62 -16.47 10.51
CA VAL E 237 41.01 -17.57 9.65
C VAL E 237 41.15 -16.98 8.24
N VAL E 238 40.15 -16.21 7.82
CA VAL E 238 40.19 -15.58 6.50
C VAL E 238 41.50 -14.83 6.38
N HIS E 239 41.67 -13.83 7.24
CA HIS E 239 42.88 -13.04 7.24
C HIS E 239 44.13 -13.91 7.07
N LYS E 240 44.27 -14.94 7.90
CA LYS E 240 45.45 -15.80 7.81
C LYS E 240 45.63 -16.41 6.42
N CYS E 241 44.60 -16.28 5.59
CA CYS E 241 44.65 -16.81 4.23
C CYS E 241 44.96 -15.72 3.23
N TYR E 242 44.60 -14.48 3.56
CA TYR E 242 44.82 -13.39 2.63
C TYR E 242 46.11 -12.62 2.75
N TRP E 243 46.56 -12.36 3.98
CA TRP E 243 47.75 -11.57 4.21
C TRP E 243 49.14 -12.17 3.91
N PRO E 244 49.28 -13.50 3.90
CA PRO E 244 50.64 -13.98 3.61
C PRO E 244 50.93 -13.87 2.11
N CYS E 245 49.88 -13.95 1.31
CA CYS E 245 49.99 -13.87 -0.15
C CYS E 245 50.21 -12.42 -0.56
N ILE E 246 49.92 -11.49 0.33
CA ILE E 246 50.11 -10.09 -0.01
C ILE E 246 51.56 -9.68 0.28
N HIS E 247 52.40 -9.78 -0.75
CA HIS E 247 53.83 -9.43 -0.68
C HIS E 247 54.64 -10.37 -1.55
N GLY E 251 49.24 -10.81 -4.50
CA GLY E 251 48.26 -11.28 -3.54
C GLY E 251 47.57 -12.54 -4.01
N CYS E 252 48.14 -13.19 -5.02
CA CYS E 252 47.59 -14.42 -5.57
C CYS E 252 47.97 -15.58 -4.65
N MET E 253 46.98 -16.10 -3.93
CA MET E 253 47.18 -17.20 -3.00
C MET E 253 46.88 -18.55 -3.62
N THR E 254 47.33 -19.61 -2.96
CA THR E 254 47.07 -20.95 -3.45
C THR E 254 45.57 -21.21 -3.42
N ALA E 255 45.12 -22.19 -4.18
CA ALA E 255 43.70 -22.52 -4.23
C ALA E 255 43.23 -22.88 -2.82
N ASP E 256 44.08 -23.58 -2.09
CA ASP E 256 43.78 -24.02 -0.73
C ASP E 256 43.42 -22.89 0.23
N GLU E 257 44.15 -21.78 0.12
CA GLU E 257 43.88 -20.64 0.97
C GLU E 257 42.58 -20.00 0.53
N ASN E 258 42.39 -19.95 -0.78
CA ASN E 258 41.19 -19.35 -1.37
C ASN E 258 39.93 -20.14 -1.04
N GLU E 259 39.98 -21.45 -1.22
CA GLU E 259 38.82 -22.27 -0.91
C GLU E 259 38.48 -22.02 0.55
N LEU E 260 39.47 -22.17 1.43
CA LEU E 260 39.26 -21.98 2.86
C LEU E 260 38.69 -20.61 3.18
N ALA E 261 39.15 -19.59 2.45
CA ALA E 261 38.66 -18.24 2.70
C ALA E 261 37.18 -18.17 2.35
N GLU E 262 36.84 -18.52 1.12
CA GLU E 262 35.46 -18.49 0.67
C GLU E 262 34.58 -19.15 1.71
N SER E 263 34.80 -20.44 1.96
CA SER E 263 34.02 -21.19 2.94
C SER E 263 33.87 -20.44 4.27
N CYS E 264 34.92 -19.73 4.67
CA CYS E 264 34.85 -18.96 5.90
C CYS E 264 33.83 -17.86 5.69
N LEU E 265 33.94 -17.20 4.54
CA LEU E 265 33.04 -16.11 4.17
C LEU E 265 31.60 -16.57 4.01
N LYS E 266 31.39 -17.66 3.28
CA LYS E 266 30.04 -18.18 3.06
C LYS E 266 29.35 -18.49 4.37
N THR E 267 30.09 -19.11 5.28
CA THR E 267 29.53 -19.45 6.58
C THR E 267 29.11 -18.16 7.27
N MET E 268 29.94 -17.12 7.16
CA MET E 268 29.59 -15.85 7.78
C MET E 268 28.30 -15.34 7.16
N VAL E 269 28.19 -15.49 5.85
CA VAL E 269 26.99 -15.04 5.17
C VAL E 269 25.82 -15.79 5.79
N ASN E 270 25.90 -17.11 5.77
CA ASN E 270 24.84 -17.95 6.31
C ASN E 270 24.48 -17.48 7.71
N ILE E 271 25.48 -17.01 8.45
CA ILE E 271 25.26 -16.55 9.81
C ILE E 271 24.31 -15.35 9.91
N ILE E 272 24.52 -14.31 9.10
CA ILE E 272 23.66 -13.14 9.17
C ILE E 272 22.30 -13.25 8.47
N ILE E 273 22.28 -13.95 7.34
CA ILE E 273 21.08 -14.15 6.54
C ILE E 273 19.97 -14.90 7.27
N GLN E 274 20.32 -15.69 8.28
CA GLN E 274 19.31 -16.49 8.98
C GLN E 274 17.99 -15.74 9.02
N PRO E 275 16.85 -16.45 8.95
CA PRO E 275 15.51 -15.85 8.97
C PRO E 275 15.20 -15.11 10.28
N ASP E 276 15.49 -15.77 11.40
CA ASP E 276 15.26 -15.18 12.72
C ASP E 276 16.15 -13.97 13.10
N CYS E 277 17.40 -13.94 12.66
CA CYS E 277 18.31 -12.84 13.02
C CYS E 277 17.78 -11.42 13.01
N HIS E 278 16.89 -11.12 12.08
CA HIS E 278 16.35 -9.78 11.95
C HIS E 278 15.90 -9.16 13.27
N ASN E 279 15.34 -9.96 14.18
CA ASN E 279 14.86 -9.46 15.48
C ASN E 279 15.95 -9.25 16.54
N TYR E 280 17.20 -9.56 16.18
CA TYR E 280 18.32 -9.42 17.11
C TYR E 280 19.17 -8.18 16.83
N PRO E 281 18.52 -6.99 16.72
CA PRO E 281 19.22 -5.73 16.47
C PRO E 281 20.57 -5.65 17.17
N LYS E 282 20.68 -6.31 18.33
CA LYS E 282 21.91 -6.27 19.08
C LYS E 282 23.07 -7.09 18.49
N THR E 283 22.87 -8.39 18.30
CA THR E 283 23.93 -9.23 17.75
C THR E 283 24.20 -8.83 16.31
N ALA E 284 23.14 -8.39 15.63
CA ALA E 284 23.20 -7.95 14.24
C ALA E 284 24.21 -6.81 14.07
N PHE E 285 24.06 -5.78 14.89
CA PHE E 285 24.99 -4.66 14.79
C PHE E 285 26.39 -5.14 15.12
N VAL E 286 26.51 -5.87 16.23
CA VAL E 286 27.80 -6.39 16.66
C VAL E 286 28.51 -7.13 15.56
N LEU E 287 27.89 -8.20 15.08
CA LEU E 287 28.53 -8.94 14.01
C LEU E 287 28.86 -8.05 12.82
N ILE E 288 27.87 -7.33 12.29
CA ILE E 288 28.13 -6.47 11.14
C ILE E 288 29.32 -5.53 11.34
N LYS E 289 29.41 -4.95 12.52
CA LYS E 289 30.49 -4.03 12.83
C LYS E 289 31.83 -4.75 12.77
N MET E 290 31.87 -6.01 13.22
CA MET E 290 33.14 -6.71 13.17
C MET E 290 33.47 -7.20 11.76
N PHE E 291 32.45 -7.48 10.96
CA PHE E 291 32.68 -7.92 9.58
C PHE E 291 33.36 -6.75 8.89
N LEU E 292 32.69 -5.61 8.99
CA LEU E 292 33.13 -4.38 8.39
C LEU E 292 34.54 -3.94 8.79
N ASP E 293 34.76 -3.74 10.09
CA ASP E 293 36.05 -3.29 10.61
C ASP E 293 37.17 -4.33 10.47
N SER E 294 36.83 -5.53 10.03
CA SER E 294 37.84 -6.56 9.88
C SER E 294 38.09 -6.88 8.41
N LEU E 295 37.07 -6.65 7.59
CA LEU E 295 37.19 -6.94 6.17
C LEU E 295 37.58 -5.73 5.32
N SER E 296 37.41 -4.53 5.87
CA SER E 296 37.75 -3.31 5.14
C SER E 296 39.12 -3.38 4.47
N GLU E 297 40.16 -3.61 5.26
CA GLU E 297 41.54 -3.70 4.76
C GLU E 297 41.64 -4.49 3.46
N ILE E 298 41.30 -5.77 3.54
CA ILE E 298 41.36 -6.66 2.40
C ILE E 298 40.67 -6.05 1.18
N THR E 299 39.55 -5.38 1.41
CA THR E 299 38.83 -4.75 0.31
C THR E 299 39.69 -3.69 -0.36
N LYS E 300 40.27 -2.82 0.46
CA LYS E 300 41.13 -1.74 0.00
C LYS E 300 42.32 -2.28 -0.78
N THR E 301 42.92 -3.34 -0.27
CA THR E 301 44.09 -3.95 -0.91
C THR E 301 43.79 -4.58 -2.25
N GLU E 302 42.56 -5.08 -2.44
CA GLU E 302 42.19 -5.71 -3.71
C GLU E 302 41.63 -4.66 -4.66
N TRP E 303 41.21 -3.54 -4.10
CA TRP E 303 40.72 -2.44 -4.91
C TRP E 303 42.00 -1.92 -5.58
N LYS E 304 43.15 -2.52 -5.24
CA LYS E 304 44.43 -2.14 -5.88
C LYS E 304 44.33 -2.61 -7.33
N ARG E 305 45.15 -2.08 -8.23
CA ARG E 305 45.00 -2.51 -9.61
C ARG E 305 45.78 -3.76 -9.99
N GLU E 306 46.67 -4.22 -9.11
CA GLU E 306 47.42 -5.43 -9.39
C GLU E 306 46.62 -6.60 -8.83
N ASN E 307 45.57 -6.94 -9.57
CA ASN E 307 44.63 -8.01 -9.22
C ASN E 307 45.29 -9.34 -8.98
N ASP E 308 45.03 -9.88 -7.80
CA ASP E 308 45.59 -11.14 -7.40
C ASP E 308 44.49 -12.11 -7.01
N ASN E 309 43.38 -11.56 -6.51
CA ASN E 309 42.22 -12.33 -6.11
C ASN E 309 40.99 -11.47 -6.25
N GLU E 310 40.10 -11.89 -7.14
CA GLU E 310 38.85 -11.21 -7.41
C GLU E 310 37.82 -12.04 -6.68
N ASP E 311 38.28 -13.21 -6.24
CA ASP E 311 37.44 -14.17 -5.54
C ASP E 311 37.11 -13.71 -4.13
N ILE E 312 38.14 -13.30 -3.40
CA ILE E 312 37.97 -12.84 -2.04
C ILE E 312 37.07 -11.61 -1.97
N ILE E 313 37.34 -10.61 -2.80
CA ILE E 313 36.52 -9.40 -2.79
C ILE E 313 35.06 -9.60 -3.15
N VAL E 314 34.76 -10.60 -3.96
CA VAL E 314 33.37 -10.84 -4.32
C VAL E 314 32.60 -11.34 -3.11
N HIS E 315 33.22 -12.23 -2.34
CA HIS E 315 32.60 -12.78 -1.15
C HIS E 315 32.52 -11.78 -0.01
N ILE E 316 33.53 -10.92 0.12
CA ILE E 316 33.49 -9.91 1.17
C ILE E 316 32.40 -8.91 0.81
N TYR E 317 32.44 -8.39 -0.41
CA TYR E 317 31.45 -7.43 -0.88
C TYR E 317 30.06 -8.07 -0.83
N MET E 318 30.02 -9.36 -1.12
CA MET E 318 28.76 -10.11 -1.12
C MET E 318 28.17 -10.19 0.30
N LEU E 319 29.03 -10.52 1.25
CA LEU E 319 28.65 -10.63 2.65
C LEU E 319 28.06 -9.33 3.19
N PHE E 320 28.71 -8.21 2.89
CA PHE E 320 28.20 -6.92 3.35
C PHE E 320 26.84 -6.68 2.71
N VAL E 321 26.83 -6.66 1.38
CA VAL E 321 25.59 -6.45 0.66
C VAL E 321 24.48 -7.33 1.22
N SER E 322 24.80 -8.60 1.47
CA SER E 322 23.79 -9.50 2.01
C SER E 322 23.37 -9.14 3.43
N SER E 323 24.34 -8.95 4.32
CA SER E 323 24.02 -8.62 5.71
C SER E 323 23.13 -7.38 5.84
N VAL E 324 23.09 -6.56 4.80
CA VAL E 324 22.25 -5.36 4.83
C VAL E 324 20.83 -5.77 4.44
N GLU E 325 20.75 -6.68 3.48
CA GLU E 325 19.47 -7.18 3.02
C GLU E 325 18.68 -7.81 4.17
N ARG E 326 19.33 -8.70 4.91
CA ARG E 326 18.69 -9.40 6.02
C ARG E 326 18.28 -8.47 7.17
N HIS E 327 18.95 -7.32 7.28
CA HIS E 327 18.66 -6.34 8.34
C HIS E 327 18.34 -4.95 7.80
N SER E 328 17.25 -4.85 7.05
CA SER E 328 16.84 -3.59 6.45
C SER E 328 16.54 -2.51 7.49
N THR E 329 15.79 -2.89 8.53
CA THR E 329 15.40 -1.97 9.60
C THR E 329 16.58 -1.33 10.32
N LEU E 330 17.60 -2.12 10.62
CA LEU E 330 18.78 -1.59 11.29
C LEU E 330 19.38 -0.53 10.37
N LEU E 331 19.60 -0.91 9.11
CA LEU E 331 20.18 0.02 8.14
C LEU E 331 19.37 1.29 7.95
N LEU E 332 18.06 1.15 7.70
CA LEU E 332 17.20 2.31 7.50
C LEU E 332 17.01 3.16 8.75
N SER E 333 16.72 2.51 9.87
CA SER E 333 16.52 3.25 11.11
C SER E 333 17.78 4.01 11.51
N GLY E 334 18.94 3.52 11.11
CA GLY E 334 20.19 4.19 11.43
C GLY E 334 20.29 5.50 10.67
N ILE E 335 19.68 5.53 9.49
CA ILE E 335 19.69 6.71 8.64
C ILE E 335 18.92 7.88 9.27
N THR E 336 17.70 7.60 9.75
CA THR E 336 16.84 8.61 10.36
C THR E 336 16.86 8.63 11.88
N SER E 337 16.40 7.56 12.54
CA SER E 337 16.41 7.52 14.00
C SER E 337 17.84 7.87 14.44
N ALA E 338 18.77 7.65 13.52
CA ALA E 338 20.19 7.92 13.69
C ALA E 338 20.84 7.51 15.01
N ASP E 339 20.67 6.27 15.47
CA ASP E 339 21.37 5.87 16.69
C ASP E 339 22.80 6.13 16.21
N PRO E 340 23.58 6.95 16.93
CA PRO E 340 24.93 7.16 16.41
C PRO E 340 25.65 5.92 15.92
N GLU E 341 25.63 4.86 16.72
CA GLU E 341 26.29 3.60 16.35
C GLU E 341 25.84 3.11 14.97
N LEU E 342 24.62 3.46 14.58
CA LEU E 342 24.05 3.04 13.30
C LEU E 342 24.35 3.94 12.10
N SER E 343 24.34 5.25 12.31
CA SER E 343 24.60 6.19 11.21
C SER E 343 25.99 5.96 10.62
N ILE E 344 26.94 5.68 11.49
CA ILE E 344 28.30 5.42 11.06
C ILE E 344 28.36 4.05 10.40
N LEU E 345 27.91 3.02 11.13
CA LEU E 345 27.91 1.66 10.61
C LEU E 345 27.29 1.63 9.21
N VAL E 346 26.06 2.13 9.11
CA VAL E 346 25.33 2.19 7.84
C VAL E 346 26.13 2.88 6.73
N HIS E 347 26.65 4.07 7.00
CA HIS E 347 27.43 4.80 6.02
C HIS E 347 28.64 3.99 5.61
N ARG E 348 29.25 3.32 6.59
CA ARG E 348 30.44 2.50 6.34
C ARG E 348 30.09 1.28 5.49
N ILE E 349 28.93 0.69 5.76
CA ILE E 349 28.51 -0.47 5.00
C ILE E 349 28.22 -0.07 3.55
N VAL E 350 27.63 1.12 3.37
CA VAL E 350 27.30 1.62 2.04
C VAL E 350 28.55 2.06 1.28
N GLN E 351 29.52 2.60 1.99
CA GLN E 351 30.74 3.06 1.35
C GLN E 351 31.44 1.85 0.72
N GLU E 352 31.45 0.73 1.44
CA GLU E 352 32.06 -0.48 0.93
C GLU E 352 31.36 -0.91 -0.35
N ILE E 353 30.03 -0.91 -0.30
CA ILE E 353 29.22 -1.32 -1.46
C ILE E 353 29.28 -0.30 -2.59
N LEU E 354 29.36 0.98 -2.24
CA LEU E 354 29.45 2.02 -3.25
C LEU E 354 30.79 1.81 -3.96
N HIS E 355 31.85 1.61 -3.18
CA HIS E 355 33.20 1.36 -3.72
C HIS E 355 33.11 0.14 -4.63
N CYS E 356 32.48 -0.90 -4.08
CA CYS E 356 32.26 -2.15 -4.80
C CYS E 356 31.67 -1.89 -6.19
N THR E 357 30.62 -1.05 -6.22
CA THR E 357 29.91 -0.67 -7.46
C THR E 357 30.80 0.12 -8.39
N ASP E 358 31.56 1.03 -7.80
CA ASP E 358 32.46 1.90 -8.56
C ASP E 358 33.78 1.20 -8.92
N LYS E 359 34.04 0.03 -8.33
CA LYS E 359 35.28 -0.72 -8.59
C LYS E 359 35.71 -0.64 -10.07
N PRO E 360 37.01 -0.44 -10.35
CA PRO E 360 37.55 -0.33 -11.72
C PRO E 360 37.29 -1.51 -12.65
N GLY E 361 37.71 -1.38 -13.90
CA GLY E 361 37.57 -2.45 -14.86
C GLY E 361 36.19 -2.85 -15.38
N ILE E 362 36.19 -3.45 -16.56
CA ILE E 362 34.95 -3.92 -17.13
C ILE E 362 34.45 -5.02 -16.21
N TYR E 363 33.14 -5.13 -16.08
CA TYR E 363 32.60 -6.15 -15.21
C TYR E 363 33.16 -7.56 -15.43
N PRO E 364 33.11 -8.08 -16.67
CA PRO E 364 33.59 -9.40 -17.05
C PRO E 364 35.06 -9.72 -16.84
N VAL E 365 35.92 -8.73 -17.07
CA VAL E 365 37.35 -8.97 -16.96
C VAL E 365 38.09 -8.41 -15.76
N GLU E 366 37.87 -7.14 -15.45
CA GLU E 366 38.65 -6.57 -14.36
C GLU E 366 38.12 -6.68 -12.93
N GLU E 367 36.82 -6.57 -12.73
CA GLU E 367 36.23 -6.65 -11.39
C GLU E 367 34.84 -7.28 -11.43
N SER E 368 34.76 -8.53 -10.95
CA SER E 368 33.54 -9.33 -10.91
C SER E 368 32.50 -8.92 -9.85
N CYS E 369 32.68 -7.76 -9.22
CA CYS E 369 31.77 -7.34 -8.16
C CYS E 369 30.63 -6.42 -8.54
N SER E 370 30.52 -6.02 -9.79
CA SER E 370 29.46 -5.10 -10.17
C SER E 370 28.04 -5.59 -9.90
N THR E 371 27.80 -6.86 -10.15
CA THR E 371 26.48 -7.43 -9.93
C THR E 371 26.08 -7.32 -8.46
N MET E 372 27.02 -7.63 -7.59
CA MET E 372 26.80 -7.58 -6.15
C MET E 372 26.15 -6.28 -5.73
N ALA E 373 26.78 -5.18 -6.13
CA ALA E 373 26.33 -3.84 -5.80
C ALA E 373 24.99 -3.46 -6.41
N LEU E 374 24.73 -3.92 -7.62
CA LEU E 374 23.47 -3.61 -8.29
C LEU E 374 22.35 -4.32 -7.57
N ALA E 375 22.64 -5.53 -7.10
CA ALA E 375 21.66 -6.32 -6.37
C ALA E 375 21.23 -5.52 -5.13
N PHE E 376 22.24 -4.98 -4.44
CA PHE E 376 22.07 -4.19 -3.22
C PHE E 376 21.21 -2.95 -3.40
N TRP E 377 21.53 -2.11 -4.38
CA TRP E 377 20.75 -0.90 -4.59
C TRP E 377 19.29 -1.23 -4.82
N TYR E 378 19.04 -2.25 -5.60
CA TYR E 378 17.67 -2.65 -5.86
C TYR E 378 16.92 -2.78 -4.53
N MET E 379 17.50 -3.52 -3.60
CA MET E 379 16.88 -3.72 -2.29
C MET E 379 16.59 -2.42 -1.54
N LEU E 380 17.58 -1.53 -1.48
CA LEU E 380 17.43 -0.28 -0.76
C LEU E 380 16.42 0.63 -1.43
N GLN E 381 16.52 0.76 -2.75
CA GLN E 381 15.60 1.58 -3.52
C GLN E 381 14.18 1.09 -3.35
N ASP E 382 13.96 -0.21 -3.42
CA ASP E 382 12.60 -0.74 -3.27
C ASP E 382 12.13 -0.71 -1.83
N GLU E 383 13.07 -0.83 -0.90
CA GLU E 383 12.75 -0.83 0.52
C GLU E 383 12.30 0.51 1.06
N VAL E 384 12.86 1.58 0.50
CA VAL E 384 12.52 2.92 0.93
C VAL E 384 11.22 3.35 0.27
N PHE E 385 10.91 2.79 -0.89
CA PHE E 385 9.68 3.15 -1.60
C PHE E 385 8.51 2.36 -1.03
N ALA E 386 8.81 1.29 -0.32
CA ALA E 386 7.79 0.43 0.27
C ALA E 386 7.76 0.57 1.79
N HIS E 394 9.32 8.56 3.79
CA HIS E 394 10.10 9.11 4.91
C HIS E 394 11.27 9.94 4.40
N LYS E 395 12.30 10.09 5.23
CA LYS E 395 13.48 10.84 4.85
C LYS E 395 14.44 9.95 4.09
N CYS E 396 14.28 8.64 4.26
CA CYS E 396 15.14 7.68 3.59
C CYS E 396 15.17 7.94 2.09
N TRP E 397 14.04 8.37 1.52
CA TRP E 397 13.99 8.67 0.10
C TRP E 397 15.00 9.79 -0.16
N GLU E 398 14.87 10.87 0.60
CA GLU E 398 15.77 12.01 0.45
C GLU E 398 17.19 11.63 0.86
N TYR E 399 17.29 10.75 1.84
CA TYR E 399 18.59 10.30 2.33
C TYR E 399 19.26 9.40 1.32
N ILE E 400 18.46 8.78 0.46
CA ILE E 400 19.00 7.89 -0.56
C ILE E 400 19.33 8.65 -1.83
N LYS E 401 18.69 9.79 -2.05
CA LYS E 401 18.93 10.59 -3.23
C LYS E 401 20.42 10.74 -3.50
N PRO E 402 21.18 11.29 -2.54
CA PRO E 402 22.62 11.43 -2.80
C PRO E 402 23.19 10.13 -3.34
N LEU E 403 23.01 9.05 -2.58
CA LEU E 403 23.51 7.73 -3.00
C LEU E 403 23.07 7.46 -4.41
N TYR E 404 21.76 7.39 -4.59
CA TYR E 404 21.15 7.12 -5.88
C TYR E 404 21.78 7.96 -6.98
N ALA E 405 21.95 9.25 -6.73
CA ALA E 405 22.54 10.13 -7.72
C ALA E 405 23.96 9.68 -8.02
N HIS E 406 24.79 9.60 -6.99
CA HIS E 406 26.15 9.16 -7.15
C HIS E 406 26.21 7.85 -7.91
N LEU E 407 25.41 6.88 -7.48
CA LEU E 407 25.38 5.58 -8.13
C LEU E 407 25.18 5.73 -9.64
N THR E 408 24.12 6.44 -10.04
CA THR E 408 23.83 6.63 -11.46
C THR E 408 25.11 6.89 -12.23
N ARG E 409 25.88 7.87 -11.76
CA ARG E 409 27.14 8.22 -12.41
C ARG E 409 28.01 6.97 -12.56
N ILE E 410 28.26 6.30 -11.43
CA ILE E 410 29.08 5.10 -11.42
C ILE E 410 28.64 4.14 -12.51
N LEU E 411 27.34 3.90 -12.58
CA LEU E 411 26.77 3.00 -13.56
C LEU E 411 27.24 3.34 -14.96
N VAL E 412 26.96 4.56 -15.40
CA VAL E 412 27.36 4.99 -16.72
C VAL E 412 28.85 4.70 -16.88
N ARG E 413 29.60 4.89 -15.80
CA ARG E 413 31.05 4.64 -15.82
C ARG E 413 31.32 3.18 -16.17
N LYS E 414 30.50 2.30 -15.61
CA LYS E 414 30.63 0.88 -15.85
C LYS E 414 29.88 0.56 -17.12
N SER E 415 29.02 1.50 -17.52
CA SER E 415 28.22 1.36 -18.74
C SER E 415 29.12 1.59 -19.94
N GLU E 416 30.38 1.90 -19.67
CA GLU E 416 31.35 2.18 -20.74
C GLU E 416 31.91 0.89 -21.32
N GLN E 417 31.65 0.66 -22.60
CA GLN E 417 32.12 -0.53 -23.28
C GLN E 417 33.63 -0.60 -23.26
N PRO E 418 34.20 -1.80 -23.45
CA PRO E 418 35.65 -1.98 -23.44
C PRO E 418 36.36 -1.20 -24.53
N ASP E 419 37.38 -0.46 -24.15
CA ASP E 419 38.14 0.34 -25.11
C ASP E 419 38.84 -0.56 -26.13
N GLU E 420 38.81 -0.16 -27.40
CA GLU E 420 39.47 -0.94 -28.43
C GLU E 420 40.97 -0.86 -28.16
N LYS E 421 41.33 -0.20 -27.06
CA LYS E 421 42.74 -0.10 -26.67
C LYS E 421 43.06 -1.54 -26.35
N SER E 422 42.27 -2.12 -25.46
CA SER E 422 42.44 -3.52 -25.11
C SER E 422 41.99 -4.25 -26.36
N LEU E 423 41.36 -3.50 -27.25
CA LEU E 423 40.83 -4.01 -28.52
C LEU E 423 40.12 -5.31 -28.28
N ALA E 424 39.26 -5.34 -27.27
CA ALA E 424 38.53 -6.54 -26.97
C ALA E 424 39.47 -7.74 -27.07
N LYS E 425 40.41 -7.87 -26.14
CA LYS E 425 41.30 -9.01 -26.12
C LYS E 425 40.52 -10.07 -25.34
N TRP E 426 39.27 -9.72 -25.08
CA TRP E 426 38.33 -10.57 -24.37
C TRP E 426 37.72 -11.58 -25.34
N SER E 427 37.09 -12.62 -24.80
CA SER E 427 36.45 -13.65 -25.61
C SER E 427 34.96 -13.31 -25.61
N SER E 428 34.25 -13.67 -26.67
CA SER E 428 32.82 -13.36 -26.78
C SER E 428 32.03 -13.67 -25.52
N ASP E 429 32.46 -14.69 -24.79
CA ASP E 429 31.79 -15.09 -23.55
C ASP E 429 31.62 -13.81 -22.75
N ASP E 430 32.76 -13.19 -22.44
CA ASP E 430 32.84 -11.94 -21.72
C ASP E 430 31.95 -10.89 -22.38
N LEU E 431 32.08 -10.75 -23.70
CA LEU E 431 31.28 -9.80 -24.44
C LEU E 431 29.79 -10.12 -24.33
N GLU E 432 29.45 -11.40 -24.48
CA GLU E 432 28.06 -11.86 -24.35
C GLU E 432 27.58 -11.52 -22.95
N CYS E 433 28.38 -11.89 -21.94
CA CYS E 433 28.03 -11.63 -20.54
C CYS E 433 27.96 -10.13 -20.21
N PHE E 434 28.83 -9.33 -20.86
CA PHE E 434 28.81 -7.90 -20.62
C PHE E 434 27.45 -7.36 -21.04
N ARG E 435 26.97 -7.84 -22.18
CA ARG E 435 25.68 -7.44 -22.71
C ARG E 435 24.63 -7.69 -21.65
N CYS E 436 24.66 -8.88 -21.07
CA CYS E 436 23.72 -9.24 -20.02
C CYS E 436 23.93 -8.23 -18.90
N TYR E 437 25.18 -8.03 -18.53
CA TYR E 437 25.56 -7.10 -17.49
C TYR E 437 24.88 -5.76 -17.73
N ARG E 438 25.14 -5.19 -18.89
CA ARG E 438 24.56 -3.91 -19.28
C ARG E 438 23.06 -3.91 -19.03
N GLN E 439 22.40 -5.04 -19.29
CA GLN E 439 20.97 -5.13 -19.08
C GLN E 439 20.64 -4.83 -17.62
N ASP E 440 21.37 -5.46 -16.71
CA ASP E 440 21.14 -5.26 -15.28
C ASP E 440 21.51 -3.84 -14.92
N ILE E 441 22.52 -3.31 -15.60
CA ILE E 441 22.99 -1.97 -15.32
C ILE E 441 22.02 -0.89 -15.81
N SER E 442 21.27 -1.20 -16.87
CA SER E 442 20.30 -0.24 -17.40
C SER E 442 19.01 -0.34 -16.60
N ASP E 443 18.79 -1.50 -16.00
CA ASP E 443 17.62 -1.73 -15.17
C ASP E 443 17.81 -0.92 -13.90
N THR E 444 19.01 -1.00 -13.34
CA THR E 444 19.33 -0.27 -12.12
C THR E 444 19.04 1.20 -12.44
N PHE E 445 19.52 1.67 -13.60
CA PHE E 445 19.29 3.03 -14.04
C PHE E 445 17.80 3.30 -13.81
N MET E 446 16.98 2.61 -14.58
CA MET E 446 15.55 2.74 -14.48
C MET E 446 15.14 2.99 -13.04
N TYR E 447 15.38 1.99 -12.20
CA TYR E 447 15.02 2.09 -10.80
C TYR E 447 15.34 3.41 -10.15
N CYS E 448 16.58 3.85 -10.25
CA CYS E 448 16.92 5.12 -9.62
C CYS E 448 16.16 6.26 -10.26
N TYR E 449 15.65 6.06 -11.48
CA TYR E 449 14.87 7.11 -12.13
C TYR E 449 13.63 7.38 -11.27
N ASP E 450 13.15 6.33 -10.60
CA ASP E 450 11.97 6.46 -9.74
C ASP E 450 12.23 7.43 -8.59
N VAL E 451 13.51 7.65 -8.25
CA VAL E 451 13.82 8.60 -7.18
C VAL E 451 13.73 10.04 -7.68
N LEU E 452 14.32 10.28 -8.83
CA LEU E 452 14.33 11.61 -9.42
C LEU E 452 13.86 11.51 -10.87
N ASN E 453 12.59 11.78 -11.10
CA ASN E 453 12.03 11.69 -12.44
C ASN E 453 12.79 12.49 -13.50
N ASP E 454 13.36 13.62 -13.11
CA ASP E 454 14.11 14.45 -14.05
C ASP E 454 15.56 14.54 -13.62
N TYR E 455 15.81 14.62 -12.32
CA TYR E 455 17.18 14.73 -11.82
C TYR E 455 18.16 13.79 -12.51
N ILE E 456 17.77 12.54 -12.71
CA ILE E 456 18.69 11.63 -13.36
C ILE E 456 19.04 12.20 -14.73
N LEU E 457 18.03 12.71 -15.42
CA LEU E 457 18.24 13.30 -16.75
C LEU E 457 19.31 14.36 -16.74
N GLU E 458 19.47 15.02 -15.60
CA GLU E 458 20.46 16.08 -15.46
C GLU E 458 21.85 15.47 -15.46
N ILE E 459 22.07 14.53 -14.54
CA ILE E 459 23.35 13.84 -14.44
C ILE E 459 23.79 13.29 -15.78
N LEU E 460 22.92 12.52 -16.41
CA LEU E 460 23.24 11.93 -17.71
C LEU E 460 23.72 13.00 -18.68
N ALA E 461 23.05 14.15 -18.67
CA ALA E 461 23.43 15.26 -19.54
C ALA E 461 24.86 15.65 -19.18
N ALA E 462 25.06 15.95 -17.90
CA ALA E 462 26.38 16.34 -17.39
C ALA E 462 27.46 15.40 -17.91
N MET E 463 27.21 14.10 -17.80
CA MET E 463 28.18 13.12 -18.26
C MET E 463 28.30 13.09 -19.77
N LEU E 464 27.31 13.63 -20.46
CA LEU E 464 27.39 13.67 -21.91
C LEU E 464 28.18 14.91 -22.30
N ASP E 465 27.99 16.00 -21.57
CA ASP E 465 28.72 17.22 -21.85
C ASP E 465 30.21 16.92 -21.69
N GLU E 466 30.55 16.23 -20.61
CA GLU E 466 31.93 15.84 -20.39
C GLU E 466 32.31 14.93 -21.56
N ALA E 467 31.43 13.97 -21.85
CA ALA E 467 31.65 13.05 -22.95
C ALA E 467 32.00 13.83 -24.21
N ILE E 468 31.54 15.07 -24.26
CA ILE E 468 31.81 15.95 -25.39
C ILE E 468 33.28 16.37 -25.29
N ALA E 469 33.66 16.85 -24.12
CA ALA E 469 35.02 17.29 -23.86
C ALA E 469 36.01 16.12 -23.85
N ASP E 470 35.48 14.90 -23.98
CA ASP E 470 36.31 13.70 -24.00
C ASP E 470 36.78 13.44 -25.43
N LEU E 471 35.82 13.46 -26.37
CA LEU E 471 36.15 13.23 -27.77
C LEU E 471 36.80 14.49 -28.33
N GLN E 472 36.33 15.64 -27.85
CA GLN E 472 36.85 16.94 -28.26
C GLN E 472 38.37 16.99 -28.16
N ARG E 473 38.89 16.67 -26.97
CA ARG E 473 40.33 16.67 -26.72
C ARG E 473 41.01 15.42 -27.31
N HIS E 474 40.34 14.29 -27.23
CA HIS E 474 40.86 13.04 -27.76
C HIS E 474 39.70 12.37 -28.52
N PRO E 475 39.67 12.51 -29.84
CA PRO E 475 38.61 11.92 -30.67
C PRO E 475 38.51 10.40 -30.60
N THR E 476 39.42 9.77 -29.88
CA THR E 476 39.42 8.32 -29.75
C THR E 476 38.53 7.88 -28.59
N HIS E 477 37.99 8.85 -27.86
CA HIS E 477 37.12 8.57 -26.71
C HIS E 477 35.68 8.33 -27.13
N TRP E 478 35.47 7.24 -27.84
CA TRP E 478 34.16 6.87 -28.31
C TRP E 478 33.43 6.09 -27.18
N THR E 479 34.21 5.46 -26.30
CA THR E 479 33.68 4.64 -25.19
C THR E 479 32.77 5.46 -24.32
N LYS E 480 33.21 6.68 -24.01
CA LYS E 480 32.44 7.60 -23.19
C LYS E 480 31.22 8.12 -23.95
N LEU E 481 31.32 8.20 -25.28
CA LEU E 481 30.21 8.66 -26.11
C LEU E 481 29.13 7.59 -26.16
N GLU E 482 29.54 6.37 -26.46
CA GLU E 482 28.62 5.24 -26.54
C GLU E 482 28.03 4.89 -25.17
N ALA E 483 28.85 5.02 -24.13
CA ALA E 483 28.39 4.74 -22.77
C ALA E 483 27.35 5.77 -22.35
N CYS E 484 27.64 7.04 -22.59
CA CYS E 484 26.72 8.12 -22.24
C CYS E 484 25.42 7.92 -23.01
N ILE E 485 25.53 7.77 -24.33
CA ILE E 485 24.34 7.56 -25.13
C ILE E 485 23.60 6.37 -24.54
N TYR E 486 24.32 5.28 -24.28
CA TYR E 486 23.72 4.08 -23.71
C TYR E 486 22.92 4.41 -22.45
N SER E 487 23.49 5.26 -21.60
CA SER E 487 22.82 5.64 -20.36
C SER E 487 21.45 6.30 -20.62
N PHE E 488 21.37 7.11 -21.68
CA PHE E 488 20.12 7.78 -22.04
C PHE E 488 19.10 6.77 -22.54
N GLN E 489 19.52 5.88 -23.43
CA GLN E 489 18.63 4.87 -23.96
C GLN E 489 18.11 4.01 -22.81
N SER E 490 18.94 3.83 -21.79
CA SER E 490 18.55 3.03 -20.62
C SER E 490 17.34 3.63 -19.94
N VAL E 491 17.15 4.94 -20.10
CA VAL E 491 16.04 5.64 -19.49
C VAL E 491 14.98 6.02 -20.52
N ALA E 492 15.00 5.36 -21.67
CA ALA E 492 14.05 5.66 -22.74
C ALA E 492 12.71 4.97 -22.51
N GLU E 493 12.53 4.40 -21.33
CA GLU E 493 11.27 3.70 -21.01
C GLU E 493 10.47 4.43 -19.94
N HIS E 494 10.49 5.77 -19.98
CA HIS E 494 9.77 6.60 -19.03
C HIS E 494 9.07 7.79 -19.72
N ARG E 501 14.31 19.46 -21.77
CA ARG E 501 15.47 20.01 -22.46
C ARG E 501 16.64 19.04 -22.42
N GLN E 502 16.74 18.26 -21.34
CA GLN E 502 17.83 17.31 -21.21
C GLN E 502 17.81 16.29 -22.34
N ILE E 503 16.61 15.95 -22.78
CA ILE E 503 16.45 14.96 -23.84
C ILE E 503 16.87 15.43 -25.22
N PRO E 504 16.36 16.58 -25.68
CA PRO E 504 16.74 17.05 -27.01
C PRO E 504 18.25 17.25 -27.17
N ARG E 505 18.91 17.67 -26.09
CA ARG E 505 20.36 17.85 -26.13
C ARG E 505 20.91 16.57 -26.75
N LEU E 506 20.44 15.45 -26.22
CA LEU E 506 20.84 14.13 -26.68
C LEU E 506 20.68 13.99 -28.18
N MET E 507 19.51 14.38 -28.68
CA MET E 507 19.22 14.31 -30.11
C MET E 507 20.23 15.11 -30.91
N ARG E 508 20.40 16.38 -30.55
CA ARG E 508 21.34 17.27 -31.23
C ARG E 508 22.73 16.66 -31.20
N VAL E 509 23.16 16.27 -30.00
CA VAL E 509 24.46 15.66 -29.82
C VAL E 509 24.63 14.52 -30.81
N LEU E 510 23.60 13.71 -30.97
CA LEU E 510 23.66 12.58 -31.89
C LEU E 510 23.90 13.07 -33.30
N ALA E 511 23.20 14.14 -33.69
CA ALA E 511 23.35 14.69 -35.03
C ALA E 511 24.75 15.26 -35.23
N GLU E 512 25.21 16.03 -34.26
CA GLU E 512 26.53 16.66 -34.32
C GLU E 512 27.64 15.61 -34.44
N ILE E 513 27.58 14.57 -33.63
CA ILE E 513 28.58 13.51 -33.63
C ILE E 513 28.85 12.95 -35.03
N PRO E 514 30.07 13.18 -35.56
CA PRO E 514 30.43 12.70 -36.89
C PRO E 514 30.71 11.18 -36.84
N TYR E 515 29.65 10.40 -36.86
CA TYR E 515 29.77 8.94 -36.78
C TYR E 515 30.68 8.25 -37.78
N GLU E 516 30.96 8.89 -38.91
CA GLU E 516 31.83 8.29 -39.91
C GLU E 516 33.28 8.42 -39.48
N LYS E 517 33.53 9.29 -38.51
CA LYS E 517 34.87 9.55 -38.02
C LYS E 517 35.31 8.64 -36.87
N LEU E 518 34.37 8.20 -36.04
CA LEU E 518 34.70 7.33 -34.92
C LEU E 518 34.36 5.87 -35.16
N ASN E 519 34.77 5.00 -34.23
CA ASN E 519 34.52 3.56 -34.39
C ASN E 519 33.06 3.22 -34.70
N VAL E 520 32.90 2.24 -35.58
CA VAL E 520 31.61 1.74 -36.02
C VAL E 520 30.65 1.62 -34.84
N LYS E 521 31.19 1.27 -33.69
CA LYS E 521 30.37 1.09 -32.50
C LYS E 521 29.38 2.23 -32.24
N LEU E 522 29.81 3.48 -32.35
CA LEU E 522 28.94 4.62 -32.09
C LEU E 522 27.69 4.63 -32.98
N LEU E 523 27.87 4.30 -34.25
CA LEU E 523 26.76 4.26 -35.21
C LEU E 523 25.65 3.31 -34.79
N GLY E 524 26.04 2.14 -34.31
CA GLY E 524 25.05 1.16 -33.89
C GLY E 524 24.28 1.60 -32.67
N THR E 525 24.97 2.20 -31.71
CA THR E 525 24.34 2.68 -30.49
C THR E 525 23.46 3.87 -30.85
N ALA E 526 24.09 4.90 -31.41
CA ALA E 526 23.38 6.10 -31.81
C ALA E 526 22.03 5.73 -32.39
N LEU E 527 22.07 4.92 -33.44
CA LEU E 527 20.85 4.49 -34.11
C LEU E 527 19.90 3.73 -33.18
N GLU E 528 20.45 2.82 -32.38
CA GLU E 528 19.63 2.02 -31.48
C GLU E 528 18.98 2.85 -30.39
N THR E 529 19.71 3.84 -29.89
CA THR E 529 19.19 4.70 -28.83
C THR E 529 18.06 5.57 -29.36
N MET E 530 18.15 5.92 -30.64
CA MET E 530 17.14 6.74 -31.29
C MET E 530 15.86 5.93 -31.50
N GLY E 531 16.02 4.66 -31.84
CA GLY E 531 14.86 3.81 -32.05
C GLY E 531 14.05 3.77 -30.76
N SER E 532 14.74 3.58 -29.64
CA SER E 532 14.09 3.51 -28.35
C SER E 532 13.30 4.78 -28.05
N TYR E 533 13.75 5.90 -28.59
CA TYR E 533 13.05 7.18 -28.38
C TYR E 533 11.96 7.43 -29.41
N CYS E 534 11.48 6.36 -30.04
CA CYS E 534 10.45 6.48 -31.03
C CYS E 534 9.30 7.34 -30.49
N ASN E 535 8.82 7.00 -29.29
CA ASN E 535 7.72 7.71 -28.66
C ASN E 535 7.96 9.18 -28.47
N TRP E 536 9.08 9.52 -27.85
CA TRP E 536 9.40 10.93 -27.60
C TRP E 536 9.35 11.76 -28.87
N LEU E 537 9.56 11.12 -30.01
CA LEU E 537 9.54 11.84 -31.28
C LEU E 537 8.13 12.28 -31.65
N MET E 538 7.14 11.50 -31.25
CA MET E 538 5.75 11.84 -31.55
C MET E 538 5.26 12.87 -30.53
N TYR E 543 11.64 16.78 -34.60
CA TYR E 543 12.90 16.06 -34.38
C TYR E 543 12.95 14.76 -35.19
N ILE E 544 11.88 14.49 -35.93
CA ILE E 544 11.81 13.28 -36.75
C ILE E 544 12.63 13.36 -38.02
N PRO E 545 12.69 14.55 -38.65
CA PRO E 545 13.48 14.64 -39.88
C PRO E 545 14.95 14.20 -39.74
N PRO E 546 15.64 14.66 -38.67
CA PRO E 546 17.04 14.25 -38.50
C PRO E 546 17.14 12.78 -38.08
N ALA E 547 16.08 12.29 -37.44
CA ALA E 547 16.04 10.90 -37.01
C ALA E 547 16.21 10.04 -38.24
N ILE E 548 15.42 10.37 -39.26
CA ILE E 548 15.46 9.67 -40.54
C ILE E 548 16.87 9.77 -41.09
N ASN E 549 17.40 10.99 -41.07
CA ASN E 549 18.74 11.24 -41.57
C ASN E 549 19.75 10.29 -40.94
N LEU E 550 19.64 10.12 -39.63
CA LEU E 550 20.55 9.24 -38.90
C LEU E 550 20.33 7.78 -39.32
N LEU E 551 19.09 7.31 -39.25
CA LEU E 551 18.76 5.94 -39.62
C LEU E 551 19.22 5.63 -41.03
N VAL E 552 18.73 6.39 -42.01
CA VAL E 552 19.13 6.14 -43.38
C VAL E 552 20.66 6.11 -43.46
N ARG E 553 21.30 7.00 -42.73
CA ARG E 553 22.76 7.07 -42.73
C ARG E 553 23.30 5.79 -42.11
N GLY E 554 22.73 5.40 -40.97
CA GLY E 554 23.19 4.20 -40.30
C GLY E 554 23.08 2.96 -41.14
N LEU E 555 22.24 3.01 -42.17
CA LEU E 555 22.07 1.88 -43.07
C LEU E 555 23.30 1.77 -43.97
N ASN E 556 23.83 2.93 -44.38
CA ASN E 556 25.01 3.02 -45.22
C ASN E 556 26.21 2.24 -44.65
N SER E 557 26.43 2.34 -43.34
CA SER E 557 27.55 1.66 -42.68
C SER E 557 27.34 0.16 -42.41
N SER E 558 28.32 -0.41 -41.71
CA SER E 558 28.35 -1.82 -41.33
C SER E 558 27.11 -2.29 -40.56
N MET E 559 26.73 -1.50 -39.55
CA MET E 559 25.59 -1.84 -38.71
C MET E 559 24.23 -1.50 -39.29
N SER E 560 23.83 -2.26 -40.31
CA SER E 560 22.56 -2.04 -40.96
C SER E 560 21.43 -2.54 -40.05
N ALA E 561 21.56 -3.78 -39.57
CA ALA E 561 20.55 -4.37 -38.69
C ALA E 561 20.10 -3.42 -37.59
N GLN E 562 21.04 -2.74 -36.96
CA GLN E 562 20.73 -1.79 -35.90
C GLN E 562 19.79 -0.69 -36.43
N ALA E 563 20.17 -0.08 -37.54
CA ALA E 563 19.37 0.98 -38.15
C ALA E 563 18.03 0.39 -38.55
N THR E 564 18.06 -0.87 -38.95
CA THR E 564 16.87 -1.59 -39.34
C THR E 564 15.89 -1.56 -38.16
N LEU E 565 16.33 -2.09 -37.03
CA LEU E 565 15.51 -2.13 -35.83
C LEU E 565 15.01 -0.73 -35.52
N GLY E 566 15.92 0.25 -35.55
CA GLY E 566 15.54 1.62 -35.27
C GLY E 566 14.44 2.11 -36.18
N LEU E 567 14.60 1.84 -37.47
CA LEU E 567 13.61 2.25 -38.46
C LEU E 567 12.26 1.62 -38.15
N LYS E 568 12.24 0.29 -38.07
CA LYS E 568 11.01 -0.47 -37.79
C LYS E 568 10.28 0.05 -36.55
N GLU E 569 11.03 0.44 -35.55
CA GLU E 569 10.43 0.96 -34.33
C GLU E 569 9.70 2.24 -34.68
N LEU E 570 10.42 3.16 -35.32
CA LEU E 570 9.87 4.44 -35.71
C LEU E 570 8.60 4.26 -36.54
N CYS E 571 8.65 3.39 -37.54
CA CYS E 571 7.51 3.14 -38.39
C CYS E 571 6.28 2.67 -37.62
N ARG E 572 6.49 1.73 -36.70
CA ARG E 572 5.42 1.17 -35.90
C ARG E 572 4.74 2.12 -34.91
N ASP E 573 5.51 3.03 -34.33
CA ASP E 573 4.96 3.94 -33.32
C ASP E 573 4.56 5.35 -33.76
N CYS E 574 5.19 5.87 -34.81
CA CYS E 574 4.84 7.21 -35.27
C CYS E 574 4.70 7.22 -36.79
N GLN E 575 3.72 6.46 -37.30
CA GLN E 575 3.47 6.38 -38.72
C GLN E 575 2.91 7.70 -39.25
N LEU E 576 1.75 8.12 -38.73
CA LEU E 576 1.08 9.37 -39.13
C LEU E 576 2.09 10.48 -39.28
N GLN E 577 2.97 10.59 -38.30
CA GLN E 577 3.98 11.65 -38.31
C GLN E 577 4.97 11.61 -39.47
N LEU E 578 5.25 10.40 -39.99
CA LEU E 578 6.19 10.19 -41.09
C LEU E 578 5.52 10.26 -42.46
N LYS E 579 4.21 10.45 -42.51
CA LYS E 579 3.49 10.52 -43.78
C LYS E 579 4.18 11.46 -44.78
N PRO E 580 4.58 12.67 -44.34
CA PRO E 580 5.24 13.58 -45.28
C PRO E 580 6.52 12.98 -45.89
N TYR E 581 7.26 12.21 -45.09
CA TYR E 581 8.51 11.57 -45.50
C TYR E 581 8.30 10.15 -46.03
N ALA E 582 7.05 9.69 -46.08
CA ALA E 582 6.73 8.35 -46.57
C ALA E 582 7.17 8.17 -48.02
N ASP E 583 6.88 9.17 -48.85
CA ASP E 583 7.28 9.15 -50.25
C ASP E 583 8.81 8.98 -50.30
N PRO E 584 9.55 9.80 -49.50
CA PRO E 584 11.02 9.75 -49.44
C PRO E 584 11.62 8.45 -48.88
N LEU E 585 11.36 8.17 -47.61
CA LEU E 585 11.89 6.96 -46.97
C LEU E 585 11.65 5.74 -47.85
N LEU E 586 10.38 5.46 -48.12
CA LEU E 586 10.00 4.31 -48.95
C LEU E 586 10.96 4.12 -50.11
N ASN E 587 11.28 5.22 -50.80
CA ASN E 587 12.18 5.15 -51.94
C ASN E 587 13.64 5.03 -51.50
N ALA E 588 13.99 5.66 -50.40
CA ALA E 588 15.36 5.60 -49.88
C ALA E 588 15.65 4.17 -49.43
N CYS E 589 14.59 3.51 -48.97
CA CYS E 589 14.68 2.14 -48.49
C CYS E 589 14.92 1.18 -49.65
N HIS E 590 14.11 1.31 -50.69
CA HIS E 590 14.23 0.46 -51.87
C HIS E 590 15.65 0.51 -52.40
N ALA E 591 16.28 1.67 -52.30
CA ALA E 591 17.64 1.87 -52.77
C ALA E 591 18.61 1.13 -51.85
N SER E 592 18.45 1.34 -50.55
CA SER E 592 19.31 0.71 -49.56
C SER E 592 19.32 -0.81 -49.72
N LEU E 593 18.19 -1.35 -50.18
CA LEU E 593 18.06 -2.78 -50.39
C LEU E 593 18.87 -3.24 -51.62
N ASN E 594 18.90 -2.40 -52.65
CA ASN E 594 19.62 -2.64 -53.92
C ASN E 594 21.04 -3.18 -53.71
N THR E 595 21.84 -2.48 -52.93
CA THR E 595 23.19 -2.97 -52.68
C THR E 595 22.93 -4.33 -52.06
N GLY E 596 23.74 -5.32 -52.39
CA GLY E 596 23.56 -6.63 -51.81
C GLY E 596 24.20 -6.59 -50.42
N ARG E 597 24.85 -5.45 -50.17
CA ARG E 597 25.56 -5.20 -48.93
C ARG E 597 24.67 -5.42 -47.71
N MET E 598 23.43 -4.96 -47.79
CA MET E 598 22.50 -5.14 -46.68
C MET E 598 22.22 -6.64 -46.53
N LYS E 599 22.13 -7.10 -45.28
CA LYS E 599 21.86 -8.51 -45.02
C LYS E 599 20.39 -8.83 -45.25
N ASN E 600 20.13 -9.88 -46.03
CA ASN E 600 18.78 -10.33 -46.35
C ASN E 600 17.97 -10.47 -45.06
N SER E 601 18.58 -11.17 -44.10
CA SER E 601 17.98 -11.42 -42.80
C SER E 601 17.45 -10.09 -42.27
N ASP E 602 18.32 -9.10 -42.24
CA ASP E 602 17.98 -7.75 -41.78
C ASP E 602 17.09 -7.03 -42.79
N SER E 603 17.39 -7.20 -44.08
CA SER E 603 16.63 -6.55 -45.15
C SER E 603 15.14 -6.83 -45.03
N VAL E 604 14.79 -7.91 -44.37
CA VAL E 604 13.40 -8.28 -44.19
C VAL E 604 12.67 -7.27 -43.31
N ARG E 605 13.32 -6.80 -42.26
CA ARG E 605 12.68 -5.83 -41.39
C ARG E 605 12.45 -4.52 -42.12
N LEU E 606 13.34 -4.20 -43.06
CA LEU E 606 13.21 -2.98 -43.85
C LEU E 606 11.91 -3.11 -44.64
N MET E 607 11.61 -4.34 -45.02
CA MET E 607 10.40 -4.62 -45.78
C MET E 607 9.20 -4.29 -44.90
N PHE E 608 9.37 -4.50 -43.60
CA PHE E 608 8.30 -4.21 -42.63
C PHE E 608 8.03 -2.70 -42.64
N SER E 609 9.11 -1.94 -42.47
CA SER E 609 9.03 -0.48 -42.44
C SER E 609 8.43 0.06 -43.74
N ILE E 610 8.80 -0.55 -44.85
CA ILE E 610 8.29 -0.13 -46.14
C ILE E 610 6.77 -0.29 -46.12
N GLY E 611 6.31 -1.52 -45.94
CA GLY E 611 4.87 -1.78 -45.90
C GLY E 611 4.12 -0.81 -45.00
N LYS E 612 4.73 -0.46 -43.88
CA LYS E 612 4.11 0.47 -42.95
C LYS E 612 4.16 1.89 -43.51
N LEU E 613 5.20 2.18 -44.28
CA LEU E 613 5.36 3.49 -44.91
C LEU E 613 4.39 3.63 -46.08
N MET E 614 4.21 2.54 -46.81
CA MET E 614 3.31 2.53 -47.95
C MET E 614 1.90 2.93 -47.53
N SER E 615 1.48 2.42 -46.37
CA SER E 615 0.15 2.73 -45.85
C SER E 615 -0.02 4.24 -45.82
N LEU E 616 1.04 4.94 -45.46
CA LEU E 616 1.01 6.39 -45.38
C LEU E 616 1.28 7.05 -46.73
N LEU E 617 1.07 6.32 -47.81
CA LEU E 617 1.28 6.89 -49.14
C LEU E 617 -0.02 7.38 -49.73
N ARG E 618 0.11 8.11 -50.83
CA ARG E 618 -1.04 8.66 -51.54
C ARG E 618 -1.61 7.59 -52.48
N PRO E 619 -2.87 7.74 -52.89
CA PRO E 619 -3.54 6.79 -53.80
C PRO E 619 -2.69 6.48 -55.03
N GLU E 620 -2.36 7.54 -55.75
CA GLU E 620 -1.56 7.49 -56.96
C GLU E 620 -0.26 6.67 -56.87
N GLU E 621 0.54 7.00 -55.87
CA GLU E 621 1.85 6.41 -55.63
C GLU E 621 1.98 4.97 -55.11
N ILE E 622 1.00 4.50 -54.35
CA ILE E 622 1.08 3.16 -53.76
C ILE E 622 1.43 2.00 -54.69
N PRO E 623 0.50 1.62 -55.60
CA PRO E 623 0.81 0.50 -56.50
C PRO E 623 2.14 0.58 -57.26
N LYS E 624 2.50 1.77 -57.76
CA LYS E 624 3.76 1.96 -58.49
C LYS E 624 4.93 1.63 -57.56
N TYR E 625 4.78 2.00 -56.29
CA TYR E 625 5.80 1.73 -55.28
C TYR E 625 5.83 0.23 -55.01
N LEU E 626 4.65 -0.37 -54.96
CA LEU E 626 4.53 -1.79 -54.73
C LEU E 626 5.16 -2.48 -55.93
N ASP E 627 4.84 -2.02 -57.13
CA ASP E 627 5.40 -2.61 -58.33
C ASP E 627 6.92 -2.49 -58.29
N ILE E 628 7.40 -1.28 -58.00
CA ILE E 628 8.82 -1.02 -57.91
C ILE E 628 9.48 -1.84 -56.80
N ILE E 629 8.69 -2.20 -55.78
CA ILE E 629 9.19 -2.93 -54.60
C ILE E 629 8.81 -4.41 -54.44
N VAL E 630 7.90 -4.89 -55.28
CA VAL E 630 7.45 -6.28 -55.21
C VAL E 630 7.76 -7.10 -56.46
N SER E 631 7.61 -6.47 -57.62
CA SER E 631 7.88 -7.14 -58.87
C SER E 631 9.22 -7.91 -58.84
N PRO E 632 10.32 -7.26 -58.42
CA PRO E 632 11.63 -7.90 -58.37
C PRO E 632 11.63 -9.22 -57.59
N CYS E 633 10.94 -9.21 -56.45
CA CYS E 633 10.84 -10.39 -55.60
C CYS E 633 10.21 -11.59 -56.31
N PHE E 634 9.11 -11.38 -57.04
CA PHE E 634 8.44 -12.45 -57.78
C PHE E 634 9.24 -12.88 -59.01
N GLU E 635 9.65 -11.93 -59.83
CA GLU E 635 10.42 -12.26 -61.02
C GLU E 635 11.68 -13.03 -60.61
N GLU E 636 12.37 -12.61 -59.54
CA GLU E 636 13.56 -13.34 -59.11
C GLU E 636 13.16 -14.78 -58.90
N LEU E 637 12.09 -14.97 -58.15
CA LEU E 637 11.55 -16.29 -57.86
C LEU E 637 11.20 -16.96 -59.20
N GLN E 638 10.54 -16.21 -60.07
CA GLN E 638 10.15 -16.70 -61.39
C GLN E 638 11.39 -17.22 -62.14
N ALA E 639 12.46 -16.43 -62.16
CA ALA E 639 13.69 -16.84 -62.82
C ALA E 639 14.06 -18.24 -62.31
N ILE E 640 14.14 -18.40 -60.99
CA ILE E 640 14.45 -19.71 -60.40
C ILE E 640 13.40 -20.71 -60.87
N CYS E 641 12.16 -20.23 -61.02
CA CYS E 641 11.08 -21.10 -61.47
C CYS E 641 11.57 -21.77 -62.76
N GLN E 642 12.53 -21.13 -63.43
CA GLN E 642 13.10 -21.70 -64.65
C GLN E 642 13.58 -23.12 -64.32
N ALA E 643 14.12 -23.25 -63.11
CA ALA E 643 14.65 -24.49 -62.52
C ALA E 643 16.15 -24.68 -62.74
N THR E 647 21.11 -25.56 -57.31
CA THR E 647 19.80 -25.59 -56.69
C THR E 647 19.86 -25.22 -55.21
N PRO E 648 20.73 -25.89 -54.43
CA PRO E 648 20.83 -25.56 -53.00
C PRO E 648 21.15 -24.08 -52.83
N ALA E 649 21.78 -23.51 -53.85
CA ALA E 649 22.12 -22.10 -53.84
C ALA E 649 20.84 -21.33 -54.18
N ALA E 650 19.99 -21.96 -54.98
CA ALA E 650 18.72 -21.37 -55.39
C ALA E 650 17.72 -21.40 -54.25
N ARG E 651 17.75 -22.48 -53.47
CA ARG E 651 16.85 -22.65 -52.34
C ARG E 651 16.88 -21.42 -51.43
N ILE E 652 18.06 -20.85 -51.25
CA ILE E 652 18.22 -19.68 -50.42
C ILE E 652 17.45 -18.50 -51.01
N ARG E 653 17.79 -18.14 -52.25
CA ARG E 653 17.13 -17.02 -52.93
C ARG E 653 15.63 -17.20 -52.86
N THR E 654 15.18 -18.44 -53.00
CA THR E 654 13.77 -18.75 -52.94
C THR E 654 13.17 -18.35 -51.60
N ILE E 655 13.85 -18.73 -50.53
CA ILE E 655 13.41 -18.41 -49.18
C ILE E 655 13.33 -16.91 -48.95
N PHE E 656 14.42 -16.21 -49.21
CA PHE E 656 14.46 -14.77 -49.02
C PHE E 656 13.27 -14.10 -49.70
N ARG E 657 13.19 -14.22 -51.02
CA ARG E 657 12.10 -13.60 -51.76
C ARG E 657 10.75 -13.96 -51.18
N LEU E 658 10.58 -15.22 -50.80
CA LEU E 658 9.32 -15.64 -50.21
C LEU E 658 9.05 -14.92 -48.90
N ASN E 659 10.03 -14.90 -48.00
CA ASN E 659 9.84 -14.24 -46.72
C ASN E 659 9.65 -12.74 -46.88
N MET E 660 10.44 -12.11 -47.75
CA MET E 660 10.34 -10.67 -47.99
C MET E 660 8.90 -10.26 -48.21
N ILE E 661 8.24 -10.99 -49.10
CA ILE E 661 6.84 -10.74 -49.41
C ILE E 661 6.06 -10.97 -48.13
N SER E 662 6.21 -12.18 -47.58
CA SER E 662 5.55 -12.61 -46.35
C SER E 662 5.56 -11.48 -45.32
N THR E 663 6.70 -10.81 -45.21
CA THR E 663 6.87 -9.71 -44.28
C THR E 663 6.10 -8.49 -44.77
N LEU E 664 6.45 -8.01 -45.96
CA LEU E 664 5.79 -6.84 -46.53
C LEU E 664 4.29 -7.02 -46.39
N PHE E 665 3.80 -8.23 -46.67
CA PHE E 665 2.38 -8.54 -46.55
C PHE E 665 1.95 -8.35 -45.11
N SER E 666 2.70 -8.97 -44.20
CA SER E 666 2.41 -8.88 -42.78
C SER E 666 2.15 -7.45 -42.33
N SER E 667 3.08 -6.56 -42.63
CA SER E 667 2.94 -5.16 -42.22
C SER E 667 1.92 -4.41 -43.08
N LEU E 668 1.74 -4.84 -44.32
CA LEU E 668 0.81 -4.17 -45.20
C LEU E 668 -0.64 -4.55 -44.92
N ASN E 669 -0.85 -5.48 -43.99
CA ASN E 669 -2.20 -5.91 -43.67
C ASN E 669 -2.83 -4.91 -42.71
N THR E 670 -2.08 -3.89 -42.35
CA THR E 670 -2.54 -2.85 -41.44
C THR E 670 -3.51 -1.92 -42.17
N PRO E 684 -6.71 -2.81 -52.14
CA PRO E 684 -5.72 -3.10 -51.11
C PRO E 684 -4.53 -3.83 -51.72
N VAL E 685 -4.16 -4.95 -51.11
CA VAL E 685 -3.04 -5.76 -51.59
C VAL E 685 -3.57 -6.95 -52.38
N LEU E 686 -4.89 -7.09 -52.40
CA LEU E 686 -5.56 -8.17 -53.10
C LEU E 686 -5.14 -8.34 -54.55
N LEU E 687 -5.07 -7.24 -55.30
CA LEU E 687 -4.68 -7.32 -56.69
C LEU E 687 -3.29 -7.93 -56.84
N VAL E 688 -2.42 -7.66 -55.87
CA VAL E 688 -1.07 -8.21 -55.89
C VAL E 688 -1.12 -9.72 -55.77
N MET E 689 -1.91 -10.20 -54.82
CA MET E 689 -2.04 -11.64 -54.60
C MET E 689 -2.74 -12.35 -55.76
N GLN E 690 -3.80 -11.75 -56.28
CA GLN E 690 -4.56 -12.33 -57.38
C GLN E 690 -3.69 -12.80 -58.53
N ARG E 691 -2.81 -11.92 -59.01
CA ARG E 691 -1.92 -12.24 -60.11
C ARG E 691 -0.72 -13.07 -59.65
N THR E 692 -0.65 -13.34 -58.35
CA THR E 692 0.46 -14.09 -57.77
C THR E 692 0.16 -15.56 -57.46
N MET E 693 -1.06 -15.81 -57.01
CA MET E 693 -1.51 -17.16 -56.65
C MET E 693 -0.92 -18.29 -57.49
N PRO E 694 -0.77 -18.09 -58.82
CA PRO E 694 -0.22 -19.17 -59.63
C PRO E 694 1.22 -19.54 -59.35
N ILE E 695 2.04 -18.55 -59.00
CA ILE E 695 3.45 -18.81 -58.74
C ILE E 695 3.69 -19.64 -57.48
N PHE E 696 2.79 -19.56 -56.52
CA PHE E 696 2.96 -20.35 -55.30
C PHE E 696 2.80 -21.83 -55.63
N LYS E 697 1.95 -22.12 -56.62
CA LYS E 697 1.74 -23.50 -57.06
C LYS E 697 3.09 -23.98 -57.60
N ARG E 698 3.68 -23.15 -58.45
CA ARG E 698 4.97 -23.43 -59.08
C ARG E 698 6.09 -23.61 -58.06
N ILE E 699 6.14 -22.73 -57.06
CA ILE E 699 7.17 -22.83 -56.05
C ILE E 699 7.02 -24.12 -55.27
N ALA E 700 5.78 -24.50 -55.03
CA ALA E 700 5.49 -25.72 -54.29
C ALA E 700 6.11 -26.94 -54.97
N GLU E 701 5.99 -27.03 -56.29
CA GLU E 701 6.55 -28.16 -57.03
C GLU E 701 8.06 -28.25 -56.83
N MET E 702 8.72 -27.09 -56.86
CA MET E 702 10.15 -27.00 -56.67
C MET E 702 10.45 -27.37 -55.24
N TRP E 703 9.57 -26.94 -54.36
CA TRP E 703 9.73 -27.19 -52.94
C TRP E 703 8.93 -28.39 -52.48
N VAL E 704 8.38 -29.16 -53.40
CA VAL E 704 7.56 -30.32 -53.00
C VAL E 704 8.28 -31.23 -52.02
N GLU E 705 9.58 -31.39 -52.21
CA GLU E 705 10.37 -32.24 -51.34
C GLU E 705 11.07 -31.53 -50.19
N GLU E 706 11.06 -30.20 -50.20
CA GLU E 706 11.72 -29.44 -49.14
C GLU E 706 10.76 -28.63 -48.29
N ILE E 707 10.44 -29.14 -47.10
CA ILE E 707 9.51 -28.44 -46.21
C ILE E 707 10.01 -27.03 -45.91
N ASP E 708 11.33 -26.87 -45.79
CA ASP E 708 11.91 -25.56 -45.51
C ASP E 708 11.29 -24.52 -46.43
N VAL E 709 11.52 -24.69 -47.72
CA VAL E 709 10.96 -23.78 -48.71
C VAL E 709 9.45 -23.82 -48.64
N LEU E 710 8.91 -25.01 -48.42
CA LEU E 710 7.48 -25.20 -48.32
C LEU E 710 6.90 -24.29 -47.25
N GLU E 711 7.38 -24.44 -46.02
CA GLU E 711 6.91 -23.63 -44.91
C GLU E 711 7.03 -22.15 -45.27
N ALA E 712 8.15 -21.78 -45.90
CA ALA E 712 8.40 -20.41 -46.30
C ALA E 712 7.33 -19.86 -47.23
N ALA E 713 6.95 -20.65 -48.23
CA ALA E 713 5.93 -20.21 -49.18
C ALA E 713 4.57 -20.10 -48.49
N CYS E 714 4.19 -21.12 -47.73
CA CYS E 714 2.92 -21.12 -47.02
C CYS E 714 2.76 -19.89 -46.13
N SER E 715 3.78 -19.60 -45.33
CA SER E 715 3.73 -18.44 -44.44
C SER E 715 3.34 -17.25 -45.29
N ALA E 716 4.08 -17.05 -46.38
CA ALA E 716 3.83 -15.96 -47.30
C ALA E 716 2.36 -15.98 -47.70
N MET E 717 1.91 -17.14 -48.19
CA MET E 717 0.53 -17.31 -48.62
C MET E 717 -0.44 -16.90 -47.51
N LYS E 718 -0.22 -17.45 -46.31
CA LYS E 718 -1.06 -17.18 -45.15
C LYS E 718 -1.22 -15.69 -44.84
N HIS E 719 -0.09 -15.01 -44.69
CA HIS E 719 -0.11 -13.59 -44.37
C HIS E 719 -0.90 -12.73 -45.35
N ALA E 720 -0.89 -13.11 -46.62
CA ALA E 720 -1.60 -12.35 -47.63
C ALA E 720 -3.08 -12.72 -47.63
N ILE E 721 -3.35 -13.99 -47.35
CA ILE E 721 -4.73 -14.48 -47.31
C ILE E 721 -5.52 -13.79 -46.20
N THR E 722 -4.82 -13.32 -45.17
CA THR E 722 -5.44 -12.64 -44.03
C THR E 722 -6.27 -11.43 -44.46
N ASN E 723 -5.81 -10.74 -45.50
CA ASN E 723 -6.50 -9.56 -45.99
C ASN E 723 -7.91 -9.85 -46.55
N LEU E 724 -8.09 -10.99 -47.21
CA LEU E 724 -9.40 -11.33 -47.80
C LEU E 724 -10.60 -11.34 -46.85
N ARG E 725 -10.54 -12.07 -45.75
CA ARG E 725 -11.67 -12.10 -44.82
C ARG E 725 -12.18 -10.67 -44.67
N SER E 726 -11.26 -9.76 -44.34
CA SER E 726 -11.58 -8.34 -44.16
C SER E 726 -11.28 -7.55 -45.43
N GLN E 729 -12.54 -12.57 -52.21
CA GLN E 729 -12.85 -13.96 -51.90
C GLN E 729 -12.32 -14.86 -52.99
N PRO E 730 -11.68 -14.26 -54.00
CA PRO E 730 -11.12 -15.00 -55.13
C PRO E 730 -9.90 -15.79 -54.70
N MET E 731 -9.35 -15.43 -53.55
CA MET E 731 -8.17 -16.10 -53.02
C MET E 731 -8.48 -17.55 -52.66
N LEU E 732 -9.67 -17.77 -52.13
CA LEU E 732 -10.09 -19.10 -51.72
C LEU E 732 -9.94 -20.13 -52.84
N GLN E 733 -10.16 -19.71 -54.07
CA GLN E 733 -10.06 -20.61 -55.21
C GLN E 733 -8.66 -21.15 -55.46
N ASP E 734 -7.67 -20.27 -55.59
CA ASP E 734 -6.31 -20.72 -55.84
C ASP E 734 -5.75 -21.48 -54.66
N LEU E 735 -6.31 -21.23 -53.49
CA LEU E 735 -5.86 -21.90 -52.29
C LEU E 735 -6.13 -23.39 -52.45
N CYS E 736 -7.37 -23.73 -52.79
CA CYS E 736 -7.74 -25.12 -52.99
C CYS E 736 -6.89 -25.70 -54.12
N LEU E 737 -6.44 -24.82 -55.01
CA LEU E 737 -5.61 -25.22 -56.14
C LEU E 737 -4.17 -25.35 -55.65
N PHE E 738 -3.74 -24.37 -54.87
CA PHE E 738 -2.40 -24.33 -54.32
C PHE E 738 -2.23 -25.43 -53.28
N ILE E 739 -3.30 -25.69 -52.52
CA ILE E 739 -3.28 -26.72 -51.50
C ILE E 739 -3.46 -28.09 -52.16
N VAL E 740 -4.17 -28.12 -53.29
CA VAL E 740 -4.40 -29.37 -54.01
C VAL E 740 -3.11 -29.81 -54.70
N ALA E 741 -2.15 -28.89 -54.76
CA ALA E 741 -0.85 -29.16 -55.36
C ALA E 741 0.07 -29.53 -54.20
N SER E 742 -0.14 -28.85 -53.08
CA SER E 742 0.64 -29.10 -51.88
C SER E 742 0.33 -30.51 -51.40
N PHE E 743 -0.96 -30.80 -51.20
CA PHE E 743 -1.39 -32.12 -50.74
C PHE E 743 -0.82 -33.18 -51.67
N GLN E 744 -0.68 -32.82 -52.94
CA GLN E 744 -0.14 -33.72 -53.94
C GLN E 744 1.37 -33.63 -53.97
N CYS E 747 2.52 -35.02 -47.88
CA CYS E 747 1.62 -34.66 -46.80
C CYS E 747 2.38 -34.10 -45.61
N CYS E 748 3.23 -33.12 -45.88
CA CYS E 748 4.04 -32.49 -44.85
C CYS E 748 3.15 -31.64 -43.94
N ALA E 749 3.68 -31.38 -42.75
CA ALA E 749 3.00 -30.61 -41.72
C ALA E 749 2.53 -29.16 -42.02
N PRO E 750 3.26 -28.39 -42.85
CA PRO E 750 2.84 -27.01 -43.15
C PRO E 750 1.54 -26.99 -43.95
N THR E 751 1.49 -27.88 -44.92
CA THR E 751 0.37 -28.08 -45.82
C THR E 751 -0.97 -28.07 -45.08
N LEU E 752 -1.13 -28.98 -44.12
CA LEU E 752 -2.38 -29.03 -43.35
C LEU E 752 -2.53 -27.77 -42.48
N GLU E 753 -1.39 -27.16 -42.12
CA GLU E 753 -1.35 -25.95 -41.30
C GLU E 753 -2.20 -24.83 -41.90
N ILE E 754 -2.06 -24.61 -43.21
CA ILE E 754 -2.83 -23.57 -43.92
C ILE E 754 -4.30 -24.00 -44.13
N SER E 755 -4.49 -25.24 -44.57
CA SER E 755 -5.82 -25.78 -44.80
C SER E 755 -6.68 -25.40 -43.58
N LYS E 756 -6.20 -25.73 -42.38
CA LYS E 756 -6.91 -25.37 -41.14
C LYS E 756 -7.11 -23.86 -41.07
N THR E 757 -6.03 -23.10 -41.20
CA THR E 757 -6.05 -21.63 -41.14
C THR E 757 -7.10 -21.09 -42.13
N ALA E 758 -7.07 -21.59 -43.36
CA ALA E 758 -8.03 -21.14 -44.36
C ALA E 758 -9.44 -21.48 -43.88
N ILE E 759 -9.63 -22.76 -43.57
CA ILE E 759 -10.91 -23.25 -43.09
C ILE E 759 -11.47 -22.39 -41.96
N VAL E 760 -10.69 -22.16 -40.91
CA VAL E 760 -11.17 -21.40 -39.75
C VAL E 760 -11.60 -19.96 -39.97
N MET E 761 -11.39 -19.43 -41.17
CA MET E 761 -11.79 -18.06 -41.44
C MET E 761 -12.98 -18.03 -42.37
N PHE E 762 -13.55 -19.20 -42.64
CA PHE E 762 -14.72 -19.32 -43.52
C PHE E 762 -15.91 -19.91 -42.77
N PHE E 763 -16.19 -19.38 -41.58
CA PHE E 763 -17.31 -19.84 -40.77
C PHE E 763 -18.31 -18.70 -40.57
N LYS E 769 -19.52 -21.74 -47.25
CA LYS E 769 -19.59 -23.05 -46.63
C LYS E 769 -19.03 -24.17 -47.53
N PRO E 770 -19.34 -24.13 -48.84
CA PRO E 770 -18.81 -25.20 -49.71
C PRO E 770 -17.28 -25.20 -49.75
N LEU E 771 -16.70 -24.07 -50.10
CA LEU E 771 -15.26 -23.92 -50.18
C LEU E 771 -14.55 -24.58 -49.00
N MET E 772 -15.09 -24.38 -47.81
CA MET E 772 -14.50 -24.93 -46.59
C MET E 772 -14.70 -26.44 -46.44
N GLN E 773 -15.94 -26.89 -46.60
CA GLN E 773 -16.26 -28.30 -46.44
C GLN E 773 -15.47 -29.22 -47.37
N GLN E 774 -15.33 -28.82 -48.63
CA GLN E 774 -14.60 -29.63 -49.59
C GLN E 774 -13.13 -29.73 -49.25
N LEU E 775 -12.51 -28.62 -48.85
CA LEU E 775 -11.11 -28.61 -48.50
C LEU E 775 -10.82 -29.45 -47.26
N LEU E 776 -11.74 -29.43 -46.29
CA LEU E 776 -11.55 -30.21 -45.08
C LEU E 776 -11.75 -31.69 -45.36
N ARG E 777 -12.75 -31.99 -46.19
CA ARG E 777 -13.04 -33.36 -46.53
C ARG E 777 -11.85 -33.95 -47.29
N GLU E 778 -11.27 -33.18 -48.20
CA GLU E 778 -10.11 -33.65 -48.95
C GLU E 778 -8.97 -33.79 -47.94
N PHE E 779 -8.89 -32.81 -47.05
CA PHE E 779 -7.88 -32.74 -45.99
C PHE E 779 -7.80 -34.03 -45.16
N ILE E 780 -8.95 -34.57 -44.78
CA ILE E 780 -8.97 -35.79 -43.98
C ILE E 780 -8.56 -37.02 -44.79
N GLN E 781 -9.17 -37.19 -45.96
CA GLN E 781 -8.91 -38.33 -46.82
C GLN E 781 -7.49 -38.47 -47.35
N HIS E 782 -6.79 -37.35 -47.51
CA HIS E 782 -5.41 -37.37 -48.02
C HIS E 782 -4.47 -37.76 -46.90
N SER E 783 -4.71 -37.18 -45.73
CA SER E 783 -3.90 -37.45 -44.55
C SER E 783 -3.79 -38.95 -44.34
N PHE E 784 -4.90 -39.65 -44.54
CA PHE E 784 -4.92 -41.09 -44.36
C PHE E 784 -3.87 -41.77 -45.23
N LYS E 785 -3.79 -41.38 -46.50
CA LYS E 785 -2.82 -41.96 -47.42
C LYS E 785 -1.43 -41.98 -46.82
N LEU E 786 -1.02 -40.85 -46.24
CA LEU E 786 0.29 -40.75 -45.61
C LEU E 786 0.29 -41.61 -44.36
N PHE E 787 -0.82 -41.57 -43.63
CA PHE E 787 -1.00 -42.34 -42.40
C PHE E 787 -1.02 -43.83 -42.69
N GLU E 788 -1.22 -44.17 -43.97
CA GLU E 788 -1.26 -45.56 -44.40
C GLU E 788 0.10 -46.25 -44.51
N SER E 789 1.17 -45.50 -44.28
CA SER E 789 2.50 -46.08 -44.34
C SER E 789 2.57 -47.19 -43.28
N THR E 790 3.61 -48.01 -43.33
CA THR E 790 3.79 -49.08 -42.36
C THR E 790 3.52 -48.52 -40.96
N PRO E 791 2.57 -49.13 -40.23
CA PRO E 791 2.21 -48.68 -38.88
C PRO E 791 3.37 -48.70 -37.89
N GLU E 792 4.10 -49.81 -37.88
CA GLU E 792 5.23 -50.00 -36.97
C GLU E 792 6.35 -48.96 -36.96
N GLN E 793 6.89 -48.63 -38.12
CA GLN E 793 8.00 -47.69 -38.16
C GLN E 793 7.59 -46.33 -38.64
N ASN E 794 7.02 -46.26 -39.83
CA ASN E 794 6.59 -44.99 -40.38
C ASN E 794 5.77 -44.21 -39.38
N PHE E 795 4.81 -44.88 -38.74
CA PHE E 795 3.97 -44.21 -37.76
C PHE E 795 4.82 -43.54 -36.69
N SER E 796 5.90 -44.21 -36.28
CA SER E 796 6.82 -43.67 -35.29
C SER E 796 7.43 -42.49 -36.02
N ASN E 797 7.89 -42.77 -37.23
CA ASN E 797 8.50 -41.78 -38.11
C ASN E 797 7.52 -40.66 -38.45
N ILE E 798 6.23 -40.96 -38.32
CA ILE E 798 5.14 -40.03 -38.63
C ILE E 798 4.79 -39.05 -37.49
N SER E 799 5.50 -39.11 -36.37
CA SER E 799 5.24 -38.22 -35.23
C SER E 799 4.88 -36.76 -35.56
N ASP E 800 5.70 -36.09 -36.38
CA ASP E 800 5.45 -34.69 -36.73
C ASP E 800 4.07 -34.42 -37.31
N THR E 801 3.74 -35.12 -38.39
CA THR E 801 2.45 -34.96 -39.06
C THR E 801 1.28 -35.43 -38.19
N MET E 802 1.48 -36.47 -37.38
CA MET E 802 0.43 -36.98 -36.52
C MET E 802 -0.01 -35.91 -35.52
N GLU E 803 0.95 -35.20 -34.97
CA GLU E 803 0.66 -34.14 -34.01
C GLU E 803 -0.06 -33.01 -34.72
N THR E 804 0.59 -32.51 -35.77
CA THR E 804 0.03 -31.44 -36.58
C THR E 804 -1.38 -31.70 -37.08
N PHE E 805 -1.54 -32.78 -37.84
CA PHE E 805 -2.84 -33.14 -38.40
C PHE E 805 -3.95 -33.00 -37.35
N PHE E 806 -3.76 -33.65 -36.21
CA PHE E 806 -4.73 -33.60 -35.14
C PHE E 806 -4.81 -32.25 -34.45
N GLY E 807 -3.68 -31.57 -34.35
CA GLY E 807 -3.70 -30.26 -33.73
C GLY E 807 -4.64 -29.38 -34.52
N CYS E 808 -4.57 -29.49 -35.84
CA CYS E 808 -5.39 -28.69 -36.74
C CYS E 808 -6.86 -29.11 -36.74
N LEU E 809 -7.09 -30.42 -36.70
CA LEU E 809 -8.45 -30.94 -36.70
C LEU E 809 -9.10 -30.65 -35.35
N THR E 810 -8.27 -30.23 -34.39
CA THR E 810 -8.74 -29.91 -33.05
C THR E 810 -9.16 -28.43 -32.99
N GLN E 811 -8.34 -27.57 -33.58
CA GLN E 811 -8.63 -26.14 -33.61
C GLN E 811 -9.84 -25.90 -34.52
N ILE E 812 -9.88 -26.64 -35.63
CA ILE E 812 -10.97 -26.53 -36.60
C ILE E 812 -12.30 -26.93 -35.98
N ILE E 813 -12.26 -27.71 -34.91
CA ILE E 813 -13.47 -28.14 -34.23
C ILE E 813 -14.16 -27.04 -33.42
N LYS E 814 -13.45 -26.48 -32.45
CA LYS E 814 -13.98 -25.42 -31.57
C LYS E 814 -14.58 -24.27 -32.35
N LYS E 815 -13.81 -23.71 -33.28
CA LYS E 815 -14.30 -22.63 -34.12
C LYS E 815 -14.78 -23.44 -35.31
N ILE E 816 -15.69 -22.93 -36.13
CA ILE E 816 -16.10 -23.75 -37.25
C ILE E 816 -16.69 -25.07 -36.73
N PRO E 817 -17.54 -25.00 -35.67
CA PRO E 817 -18.14 -26.21 -35.10
C PRO E 817 -19.19 -26.89 -35.98
N GLN E 818 -20.04 -26.11 -36.63
CA GLN E 818 -21.06 -26.70 -37.48
C GLN E 818 -20.35 -27.65 -38.44
N VAL E 819 -19.03 -27.66 -38.40
CA VAL E 819 -18.25 -28.53 -39.28
C VAL E 819 -18.46 -29.99 -38.91
N LEU E 820 -18.51 -30.25 -37.60
CA LEU E 820 -18.76 -31.59 -37.11
C LEU E 820 -20.07 -32.07 -37.76
N GLU E 821 -20.90 -31.10 -38.20
CA GLU E 821 -22.20 -31.36 -38.84
C GLU E 821 -22.10 -32.14 -40.15
N ASP E 822 -21.00 -31.95 -40.89
CA ASP E 822 -20.80 -32.64 -42.17
C ASP E 822 -20.72 -34.17 -42.02
N LYS E 823 -21.87 -34.84 -42.19
CA LYS E 823 -21.98 -36.29 -42.08
C LYS E 823 -20.96 -36.96 -43.00
N THR E 824 -20.48 -36.20 -43.97
CA THR E 824 -19.53 -36.76 -44.92
C THR E 824 -18.26 -37.31 -44.28
N LEU E 825 -17.65 -36.47 -43.46
CA LEU E 825 -16.40 -36.76 -42.75
C LEU E 825 -16.40 -38.16 -42.17
N ALA E 826 -15.29 -38.89 -42.39
CA ALA E 826 -15.11 -40.25 -41.87
C ALA E 826 -14.40 -40.18 -40.52
N TYR E 827 -15.18 -40.22 -39.44
CA TYR E 827 -14.63 -40.13 -38.09
C TYR E 827 -14.04 -41.44 -37.59
N ASP E 828 -14.72 -42.55 -37.87
CA ASP E 828 -14.24 -43.86 -37.45
C ASP E 828 -12.79 -44.00 -37.89
N ARG E 829 -12.49 -43.43 -39.06
CA ARG E 829 -11.13 -43.46 -39.59
C ARG E 829 -10.28 -42.56 -38.71
N LEU E 830 -10.70 -41.31 -38.55
CA LEU E 830 -9.97 -40.34 -37.73
C LEU E 830 -9.54 -40.96 -36.40
N VAL E 831 -10.52 -41.33 -35.60
CA VAL E 831 -10.23 -41.91 -34.30
C VAL E 831 -9.33 -43.14 -34.42
N PHE E 832 -9.54 -43.91 -35.48
CA PHE E 832 -8.74 -45.12 -35.74
C PHE E 832 -7.27 -44.75 -35.51
N TYR E 833 -6.82 -43.72 -36.23
CA TYR E 833 -5.44 -43.26 -36.16
C TYR E 833 -5.13 -42.43 -34.91
N ALA E 834 -6.10 -41.65 -34.46
CA ALA E 834 -5.94 -40.81 -33.28
C ALA E 834 -5.58 -41.60 -32.03
N GLN E 835 -6.12 -42.80 -31.91
CA GLN E 835 -5.84 -43.65 -30.76
C GLN E 835 -4.42 -44.20 -30.89
N ARG E 836 -3.92 -44.28 -32.13
CA ARG E 836 -2.57 -44.79 -32.34
C ARG E 836 -1.55 -43.77 -31.91
N GLY E 837 -1.68 -42.55 -32.43
CA GLY E 837 -0.78 -41.48 -32.08
C GLY E 837 -0.47 -41.47 -30.59
N MET E 838 -1.51 -41.51 -29.75
CA MET E 838 -1.29 -41.49 -28.31
C MET E 838 -0.30 -42.59 -27.96
N THR E 839 -0.50 -43.71 -28.61
CA THR E 839 0.34 -44.87 -28.43
C THR E 839 1.59 -44.72 -29.30
N LEU E 840 1.94 -43.48 -29.63
CA LEU E 840 3.09 -43.22 -30.47
C LEU E 840 4.39 -43.15 -29.71
N PRO E 841 5.46 -42.85 -30.43
CA PRO E 841 6.77 -42.76 -29.85
C PRO E 841 7.22 -41.32 -29.73
N GLU E 842 6.38 -40.38 -30.12
CA GLU E 842 6.77 -38.98 -29.98
C GLU E 842 6.49 -38.61 -28.54
N SER E 843 7.41 -37.86 -27.94
CA SER E 843 7.27 -37.46 -26.55
C SER E 843 6.08 -36.51 -26.27
N GLY E 844 5.68 -35.72 -27.27
CA GLY E 844 4.58 -34.79 -27.08
C GLY E 844 3.38 -34.88 -28.02
N ALA E 845 3.59 -35.36 -29.23
CA ALA E 845 2.51 -35.49 -30.22
C ALA E 845 1.29 -36.25 -29.67
N ILE E 846 1.47 -36.96 -28.56
CA ILE E 846 0.39 -37.74 -27.97
C ILE E 846 -0.73 -36.91 -27.39
N ARG E 847 -0.39 -35.70 -27.02
CA ARG E 847 -1.34 -34.76 -26.46
C ARG E 847 -2.34 -34.35 -27.52
N ASN E 848 -1.85 -34.18 -28.75
CA ASN E 848 -2.68 -33.77 -29.89
C ASN E 848 -3.79 -34.77 -30.16
N SER E 849 -3.40 -36.03 -30.32
CA SER E 849 -4.37 -37.08 -30.56
C SER E 849 -5.37 -37.00 -29.43
N ILE E 850 -4.85 -37.03 -28.21
CA ILE E 850 -5.67 -36.95 -27.01
C ILE E 850 -6.51 -35.69 -27.02
N GLN E 851 -5.86 -34.54 -27.17
CA GLN E 851 -6.57 -33.26 -27.21
C GLN E 851 -7.69 -33.32 -28.23
N PHE E 852 -7.38 -33.88 -29.39
CA PHE E 852 -8.37 -34.01 -30.46
C PHE E 852 -9.58 -34.80 -30.00
N LEU E 853 -9.34 -36.03 -29.56
CA LEU E 853 -10.40 -36.90 -29.08
C LEU E 853 -11.19 -36.22 -27.97
N THR E 854 -10.49 -35.58 -27.06
CA THR E 854 -11.15 -34.90 -25.94
C THR E 854 -12.17 -33.87 -26.39
N HIS E 855 -11.87 -33.17 -27.49
CA HIS E 855 -12.77 -32.14 -28.03
C HIS E 855 -13.85 -32.64 -28.97
N PHE E 856 -13.73 -33.89 -29.38
CA PHE E 856 -14.69 -34.55 -30.24
C PHE E 856 -15.79 -35.00 -29.29
N VAL E 857 -15.40 -35.74 -28.25
CA VAL E 857 -16.34 -36.22 -27.22
C VAL E 857 -17.20 -35.08 -26.72
N MET E 858 -16.60 -33.90 -26.70
CA MET E 858 -17.27 -32.69 -26.27
C MET E 858 -18.42 -32.37 -27.21
N GLN E 859 -18.11 -32.14 -28.49
CA GLN E 859 -19.16 -31.81 -29.45
C GLN E 859 -20.05 -33.03 -29.72
N SER E 860 -19.47 -34.22 -29.64
CA SER E 860 -20.21 -35.44 -29.89
C SER E 860 -21.45 -35.61 -29.03
N ARG E 861 -21.41 -35.07 -27.81
CA ARG E 861 -22.56 -35.18 -26.92
C ARG E 861 -23.69 -34.28 -27.40
N ASN E 862 -23.40 -33.45 -28.39
CA ASN E 862 -24.40 -32.52 -28.92
C ASN E 862 -24.93 -32.86 -30.31
N HIS E 863 -24.36 -33.88 -30.95
CA HIS E 863 -24.82 -34.31 -32.28
C HIS E 863 -24.89 -35.82 -32.39
N ALA E 864 -26.11 -36.36 -32.48
CA ALA E 864 -26.31 -37.80 -32.58
C ALA E 864 -25.39 -38.36 -33.65
N HIS E 865 -25.39 -37.71 -34.81
CA HIS E 865 -24.55 -38.10 -35.94
C HIS E 865 -23.16 -38.53 -35.47
N VAL E 866 -22.46 -37.60 -34.82
CA VAL E 866 -21.12 -37.85 -34.32
C VAL E 866 -21.13 -38.77 -33.11
N THR E 867 -22.16 -38.63 -32.26
CA THR E 867 -22.26 -39.46 -31.05
C THR E 867 -22.04 -40.93 -31.38
N GLU E 868 -22.57 -41.34 -32.53
CA GLU E 868 -22.43 -42.71 -32.98
C GLU E 868 -20.97 -43.11 -32.87
N VAL E 869 -20.14 -42.44 -33.67
CA VAL E 869 -18.71 -42.69 -33.68
C VAL E 869 -18.19 -42.86 -32.25
N VAL E 870 -18.56 -41.95 -31.37
CA VAL E 870 -18.14 -42.00 -29.97
C VAL E 870 -18.56 -43.29 -29.29
N LEU E 871 -19.82 -43.64 -29.45
CA LEU E 871 -20.37 -44.84 -28.83
C LEU E 871 -19.51 -46.05 -29.20
N ALA E 872 -19.20 -46.18 -30.48
CA ALA E 872 -18.39 -47.30 -30.95
C ALA E 872 -16.98 -47.23 -30.38
N THR E 873 -16.37 -46.07 -30.50
CA THR E 873 -15.02 -45.85 -30.01
C THR E 873 -14.97 -45.77 -28.49
N GLY E 874 -16.15 -45.79 -27.88
CA GLY E 874 -16.26 -45.71 -26.43
C GLY E 874 -15.24 -46.50 -25.65
N GLU E 875 -15.51 -47.78 -25.45
CA GLU E 875 -14.59 -48.63 -24.70
C GLU E 875 -13.22 -48.79 -25.35
N GLN E 876 -13.17 -48.62 -26.68
CA GLN E 876 -11.92 -48.76 -27.42
C GLN E 876 -10.91 -47.69 -27.01
N THR E 877 -11.37 -46.44 -26.96
CA THR E 877 -10.52 -45.32 -26.58
C THR E 877 -10.01 -45.51 -25.17
N LEU E 878 -10.92 -45.48 -24.20
CA LEU E 878 -10.53 -45.66 -22.80
C LEU E 878 -9.62 -46.88 -22.65
N TYR E 879 -9.74 -47.83 -23.56
CA TYR E 879 -8.88 -49.01 -23.52
C TYR E 879 -7.50 -48.52 -23.95
N THR E 880 -7.46 -47.88 -25.12
CA THR E 880 -6.22 -47.34 -25.67
C THR E 880 -5.54 -46.45 -24.62
N ALA E 881 -6.36 -45.69 -23.89
CA ALA E 881 -5.83 -44.80 -22.87
C ALA E 881 -5.18 -45.61 -21.75
N MET E 882 -5.92 -46.55 -21.18
CA MET E 882 -5.42 -47.37 -20.09
C MET E 882 -4.22 -48.23 -20.46
N MET E 883 -4.08 -48.56 -21.74
CA MET E 883 -2.95 -49.36 -22.20
C MET E 883 -1.66 -48.54 -22.07
N CYS E 884 -1.68 -47.34 -22.64
CA CYS E 884 -0.55 -46.44 -22.61
C CYS E 884 -0.22 -46.02 -21.18
N VAL E 885 -1.26 -45.63 -20.44
CA VAL E 885 -1.12 -45.18 -19.06
C VAL E 885 -0.42 -46.17 -18.12
N GLY E 886 -0.32 -47.42 -18.53
CA GLY E 886 0.32 -48.37 -17.65
C GLY E 886 1.28 -49.29 -18.36
N TYR E 887 1.16 -49.44 -19.67
CA TYR E 887 2.05 -50.35 -20.35
C TYR E 887 2.82 -49.84 -21.54
N LEU E 888 2.37 -48.76 -22.17
CA LEU E 888 3.06 -48.32 -23.37
C LEU E 888 3.56 -46.88 -23.41
N THR E 889 2.83 -45.98 -22.80
CA THR E 889 3.20 -44.57 -22.78
C THR E 889 4.33 -44.24 -21.79
N PRO E 890 5.36 -43.48 -22.23
CA PRO E 890 6.41 -43.19 -21.23
C PRO E 890 5.88 -42.68 -19.89
N ARG E 891 6.64 -42.98 -18.84
CA ARG E 891 6.25 -42.62 -17.51
C ARG E 891 5.79 -41.18 -17.34
N SER E 892 6.42 -40.25 -18.05
CA SER E 892 6.06 -38.84 -17.92
C SER E 892 4.83 -38.39 -18.68
N GLN E 893 4.58 -38.94 -19.86
CA GLN E 893 3.43 -38.51 -20.63
C GLN E 893 2.10 -39.14 -20.21
N VAL E 894 2.03 -39.60 -18.97
CA VAL E 894 0.81 -40.24 -18.46
C VAL E 894 -0.34 -39.28 -18.20
N ASP E 895 -0.02 -38.16 -17.56
CA ASP E 895 -1.01 -37.16 -17.21
C ASP E 895 -1.80 -36.61 -18.41
N LYS E 896 -1.15 -36.54 -19.56
CA LYS E 896 -1.77 -36.02 -20.77
C LYS E 896 -3.02 -36.79 -21.19
N PHE E 897 -3.31 -37.89 -20.50
CA PHE E 897 -4.47 -38.70 -20.82
C PHE E 897 -5.70 -38.39 -19.99
N ALA E 898 -5.48 -37.83 -18.81
CA ALA E 898 -6.59 -37.49 -17.92
C ALA E 898 -7.59 -36.53 -18.55
N ASP E 899 -7.25 -35.99 -19.72
CA ASP E 899 -8.13 -35.05 -20.42
C ASP E 899 -9.28 -35.77 -21.11
N ILE E 900 -8.96 -36.83 -21.84
CA ILE E 900 -9.97 -37.61 -22.53
C ILE E 900 -10.84 -38.38 -21.56
N LEU E 901 -10.21 -38.95 -20.53
CA LEU E 901 -10.95 -39.69 -19.53
C LEU E 901 -11.96 -38.77 -18.86
N LEU E 902 -11.63 -37.47 -18.82
CA LEU E 902 -12.51 -36.49 -18.20
C LEU E 902 -13.61 -36.08 -19.17
N ALA E 903 -13.24 -35.88 -20.42
CA ALA E 903 -14.18 -35.49 -21.46
C ALA E 903 -15.24 -36.58 -21.66
N MET E 904 -14.93 -37.78 -21.22
CA MET E 904 -15.84 -38.90 -21.36
C MET E 904 -16.78 -39.05 -20.18
N ASN E 905 -16.45 -38.42 -19.06
CA ASN E 905 -17.31 -38.55 -17.88
C ASN E 905 -18.40 -37.47 -17.87
N ARG E 906 -18.10 -36.35 -18.49
CA ARG E 906 -19.03 -35.22 -18.54
C ARG E 906 -20.15 -35.39 -19.57
N LYS E 907 -19.85 -36.09 -20.67
CA LYS E 907 -20.83 -36.29 -21.71
C LYS E 907 -21.39 -37.71 -21.72
N TYR E 908 -20.60 -38.67 -21.25
CA TYR E 908 -21.04 -40.07 -21.21
C TYR E 908 -20.63 -40.72 -19.89
N ALA E 909 -21.00 -40.10 -18.78
CA ALA E 909 -20.66 -40.62 -17.45
C ALA E 909 -21.08 -42.07 -17.32
N ALA E 910 -22.35 -42.33 -17.60
CA ALA E 910 -22.92 -43.67 -17.52
C ALA E 910 -22.15 -44.70 -18.33
N GLU E 911 -21.96 -44.42 -19.61
CA GLU E 911 -21.23 -45.33 -20.48
C GLU E 911 -19.81 -45.52 -19.97
N MET E 912 -19.12 -44.42 -19.70
CA MET E 912 -17.74 -44.44 -19.22
C MET E 912 -17.61 -45.23 -17.92
N ALA E 913 -18.64 -45.16 -17.09
CA ALA E 913 -18.64 -45.87 -15.82
C ALA E 913 -18.62 -47.35 -16.07
N VAL E 914 -19.19 -47.78 -17.20
CA VAL E 914 -19.23 -49.19 -17.54
C VAL E 914 -18.00 -49.62 -18.33
N TRP E 915 -17.63 -48.85 -19.36
CA TRP E 915 -16.44 -49.20 -20.14
C TRP E 915 -15.22 -49.25 -19.24
N MET E 916 -15.29 -48.55 -18.10
CA MET E 916 -14.19 -48.52 -17.14
C MET E 916 -14.13 -49.79 -16.31
N LYS E 917 -15.26 -50.17 -15.73
CA LYS E 917 -15.32 -51.37 -14.91
C LYS E 917 -14.95 -52.60 -15.74
N SER E 918 -15.46 -52.63 -16.98
CA SER E 918 -15.20 -53.73 -17.90
C SER E 918 -13.75 -53.91 -18.31
N LEU E 919 -13.03 -52.80 -18.45
CA LEU E 919 -11.63 -52.86 -18.88
C LEU E 919 -10.66 -52.95 -17.71
N MET E 920 -11.09 -52.48 -16.55
CA MET E 920 -10.23 -52.47 -15.36
C MET E 920 -10.49 -53.56 -14.34
N SER E 921 -11.73 -53.61 -13.84
CA SER E 921 -12.10 -54.59 -12.82
C SER E 921 -12.33 -56.00 -13.36
N THR E 922 -12.88 -56.09 -14.57
CA THR E 922 -13.16 -57.39 -15.19
C THR E 922 -12.17 -57.89 -16.26
N PRO E 923 -10.97 -57.32 -16.33
CA PRO E 923 -10.02 -57.79 -17.34
C PRO E 923 -9.02 -58.72 -16.68
N ASN E 924 -8.36 -59.56 -17.48
CA ASN E 924 -7.37 -60.46 -16.92
C ASN E 924 -6.15 -59.61 -16.53
N PHE E 925 -5.81 -58.62 -17.35
CA PHE E 925 -4.65 -57.83 -17.02
C PHE E 925 -4.56 -56.37 -17.44
N PRO E 926 -5.12 -55.46 -16.63
CA PRO E 926 -4.98 -54.06 -17.04
C PRO E 926 -3.45 -54.00 -17.11
N THR E 927 -2.88 -54.89 -16.28
CA THR E 927 -1.48 -55.16 -16.09
C THR E 927 -1.44 -56.36 -15.14
N GLN E 928 -0.44 -57.22 -15.29
CA GLN E 928 -0.29 -58.41 -14.46
C GLN E 928 0.04 -58.12 -13.00
N LEU E 929 0.93 -57.16 -12.78
CA LEU E 929 1.39 -56.78 -11.45
C LEU E 929 0.38 -56.05 -10.55
N ILE E 930 -0.23 -54.98 -11.06
CA ILE E 930 -1.19 -54.22 -10.28
C ILE E 930 -2.13 -55.18 -9.55
N THR E 931 -2.59 -54.78 -8.38
CA THR E 931 -3.47 -55.60 -7.57
C THR E 931 -4.94 -55.39 -7.90
N ASP E 932 -5.68 -56.49 -7.96
CA ASP E 932 -7.11 -56.46 -8.24
C ASP E 932 -7.74 -55.42 -7.33
N ALA E 933 -7.30 -55.41 -6.08
CA ALA E 933 -7.80 -54.49 -5.07
C ALA E 933 -7.55 -53.04 -5.44
N ASP E 934 -6.28 -52.72 -5.63
CA ASP E 934 -5.88 -51.36 -6.00
C ASP E 934 -6.38 -51.01 -7.39
N LYS E 935 -6.63 -52.02 -8.21
CA LYS E 935 -7.12 -51.82 -9.56
C LYS E 935 -8.59 -51.40 -9.55
N THR E 936 -9.36 -52.07 -8.70
CA THR E 936 -10.79 -51.79 -8.58
C THR E 936 -11.07 -50.40 -8.00
N ARG E 937 -10.23 -49.98 -7.06
CA ARG E 937 -10.41 -48.69 -6.41
C ARG E 937 -10.04 -47.51 -7.31
N TYR E 938 -8.99 -47.68 -8.11
CA TYR E 938 -8.55 -46.64 -9.03
C TYR E 938 -9.64 -46.48 -10.08
N THR E 939 -10.23 -47.61 -10.48
CA THR E 939 -11.29 -47.63 -11.46
C THR E 939 -12.51 -46.90 -10.92
N ALA E 940 -12.67 -46.92 -9.61
CA ALA E 940 -13.80 -46.28 -8.96
C ALA E 940 -13.60 -44.77 -8.92
N LEU E 941 -12.42 -44.36 -8.48
CA LEU E 941 -12.11 -42.94 -8.38
C LEU E 941 -12.17 -42.24 -9.74
N ILE E 942 -11.56 -42.85 -10.76
CA ILE E 942 -11.53 -42.28 -12.10
C ILE E 942 -12.92 -41.91 -12.64
N ILE E 943 -13.92 -42.72 -12.33
CA ILE E 943 -15.28 -42.50 -12.80
C ILE E 943 -16.06 -41.51 -11.91
N LYS E 944 -15.56 -41.27 -10.70
CA LYS E 944 -16.23 -40.39 -9.76
C LYS E 944 -15.84 -38.92 -9.82
N GLU E 945 -14.63 -38.66 -10.31
CA GLU E 945 -14.14 -37.28 -10.39
C GLU E 945 -14.37 -36.70 -11.77
N LYS E 946 -15.34 -35.80 -11.88
CA LYS E 946 -15.60 -35.17 -13.17
C LYS E 946 -15.42 -33.66 -13.03
N VAL E 947 -15.03 -33.22 -11.84
CA VAL E 947 -14.83 -31.80 -11.57
C VAL E 947 -13.37 -31.40 -11.39
N ASN E 948 -12.48 -32.39 -11.31
CA ASN E 948 -11.06 -32.13 -11.12
C ASN E 948 -10.22 -32.94 -12.11
N LYS E 949 -9.26 -32.28 -12.75
CA LYS E 949 -8.40 -32.97 -13.71
C LYS E 949 -7.09 -33.34 -13.04
N ARG E 950 -6.70 -32.55 -12.05
CA ARG E 950 -5.46 -32.80 -11.33
C ARG E 950 -5.62 -34.11 -10.57
N LEU E 951 -6.78 -34.25 -9.95
CA LEU E 951 -7.11 -35.43 -9.18
C LEU E 951 -6.87 -36.62 -10.09
N LEU E 952 -7.48 -36.59 -11.27
CA LEU E 952 -7.33 -37.67 -12.24
C LEU E 952 -5.85 -37.96 -12.42
N GLN E 953 -5.07 -36.90 -12.57
CA GLN E 953 -3.63 -37.02 -12.75
C GLN E 953 -2.98 -37.75 -11.59
N GLN E 954 -3.53 -37.59 -10.39
CA GLN E 954 -2.98 -38.25 -9.20
C GLN E 954 -3.45 -39.69 -9.15
N HIS E 955 -4.74 -39.91 -9.30
CA HIS E 955 -5.28 -41.26 -9.28
C HIS E 955 -4.62 -42.01 -10.43
N LEU E 956 -4.56 -41.33 -11.57
CA LEU E 956 -3.98 -41.88 -12.80
C LEU E 956 -2.54 -42.33 -12.60
N SER E 957 -1.72 -41.41 -12.09
CA SER E 957 -0.31 -41.67 -11.86
C SER E 957 -0.05 -42.84 -10.90
N GLU E 958 -0.60 -42.74 -9.69
CA GLU E 958 -0.41 -43.79 -8.70
C GLU E 958 -0.62 -45.15 -9.36
N MET E 959 -1.77 -45.33 -9.96
CA MET E 959 -2.10 -46.57 -10.64
C MET E 959 -1.04 -46.82 -11.72
N ALA E 960 -0.71 -45.78 -12.46
CA ALA E 960 0.29 -45.88 -13.53
C ALA E 960 1.52 -46.59 -12.98
N MET E 961 1.97 -46.14 -11.82
CA MET E 961 3.13 -46.74 -11.17
C MET E 961 2.84 -48.18 -10.81
N LYS E 962 1.85 -48.36 -9.93
CA LYS E 962 1.44 -49.69 -9.48
C LYS E 962 1.25 -50.61 -10.68
N THR E 963 0.86 -50.03 -11.81
CA THR E 963 0.64 -50.79 -13.03
C THR E 963 1.95 -51.34 -13.60
N ARG E 964 2.84 -50.45 -14.01
CA ARG E 964 4.13 -50.86 -14.57
C ARG E 964 4.93 -51.61 -13.51
N GLY E 965 4.52 -51.41 -12.26
CA GLY E 965 5.19 -52.06 -11.14
C GLY E 965 6.09 -51.11 -10.37
N GLU F 11 15.58 31.28 -10.48
CA GLU F 11 15.71 29.81 -10.69
C GLU F 11 16.24 29.15 -9.42
N ALA F 12 16.24 29.91 -8.32
CA ALA F 12 16.73 29.41 -7.05
C ALA F 12 15.71 28.48 -6.42
N VAL F 13 14.47 28.56 -6.91
CA VAL F 13 13.39 27.73 -6.40
C VAL F 13 13.76 26.25 -6.44
N VAL F 14 14.69 25.88 -7.33
CA VAL F 14 15.12 24.49 -7.47
C VAL F 14 15.68 23.93 -6.17
N SER F 15 16.51 24.72 -5.49
CA SER F 15 17.08 24.30 -4.24
C SER F 15 15.97 23.99 -3.23
N PHE F 16 14.94 24.83 -3.24
CA PHE F 16 13.82 24.67 -2.32
C PHE F 16 13.02 23.38 -2.55
N TYR F 17 12.94 22.95 -3.81
CA TYR F 17 12.19 21.73 -4.11
C TYR F 17 12.80 20.48 -3.48
N ARG F 18 14.08 20.54 -3.12
CA ARG F 18 14.72 19.39 -2.47
C ARG F 18 14.53 19.51 -0.97
N SER F 19 14.10 20.70 -0.53
CA SER F 19 13.86 20.92 0.89
C SER F 19 12.90 22.10 1.09
N ASN F 20 11.67 21.92 0.60
CA ASN F 20 10.64 22.94 0.68
C ASN F 20 10.30 23.37 2.11
N SER F 21 10.06 22.40 2.98
CA SER F 21 9.68 22.67 4.38
C SER F 21 10.60 23.44 5.33
N GLN F 22 11.80 22.93 5.60
CA GLN F 22 12.68 23.63 6.56
C GLN F 22 13.47 24.83 6.05
N ASN F 23 13.30 25.21 4.78
CA ASN F 23 14.02 26.36 4.23
C ASN F 23 15.27 26.68 5.05
N HIS F 28 11.14 29.52 1.40
CA HIS F 28 9.76 29.77 1.01
C HIS F 28 9.44 31.26 1.04
N GLU F 29 9.49 31.84 2.23
CA GLU F 29 9.21 33.25 2.44
C GLU F 29 9.74 34.14 1.31
N TRP F 30 11.02 33.95 0.97
CA TRP F 30 11.63 34.75 -0.09
C TRP F 30 10.88 34.58 -1.41
N LEU F 31 10.91 33.37 -1.94
CA LEU F 31 10.25 33.05 -3.20
C LEU F 31 8.80 33.54 -3.27
N THR F 32 8.06 33.35 -2.17
CA THR F 32 6.65 33.76 -2.10
C THR F 32 6.41 35.24 -2.33
N ASP F 33 7.10 36.08 -1.57
CA ASP F 33 6.92 37.52 -1.72
C ASP F 33 7.39 37.97 -3.09
N ALA F 34 8.24 37.16 -3.71
CA ALA F 34 8.77 37.46 -5.03
C ALA F 34 7.65 37.24 -6.04
N GLU F 35 6.63 36.49 -5.61
CA GLU F 35 5.48 36.19 -6.45
C GLU F 35 4.53 37.38 -6.32
N ALA F 36 4.79 38.20 -5.31
CA ALA F 36 3.98 39.39 -5.06
C ALA F 36 4.46 40.61 -5.86
N SER F 37 5.78 40.77 -5.95
CA SER F 37 6.37 41.90 -6.68
C SER F 37 6.03 41.84 -8.16
N PRO F 38 5.67 42.99 -8.76
CA PRO F 38 5.32 43.15 -10.17
C PRO F 38 6.29 42.52 -11.17
N GLN F 39 7.53 42.26 -10.73
CA GLN F 39 8.51 41.64 -11.60
C GLN F 39 8.04 40.21 -11.82
N ALA F 40 7.16 39.76 -10.92
CA ALA F 40 6.60 38.41 -10.98
C ALA F 40 5.94 38.18 -12.32
N TRP F 41 5.39 39.25 -12.88
CA TRP F 41 4.73 39.17 -14.17
C TRP F 41 5.79 39.02 -15.25
N GLN F 42 6.87 39.79 -15.12
CA GLN F 42 7.94 39.75 -16.10
C GLN F 42 8.76 38.45 -16.08
N PHE F 43 9.01 37.92 -14.88
CA PHE F 43 9.82 36.70 -14.79
C PHE F 43 9.09 35.38 -14.97
N SER F 44 7.79 35.38 -14.75
CA SER F 44 7.01 34.15 -14.88
C SER F 44 7.16 33.52 -16.26
N TRP F 45 6.77 34.23 -17.31
CA TRP F 45 6.85 33.68 -18.67
C TRP F 45 8.27 33.30 -19.06
N GLN F 46 9.25 33.99 -18.50
CA GLN F 46 10.63 33.69 -18.81
C GLN F 46 11.07 32.47 -18.01
N LEU F 47 10.53 32.40 -16.79
CA LEU F 47 10.83 31.31 -15.86
C LEU F 47 10.24 29.97 -16.30
N MET F 48 9.26 30.04 -17.19
CA MET F 48 8.60 28.84 -17.70
C MET F 48 8.82 28.74 -19.22
N GLN F 49 10.07 28.90 -19.66
CA GLN F 49 10.38 28.85 -21.07
C GLN F 49 10.56 27.40 -21.52
N LEU F 50 11.00 27.23 -22.77
CA LEU F 50 11.22 25.90 -23.33
C LEU F 50 12.59 25.31 -23.02
N GLY F 51 12.59 24.08 -22.52
CA GLY F 51 13.83 23.42 -22.18
C GLY F 51 14.20 23.59 -20.73
N LYS F 52 13.40 24.39 -20.03
CA LYS F 52 13.65 24.64 -18.62
C LYS F 52 13.05 23.53 -17.76
N SER F 53 13.49 23.45 -16.52
CA SER F 53 13.02 22.43 -15.59
C SER F 53 11.55 22.63 -15.23
N GLN F 54 10.82 21.52 -15.21
CA GLN F 54 9.40 21.54 -14.88
C GLN F 54 9.18 22.08 -13.47
N GLU F 55 10.15 21.86 -12.60
CA GLU F 55 10.06 22.31 -11.22
C GLU F 55 9.81 23.81 -11.10
N VAL F 56 10.61 24.60 -11.80
CA VAL F 56 10.47 26.04 -11.74
C VAL F 56 9.38 26.52 -12.70
N GLN F 57 9.12 25.74 -13.74
CA GLN F 57 8.09 26.10 -14.70
C GLN F 57 6.74 26.10 -13.99
N PHE F 58 6.58 25.23 -13.01
CA PHE F 58 5.35 25.16 -12.24
C PHE F 58 5.31 26.41 -11.37
N PHE F 59 6.47 26.86 -10.92
CA PHE F 59 6.52 28.05 -10.09
C PHE F 59 6.25 29.25 -10.98
N GLY F 60 6.63 29.14 -12.25
CA GLY F 60 6.40 30.23 -13.16
C GLY F 60 4.90 30.36 -13.38
N ALA F 61 4.23 29.22 -13.42
CA ALA F 61 2.79 29.16 -13.63
C ALA F 61 1.99 29.59 -12.40
N ILE F 62 2.40 29.12 -11.22
CA ILE F 62 1.68 29.49 -10.00
C ILE F 62 1.74 30.99 -9.78
N THR F 63 2.83 31.61 -10.23
CA THR F 63 3.01 33.05 -10.09
C THR F 63 1.93 33.76 -10.89
N LEU F 64 1.94 33.54 -12.20
CA LEU F 64 0.97 34.16 -13.08
C LEU F 64 -0.43 33.96 -12.54
N HIS F 65 -0.68 32.79 -11.96
CA HIS F 65 -1.98 32.47 -11.40
C HIS F 65 -2.31 33.35 -10.20
N SER F 66 -1.45 33.30 -9.18
CA SER F 66 -1.65 34.10 -7.98
C SER F 66 -1.73 35.58 -8.30
N LYS F 67 -0.93 36.00 -9.26
CA LYS F 67 -0.91 37.40 -9.68
C LYS F 67 -2.22 37.80 -10.34
N LEU F 68 -2.79 36.88 -11.13
CA LEU F 68 -4.04 37.16 -11.83
C LEU F 68 -5.23 37.26 -10.88
N MET F 69 -5.10 36.65 -9.70
CA MET F 69 -6.18 36.70 -8.73
C MET F 69 -5.87 37.70 -7.64
N LYS F 70 -4.59 37.84 -7.29
CA LYS F 70 -4.18 38.75 -6.23
C LYS F 70 -3.76 40.16 -6.66
N HIS F 71 -3.15 40.30 -7.83
CA HIS F 71 -2.73 41.62 -8.26
C HIS F 71 -3.34 42.12 -9.56
N TRP F 72 -4.66 41.99 -9.67
CA TRP F 72 -5.35 42.50 -10.85
C TRP F 72 -5.33 44.01 -10.66
N HIS F 73 -5.02 44.40 -9.41
CA HIS F 73 -4.94 45.80 -9.02
C HIS F 73 -3.68 46.40 -9.61
N GLU F 74 -2.70 45.55 -9.89
CA GLU F 74 -1.44 45.99 -10.47
C GLU F 74 -1.40 45.64 -11.97
N VAL F 75 -2.55 45.73 -12.63
CA VAL F 75 -2.66 45.40 -14.05
C VAL F 75 -3.00 46.60 -14.93
N PRO F 76 -2.42 46.65 -16.16
CA PRO F 76 -2.64 47.72 -17.12
C PRO F 76 -3.81 47.42 -18.07
N PRO F 77 -5.00 47.97 -17.79
CA PRO F 77 -6.17 47.73 -18.63
C PRO F 77 -5.85 47.81 -20.12
N GLU F 78 -4.82 48.60 -20.46
CA GLU F 78 -4.43 48.75 -21.85
C GLU F 78 -3.92 47.43 -22.45
N ASN F 79 -3.18 46.67 -21.67
CA ASN F 79 -2.62 45.39 -22.14
C ASN F 79 -3.41 44.17 -21.70
N ARG F 80 -4.71 44.36 -21.44
CA ARG F 80 -5.55 43.25 -21.01
C ARG F 80 -5.55 42.07 -21.97
N GLU F 81 -5.98 42.28 -23.21
CA GLU F 81 -6.01 41.20 -24.17
C GLU F 81 -4.64 40.57 -24.34
N GLU F 82 -3.60 41.40 -24.32
CA GLU F 82 -2.24 40.90 -24.44
C GLU F 82 -2.05 39.78 -23.44
N LEU F 83 -2.48 40.04 -22.20
CA LEU F 83 -2.36 39.05 -21.13
C LEU F 83 -3.00 37.72 -21.51
N LYS F 84 -4.10 37.79 -22.25
CA LYS F 84 -4.81 36.59 -22.69
C LYS F 84 -4.02 35.90 -23.78
N GLN F 85 -3.70 36.64 -24.84
CA GLN F 85 -2.93 36.10 -25.95
C GLN F 85 -1.65 35.53 -25.34
N LYS F 86 -1.13 36.22 -24.32
CA LYS F 86 0.09 35.76 -23.68
C LYS F 86 -0.11 34.40 -23.04
N ILE F 87 -1.23 34.25 -22.33
CA ILE F 87 -1.56 33.00 -21.66
C ILE F 87 -1.97 31.90 -22.63
N LEU F 88 -2.53 32.30 -23.77
CA LEU F 88 -2.96 31.32 -24.77
C LEU F 88 -1.76 30.68 -25.47
N GLU F 89 -0.69 31.44 -25.67
CA GLU F 89 0.51 30.91 -26.31
C GLU F 89 1.18 29.88 -25.43
N SER F 90 1.35 30.22 -24.15
CA SER F 90 1.96 29.29 -23.23
C SER F 90 1.18 27.98 -23.24
N ILE F 91 -0.14 28.08 -23.06
CA ILE F 91 -0.99 26.90 -23.05
C ILE F 91 -0.69 26.04 -24.26
N VAL F 92 -0.45 26.68 -25.39
CA VAL F 92 -0.13 25.94 -26.60
C VAL F 92 1.22 25.23 -26.41
N ARG F 93 2.19 25.94 -25.84
CA ARG F 93 3.50 25.36 -25.64
C ARG F 93 3.48 24.21 -24.65
N PHE F 94 2.71 24.37 -23.58
CA PHE F 94 2.63 23.34 -22.55
C PHE F 94 1.67 22.18 -22.73
N ALA F 95 0.86 22.22 -23.78
CA ALA F 95 -0.05 21.11 -24.01
C ALA F 95 0.82 20.03 -24.61
N GLY F 96 1.16 19.02 -23.81
CA GLY F 96 2.02 17.96 -24.29
C GLY F 96 3.35 18.00 -23.58
N GLY F 97 3.63 19.14 -22.95
CA GLY F 97 4.85 19.28 -22.19
C GLY F 97 4.57 18.77 -20.79
N PRO F 98 4.74 19.60 -19.75
CA PRO F 98 4.47 19.17 -18.37
C PRO F 98 2.99 19.32 -18.01
N LYS F 99 2.42 18.23 -17.50
CA LYS F 99 1.01 18.19 -17.12
C LYS F 99 0.60 19.24 -16.08
N ILE F 100 1.25 19.20 -14.92
CA ILE F 100 0.93 20.14 -13.85
C ILE F 100 0.89 21.56 -14.35
N VAL F 101 1.81 21.88 -15.24
CA VAL F 101 1.88 23.22 -15.77
C VAL F 101 0.69 23.55 -16.66
N LEU F 102 0.44 22.71 -17.67
CA LEU F 102 -0.67 22.96 -18.56
C LEU F 102 -1.88 23.33 -17.73
N ASN F 103 -2.25 22.42 -16.83
CA ASN F 103 -3.41 22.63 -15.95
C ASN F 103 -3.34 23.99 -15.28
N ARG F 104 -2.13 24.41 -14.92
CA ARG F 104 -1.96 25.70 -14.26
C ARG F 104 -2.20 26.83 -15.25
N LEU F 105 -1.74 26.64 -16.48
CA LEU F 105 -1.94 27.64 -17.50
C LEU F 105 -3.43 27.73 -17.80
N CYS F 106 -4.08 26.58 -17.92
CA CYS F 106 -5.50 26.56 -18.21
C CYS F 106 -6.26 27.38 -17.16
N ILE F 107 -6.02 27.10 -15.89
CA ILE F 107 -6.68 27.79 -14.81
C ILE F 107 -6.36 29.27 -14.81
N SER F 108 -5.17 29.63 -15.31
CA SER F 108 -4.76 31.02 -15.38
C SER F 108 -5.65 31.70 -16.42
N LEU F 109 -5.84 31.01 -17.55
CA LEU F 109 -6.68 31.50 -18.62
C LEU F 109 -8.11 31.69 -18.12
N GLY F 110 -8.58 30.74 -17.30
CA GLY F 110 -9.93 30.83 -16.77
C GLY F 110 -10.11 32.03 -15.86
N ALA F 111 -9.28 32.10 -14.81
CA ALA F 111 -9.34 33.19 -13.85
C ALA F 111 -9.29 34.52 -14.57
N TYR F 112 -8.50 34.58 -15.64
CA TYR F 112 -8.40 35.80 -16.42
C TYR F 112 -9.82 36.18 -16.84
N ILE F 113 -10.47 35.23 -17.51
CA ILE F 113 -11.82 35.41 -18.00
C ILE F 113 -12.81 35.82 -16.93
N VAL F 114 -12.66 35.28 -15.72
CA VAL F 114 -13.55 35.62 -14.63
C VAL F 114 -13.65 37.13 -14.47
N HIS F 115 -12.50 37.79 -14.55
CA HIS F 115 -12.40 39.25 -14.41
C HIS F 115 -13.08 40.08 -15.50
N MET F 116 -13.16 39.53 -16.70
CA MET F 116 -13.77 40.22 -17.83
C MET F 116 -15.30 40.24 -17.77
N LEU F 117 -15.86 39.56 -16.78
CA LEU F 117 -17.32 39.47 -16.60
C LEU F 117 -17.98 40.77 -16.17
N GLY F 118 -17.19 41.70 -15.65
CA GLY F 118 -17.72 42.97 -15.21
C GLY F 118 -16.66 43.87 -14.61
N GLU F 125 -20.27 37.15 -22.83
CA GLU F 125 -19.77 36.75 -24.14
C GLU F 125 -18.48 35.94 -24.01
N GLU F 126 -17.62 36.39 -23.09
CA GLU F 126 -16.34 35.74 -22.85
C GLU F 126 -16.46 34.24 -22.66
N VAL F 127 -17.39 33.80 -21.83
CA VAL F 127 -17.54 32.39 -21.61
C VAL F 127 -18.01 31.69 -22.90
N ILE F 128 -18.72 32.41 -23.76
CA ILE F 128 -19.22 31.82 -25.01
C ILE F 128 -18.17 31.75 -26.13
N ASN F 129 -17.24 32.70 -26.15
CA ASN F 129 -16.20 32.68 -27.18
C ASN F 129 -15.12 31.67 -26.79
N THR F 130 -14.89 31.55 -25.49
CA THR F 130 -13.91 30.61 -24.96
C THR F 130 -14.31 29.27 -25.53
N PHE F 131 -15.56 28.91 -25.27
CA PHE F 131 -16.09 27.65 -25.75
C PHE F 131 -15.97 27.58 -27.27
N GLN F 132 -16.40 28.62 -27.96
CA GLN F 132 -16.34 28.63 -29.43
C GLN F 132 -14.93 28.33 -29.94
N ASN F 133 -13.95 29.03 -29.39
CA ASN F 133 -12.55 28.86 -29.80
C ASN F 133 -12.13 27.40 -29.78
N GLN F 134 -12.63 26.64 -28.82
CA GLN F 134 -12.25 25.25 -28.66
C GLN F 134 -13.35 24.23 -28.92
N ARG F 135 -14.37 24.61 -29.68
CA ARG F 135 -15.47 23.70 -30.01
C ARG F 135 -15.87 23.82 -31.48
N SER F 140 -3.46 19.31 -30.57
CA SER F 140 -4.04 17.99 -30.80
C SER F 140 -5.52 17.96 -30.40
N ALA F 141 -6.34 17.32 -31.24
CA ALA F 141 -7.77 17.21 -31.00
C ALA F 141 -8.10 16.94 -29.55
N ASP F 142 -7.67 15.77 -29.08
CA ASP F 142 -7.91 15.35 -27.71
C ASP F 142 -7.53 16.39 -26.68
N VAL F 143 -6.27 16.80 -26.71
CA VAL F 143 -5.79 17.81 -25.77
C VAL F 143 -6.66 19.05 -25.76
N GLN F 144 -6.87 19.62 -26.94
CA GLN F 144 -7.69 20.82 -27.10
C GLN F 144 -8.91 20.80 -26.19
N LEU F 145 -9.65 19.71 -26.27
CA LEU F 145 -10.86 19.55 -25.47
C LEU F 145 -10.55 19.50 -23.98
N TRP F 146 -9.41 18.93 -23.62
CA TRP F 146 -9.05 18.86 -22.22
C TRP F 146 -8.86 20.31 -21.76
N ILE F 147 -8.05 21.05 -22.53
CA ILE F 147 -7.77 22.44 -22.22
C ILE F 147 -9.08 23.18 -21.95
N MET F 148 -9.96 23.23 -22.96
CA MET F 148 -11.25 23.91 -22.81
C MET F 148 -11.99 23.53 -21.55
N LEU F 149 -12.21 22.23 -21.38
CA LEU F 149 -12.92 21.73 -20.23
C LEU F 149 -12.26 22.17 -18.93
N GLU F 150 -10.96 21.96 -18.80
CA GLU F 150 -10.26 22.37 -17.59
C GLU F 150 -10.49 23.86 -17.40
N VAL F 151 -10.35 24.60 -18.49
CA VAL F 151 -10.54 26.04 -18.46
C VAL F 151 -11.91 26.43 -17.91
N LEU F 152 -12.96 25.86 -18.49
CA LEU F 152 -14.33 26.16 -18.07
C LEU F 152 -14.66 25.75 -16.64
N THR F 153 -14.07 24.66 -16.18
CA THR F 153 -14.32 24.18 -14.83
C THR F 153 -13.69 25.10 -13.81
N ALA F 154 -12.45 25.50 -14.08
CA ALA F 154 -11.72 26.37 -13.19
C ALA F 154 -12.38 27.74 -13.06
N ILE F 155 -13.32 28.04 -13.96
CA ILE F 155 -13.98 29.33 -13.94
C ILE F 155 -14.92 29.59 -12.76
N PRO F 156 -15.90 28.71 -12.53
CA PRO F 156 -16.79 28.98 -11.39
C PRO F 156 -16.10 28.95 -10.02
N GLU F 157 -14.97 28.26 -9.92
CA GLU F 157 -14.25 28.18 -8.66
C GLU F 157 -13.33 29.38 -8.40
N GLU F 158 -12.79 29.96 -9.48
CA GLU F 158 -11.93 31.13 -9.34
C GLU F 158 -12.81 32.29 -8.89
N ALA F 159 -13.96 32.42 -9.55
CA ALA F 159 -14.92 33.47 -9.22
C ALA F 159 -15.28 33.44 -7.75
N GLN F 160 -14.99 32.30 -7.11
CA GLN F 160 -15.28 32.11 -5.69
C GLN F 160 -14.23 32.76 -4.81
N VAL F 161 -13.00 32.87 -5.33
CA VAL F 161 -11.92 33.48 -4.57
C VAL F 161 -11.33 34.69 -5.28
N ILE F 162 -11.24 34.61 -6.60
CA ILE F 162 -10.70 35.70 -7.40
C ILE F 162 -11.30 37.04 -6.98
N HIS F 163 -10.42 37.99 -6.70
CA HIS F 163 -10.81 39.34 -6.27
C HIS F 163 -11.06 40.15 -7.54
N THR F 164 -12.32 40.42 -7.83
CA THR F 164 -12.68 41.15 -9.05
C THR F 164 -13.09 42.60 -8.83
N SER F 165 -12.88 43.11 -7.61
CA SER F 165 -13.24 44.50 -7.32
C SER F 165 -14.67 44.76 -7.74
N VAL F 166 -15.45 43.68 -7.83
CA VAL F 166 -16.85 43.77 -8.20
C VAL F 166 -17.66 43.08 -7.13
N LYS F 167 -18.86 43.57 -6.88
CA LYS F 167 -19.72 42.96 -5.87
C LYS F 167 -19.84 41.47 -6.20
N ARG F 168 -19.83 40.63 -5.17
CA ARG F 168 -19.95 39.20 -5.38
C ARG F 168 -21.19 38.85 -6.19
N VAL F 169 -22.33 39.34 -5.74
CA VAL F 169 -23.61 39.07 -6.38
C VAL F 169 -23.63 39.16 -7.90
N VAL F 170 -22.95 40.16 -8.45
CA VAL F 170 -22.89 40.34 -9.89
C VAL F 170 -21.86 39.43 -10.55
N LEU F 171 -20.88 38.98 -9.78
CA LEU F 171 -19.87 38.08 -10.31
C LEU F 171 -20.52 36.71 -10.39
N ARG F 172 -21.42 36.46 -9.44
CA ARG F 172 -22.16 35.21 -9.40
C ARG F 172 -23.23 35.30 -10.48
N ALA F 173 -23.95 36.41 -10.48
CA ALA F 173 -25.02 36.67 -11.44
C ALA F 173 -24.56 36.51 -12.89
N GLU F 174 -23.43 37.11 -13.23
CA GLU F 174 -22.93 37.03 -14.59
C GLU F 174 -22.72 35.56 -15.00
N ILE F 175 -22.01 34.82 -14.16
CA ILE F 175 -21.72 33.41 -14.43
C ILE F 175 -22.96 32.52 -14.48
N ALA F 176 -23.89 32.73 -13.56
CA ALA F 176 -25.10 31.94 -13.51
C ALA F 176 -25.87 32.00 -14.83
N LYS F 177 -25.55 33.03 -15.62
CA LYS F 177 -26.20 33.25 -16.90
C LYS F 177 -25.68 32.39 -18.06
N ARG F 178 -24.66 31.59 -17.83
CA ARG F 178 -24.11 30.75 -18.88
C ARG F 178 -24.01 29.30 -18.46
N VAL F 179 -24.74 28.94 -17.42
CA VAL F 179 -24.73 27.57 -16.92
C VAL F 179 -25.24 26.61 -18.00
N GLN F 180 -26.50 26.78 -18.41
CA GLN F 180 -27.10 25.93 -19.45
C GLN F 180 -26.14 25.63 -20.58
N LEU F 181 -25.40 26.63 -21.03
CA LEU F 181 -24.45 26.43 -22.11
C LEU F 181 -23.47 25.34 -21.70
N VAL F 182 -22.85 25.54 -20.54
CA VAL F 182 -21.87 24.60 -20.01
C VAL F 182 -22.41 23.18 -20.00
N ILE F 183 -23.49 22.95 -19.24
CA ILE F 183 -24.06 21.63 -19.17
C ILE F 183 -24.51 21.15 -20.56
N HIS F 184 -25.49 21.82 -21.14
CA HIS F 184 -25.97 21.42 -22.46
C HIS F 184 -24.79 20.99 -23.33
N THR F 185 -23.68 21.72 -23.23
CA THR F 185 -22.48 21.40 -23.99
C THR F 185 -21.99 20.01 -23.60
N VAL F 186 -21.59 19.88 -22.33
CA VAL F 186 -21.08 18.61 -21.82
C VAL F 186 -22.06 17.50 -22.14
N GLU F 187 -23.34 17.78 -21.87
CA GLU F 187 -24.42 16.83 -22.13
C GLU F 187 -24.44 16.47 -23.60
N ARG F 188 -24.02 17.40 -24.45
CA ARG F 188 -23.99 17.19 -25.89
C ARG F 188 -22.79 16.31 -26.22
N TYR F 189 -21.63 16.68 -25.67
CA TYR F 189 -20.39 15.93 -25.88
C TYR F 189 -20.56 14.47 -25.53
N LEU F 190 -21.00 14.23 -24.29
CA LEU F 190 -21.21 12.88 -23.78
C LEU F 190 -22.01 12.04 -24.78
N LYS F 191 -23.26 12.41 -25.00
CA LYS F 191 -24.11 11.70 -25.94
C LYS F 191 -23.36 11.42 -27.24
N LEU F 192 -22.61 12.41 -27.71
CA LEU F 192 -21.84 12.26 -28.93
C LEU F 192 -20.83 11.13 -28.77
N GLN F 193 -20.31 10.99 -27.55
CA GLN F 193 -19.35 9.95 -27.24
C GLN F 193 -20.04 8.63 -27.00
N MET F 194 -21.33 8.69 -26.71
CA MET F 194 -22.12 7.51 -26.46
C MET F 194 -22.25 6.67 -27.72
N ASN F 195 -21.82 7.26 -28.85
CA ASN F 195 -21.91 6.58 -30.15
C ASN F 195 -20.55 6.21 -30.73
N ARG F 196 -19.50 6.92 -30.29
CA ARG F 196 -18.15 6.65 -30.79
C ARG F 196 -17.37 5.68 -29.91
N VAL F 197 -16.09 5.50 -30.25
CA VAL F 197 -15.20 4.59 -29.53
C VAL F 197 -14.62 5.28 -28.31
N TRP F 198 -14.72 4.60 -27.16
CA TRP F 198 -14.24 5.14 -25.92
C TRP F 198 -12.74 4.92 -25.71
N ASP F 199 -11.99 5.87 -26.27
CA ASP F 199 -10.53 5.91 -26.20
C ASP F 199 -10.14 6.18 -24.73
N ALA F 200 -8.93 5.77 -24.35
CA ALA F 200 -8.48 6.01 -22.99
C ALA F 200 -8.56 7.50 -22.73
N GLU F 201 -8.08 8.29 -23.69
CA GLU F 201 -8.10 9.74 -23.57
C GLU F 201 -9.55 10.23 -23.59
N ALA F 202 -10.47 9.38 -24.05
CA ALA F 202 -11.88 9.74 -24.11
C ALA F 202 -12.52 9.67 -22.73
N TYR F 203 -12.20 8.64 -21.97
CA TYR F 203 -12.75 8.50 -20.62
C TYR F 203 -12.30 9.73 -19.85
N SER F 204 -11.00 9.97 -19.88
CA SER F 204 -10.38 11.10 -19.20
C SER F 204 -11.09 12.41 -19.54
N ASN F 205 -11.27 12.67 -20.85
CA ASN F 205 -11.93 13.91 -21.25
C ASN F 205 -13.38 13.90 -20.78
N MET F 206 -14.00 12.72 -20.76
CA MET F 206 -15.38 12.61 -20.31
C MET F 206 -15.44 12.85 -18.81
N ASN F 207 -14.34 12.58 -18.13
CA ASN F 207 -14.28 12.77 -16.68
C ASN F 207 -14.31 14.27 -16.43
N ARG F 208 -13.40 14.99 -17.10
CA ARG F 208 -13.34 16.44 -16.98
C ARG F 208 -14.73 16.98 -17.26
N ALA F 209 -15.33 16.48 -18.33
CA ALA F 209 -16.66 16.87 -18.76
C ALA F 209 -17.67 16.80 -17.62
N VAL F 210 -17.88 15.58 -17.11
CA VAL F 210 -18.83 15.33 -16.03
C VAL F 210 -18.47 16.11 -14.76
N LYS F 211 -17.17 16.23 -14.48
CA LYS F 211 -16.72 16.95 -13.30
C LYS F 211 -17.00 18.44 -13.50
N CYS F 212 -16.76 18.92 -14.71
CA CYS F 212 -16.99 20.32 -15.04
C CYS F 212 -18.41 20.65 -14.60
N VAL F 213 -19.36 19.91 -15.14
CA VAL F 213 -20.77 20.10 -14.80
C VAL F 213 -20.93 20.18 -13.29
N GLY F 214 -20.61 19.09 -12.60
CA GLY F 214 -20.74 19.04 -11.16
C GLY F 214 -20.26 20.29 -10.43
N THR F 215 -19.04 20.73 -10.73
CA THR F 215 -18.46 21.92 -10.11
C THR F 215 -19.39 23.11 -10.27
N TRP F 216 -19.91 23.27 -11.48
CA TRP F 216 -20.82 24.36 -11.78
C TRP F 216 -22.12 24.23 -11.00
N ILE F 217 -22.47 23.02 -10.61
CA ILE F 217 -23.71 22.82 -9.88
C ILE F 217 -23.62 23.23 -8.42
N LYS F 218 -22.50 22.91 -7.77
CA LYS F 218 -22.36 23.29 -6.37
C LYS F 218 -21.92 24.73 -6.22
N ASN F 219 -21.15 25.23 -7.18
CA ASN F 219 -20.67 26.60 -7.15
C ASN F 219 -21.76 27.55 -7.63
N ILE F 220 -22.21 27.36 -8.86
CA ILE F 220 -23.29 28.18 -9.41
C ILE F 220 -24.55 27.33 -9.37
N GLY F 221 -25.69 27.94 -9.13
CA GLY F 221 -26.89 27.13 -9.07
C GLY F 221 -27.76 27.16 -10.31
N TYR F 222 -28.28 26.00 -10.69
CA TYR F 222 -29.16 25.89 -11.85
C TYR F 222 -30.44 25.11 -11.46
N THR F 223 -31.56 25.42 -12.10
CA THR F 223 -32.81 24.73 -11.80
C THR F 223 -32.68 23.24 -12.06
N ILE F 224 -33.21 22.44 -11.15
CA ILE F 224 -33.14 20.99 -11.31
C ILE F 224 -33.86 20.56 -12.58
N GLU F 225 -34.87 21.33 -12.95
CA GLU F 225 -35.68 21.05 -14.12
C GLU F 225 -34.88 20.86 -15.41
N GLY F 226 -33.69 21.45 -15.48
CA GLY F 226 -32.89 21.33 -16.68
C GLY F 226 -31.79 20.29 -16.52
N CYS F 227 -31.73 19.69 -15.34
CA CYS F 227 -30.72 18.68 -15.04
C CYS F 227 -31.20 17.27 -15.33
N VAL F 228 -32.48 17.14 -15.65
CA VAL F 228 -33.06 15.83 -15.96
C VAL F 228 -32.37 15.23 -17.19
N THR F 229 -32.09 16.08 -18.16
CA THR F 229 -31.44 15.63 -19.39
C THR F 229 -30.09 15.00 -19.07
N ILE F 230 -29.18 15.82 -18.56
CA ILE F 230 -27.85 15.36 -18.21
C ILE F 230 -27.93 14.23 -17.19
N THR F 231 -28.74 14.41 -16.15
CA THR F 231 -28.90 13.38 -15.12
C THR F 231 -29.01 12.03 -15.80
N ALA F 232 -29.94 11.93 -16.74
CA ALA F 232 -30.18 10.70 -17.47
C ALA F 232 -28.97 10.22 -18.27
N VAL F 233 -28.31 11.15 -18.95
CA VAL F 233 -27.15 10.86 -19.78
C VAL F 233 -26.03 10.30 -18.90
N LEU F 234 -25.72 11.01 -17.82
CA LEU F 234 -24.68 10.56 -16.91
C LEU F 234 -25.00 9.15 -16.47
N LEU F 235 -26.26 8.92 -16.11
CA LEU F 235 -26.71 7.61 -15.68
C LEU F 235 -26.27 6.55 -16.70
N GLU F 236 -26.55 6.78 -17.98
CA GLU F 236 -26.17 5.81 -19.00
C GLU F 236 -24.65 5.76 -19.12
N VAL F 237 -24.00 6.89 -18.85
CA VAL F 237 -22.54 6.92 -18.91
C VAL F 237 -22.05 5.96 -17.83
N VAL F 238 -22.61 6.09 -16.62
CA VAL F 238 -22.24 5.22 -15.52
C VAL F 238 -22.36 3.79 -15.99
N HIS F 239 -23.58 3.40 -16.31
CA HIS F 239 -23.85 2.06 -16.79
C HIS F 239 -22.78 1.58 -17.79
N LYS F 240 -22.51 2.37 -18.82
CA LYS F 240 -21.51 1.97 -19.81
C LYS F 240 -20.16 1.69 -19.21
N CYS F 241 -20.00 2.06 -17.93
CA CYS F 241 -18.74 1.83 -17.24
C CYS F 241 -18.82 0.61 -16.34
N TYR F 242 -20.03 0.28 -15.89
CA TYR F 242 -20.19 -0.85 -14.99
C TYR F 242 -20.49 -2.20 -15.62
N TRP F 243 -21.33 -2.21 -16.64
CA TRP F 243 -21.75 -3.47 -17.26
C TRP F 243 -20.77 -4.24 -18.15
N PRO F 244 -19.74 -3.58 -18.72
CA PRO F 244 -18.85 -4.41 -19.55
C PRO F 244 -17.92 -5.23 -18.67
N CYS F 245 -17.62 -4.71 -17.48
CA CYS F 245 -16.75 -5.37 -16.53
C CYS F 245 -17.48 -6.52 -15.86
N ILE F 246 -18.80 -6.52 -15.94
CA ILE F 246 -19.56 -7.60 -15.33
C ILE F 246 -19.66 -8.78 -16.29
N HIS F 247 -18.72 -9.71 -16.16
CA HIS F 247 -18.66 -10.92 -16.97
C HIS F 247 -17.21 -11.31 -17.24
N GLY F 251 -16.43 -8.19 -11.96
CA GLY F 251 -16.95 -6.85 -12.17
C GLY F 251 -15.90 -5.79 -11.87
N CYS F 252 -14.65 -6.21 -11.78
CA CYS F 252 -13.55 -5.29 -11.52
C CYS F 252 -13.17 -4.57 -12.81
N MET F 253 -13.50 -3.28 -12.86
CA MET F 253 -13.24 -2.46 -14.02
C MET F 253 -11.94 -1.69 -13.90
N THR F 254 -11.46 -1.15 -15.02
CA THR F 254 -10.23 -0.38 -15.02
C THR F 254 -10.46 0.89 -14.19
N ALA F 255 -9.37 1.49 -13.73
CA ALA F 255 -9.48 2.70 -12.94
C ALA F 255 -10.22 3.77 -13.72
N ASP F 256 -9.96 3.83 -15.02
CA ASP F 256 -10.56 4.80 -15.93
C ASP F 256 -12.08 4.76 -15.94
N GLU F 257 -12.64 3.55 -15.92
CA GLU F 257 -14.08 3.40 -15.91
C GLU F 257 -14.61 3.82 -14.55
N ASN F 258 -13.87 3.45 -13.51
CA ASN F 258 -14.24 3.76 -12.15
C ASN F 258 -14.21 5.26 -11.86
N GLU F 259 -13.12 5.91 -12.25
CA GLU F 259 -13.02 7.35 -12.02
C GLU F 259 -14.21 7.99 -12.72
N LEU F 260 -14.40 7.67 -14.00
CA LEU F 260 -15.49 8.25 -14.77
C LEU F 260 -16.84 7.99 -14.14
N ALA F 261 -17.01 6.80 -13.55
CA ALA F 261 -18.27 6.46 -12.93
C ALA F 261 -18.49 7.38 -11.73
N GLU F 262 -17.55 7.37 -10.79
CA GLU F 262 -17.64 8.20 -9.60
C GLU F 262 -18.06 9.61 -10.00
N SER F 263 -17.21 10.28 -10.77
CA SER F 263 -17.48 11.63 -11.23
C SER F 263 -18.91 11.80 -11.76
N CYS F 264 -19.41 10.79 -12.45
CA CYS F 264 -20.76 10.83 -12.97
C CYS F 264 -21.71 10.87 -11.78
N LEU F 265 -21.44 9.99 -10.82
CA LEU F 265 -22.23 9.88 -9.61
C LEU F 265 -22.17 11.14 -8.74
N LYS F 266 -20.97 11.66 -8.51
CA LYS F 266 -20.78 12.85 -7.70
C LYS F 266 -21.56 14.01 -8.27
N THR F 267 -21.50 14.18 -9.59
CA THR F 267 -22.21 15.25 -10.25
C THR F 267 -23.71 15.07 -9.97
N MET F 268 -24.18 13.83 -10.05
CA MET F 268 -25.59 13.57 -9.80
C MET F 268 -25.91 14.00 -8.37
N VAL F 269 -25.00 13.68 -7.45
CA VAL F 269 -25.22 14.06 -6.07
C VAL F 269 -25.36 15.56 -6.02
N ASN F 270 -24.35 16.26 -6.54
CA ASN F 270 -24.36 17.71 -6.56
C ASN F 270 -25.68 18.22 -7.11
N ILE F 271 -26.23 17.50 -8.08
CA ILE F 271 -27.48 17.89 -8.70
C ILE F 271 -28.67 17.93 -7.74
N ILE F 272 -28.86 16.88 -6.94
CA ILE F 272 -29.99 16.86 -6.01
C ILE F 272 -29.82 17.66 -4.72
N ILE F 273 -28.60 17.66 -4.18
CA ILE F 273 -28.27 18.36 -2.94
C ILE F 273 -28.46 19.87 -3.02
N GLN F 274 -28.43 20.44 -4.22
CA GLN F 274 -28.56 21.89 -4.35
C GLN F 274 -29.47 22.44 -3.27
N PRO F 275 -29.20 23.66 -2.76
CA PRO F 275 -30.00 24.30 -1.71
C PRO F 275 -31.45 24.58 -2.15
N ASP F 276 -31.60 25.16 -3.33
CA ASP F 276 -32.92 25.47 -3.88
C ASP F 276 -33.81 24.27 -4.26
N CYS F 277 -33.23 23.17 -4.73
CA CYS F 277 -34.03 22.00 -5.16
C CYS F 277 -35.20 21.57 -4.29
N HIS F 278 -35.06 21.71 -2.98
CA HIS F 278 -36.10 21.29 -2.07
C HIS F 278 -37.51 21.75 -2.46
N ASN F 279 -37.64 22.95 -3.02
CA ASN F 279 -38.95 23.48 -3.42
C ASN F 279 -39.48 22.96 -4.75
N TYR F 280 -38.71 22.10 -5.41
CA TYR F 280 -39.11 21.54 -6.70
C TYR F 280 -39.61 20.09 -6.60
N PRO F 281 -40.59 19.84 -5.69
CA PRO F 281 -41.17 18.52 -5.49
C PRO F 281 -41.32 17.74 -6.80
N LYS F 282 -41.53 18.47 -7.89
CA LYS F 282 -41.71 17.82 -9.18
C LYS F 282 -40.45 17.23 -9.81
N THR F 283 -39.42 18.05 -10.02
CA THR F 283 -38.18 17.57 -10.61
C THR F 283 -37.50 16.61 -9.65
N ALA F 284 -37.67 16.88 -8.36
CA ALA F 284 -37.10 16.07 -7.29
C ALA F 284 -37.57 14.63 -7.40
N PHE F 285 -38.88 14.43 -7.48
CA PHE F 285 -39.39 13.07 -7.60
C PHE F 285 -38.89 12.45 -8.88
N VAL F 286 -39.01 13.19 -9.98
CA VAL F 286 -38.57 12.72 -11.29
C VAL F 286 -37.15 12.21 -11.25
N LEU F 287 -36.22 13.09 -10.92
CA LEU F 287 -34.85 12.68 -10.87
C LEU F 287 -34.68 11.48 -9.93
N ILE F 288 -35.11 11.58 -8.68
CA ILE F 288 -34.94 10.47 -7.74
C ILE F 288 -35.45 9.14 -8.29
N LYS F 289 -36.60 9.18 -8.95
CA LYS F 289 -37.18 7.97 -9.51
C LYS F 289 -36.27 7.39 -10.58
N MET F 290 -35.62 8.24 -11.36
CA MET F 290 -34.74 7.71 -12.38
C MET F 290 -33.42 7.23 -11.81
N PHE F 291 -32.97 7.84 -10.71
CA PHE F 291 -31.72 7.41 -10.08
C PHE F 291 -31.97 5.99 -9.61
N LEU F 292 -33.04 5.86 -8.85
CA LEU F 292 -33.44 4.61 -8.26
C LEU F 292 -33.66 3.47 -9.26
N ASP F 293 -34.56 3.68 -10.21
CA ASP F 293 -34.88 2.66 -11.23
C ASP F 293 -33.75 2.40 -12.21
N SER F 294 -32.68 3.17 -12.13
CA SER F 294 -31.57 2.98 -13.05
C SER F 294 -30.35 2.43 -12.32
N LEU F 295 -30.25 2.74 -11.03
CA LEU F 295 -29.12 2.30 -10.24
C LEU F 295 -29.37 1.01 -9.46
N SER F 296 -30.64 0.64 -9.30
CA SER F 296 -30.99 -0.58 -8.57
C SER F 296 -30.15 -1.79 -9.00
N GLU F 297 -30.21 -2.11 -10.29
CA GLU F 297 -29.48 -3.26 -10.84
C GLU F 297 -28.05 -3.35 -10.31
N ILE F 298 -27.25 -2.34 -10.62
CA ILE F 298 -25.86 -2.28 -10.18
C ILE F 298 -25.72 -2.59 -8.70
N THR F 299 -26.65 -2.07 -7.91
CA THR F 299 -26.60 -2.30 -6.46
C THR F 299 -26.72 -3.80 -6.17
N LYS F 300 -27.73 -4.41 -6.77
CA LYS F 300 -28.00 -5.83 -6.62
C LYS F 300 -26.81 -6.68 -7.03
N THR F 301 -26.20 -6.32 -8.15
CA THR F 301 -25.06 -7.05 -8.67
C THR F 301 -23.82 -6.96 -7.78
N GLU F 302 -23.64 -5.85 -7.07
CA GLU F 302 -22.49 -5.69 -6.19
C GLU F 302 -22.80 -6.23 -4.81
N TRP F 303 -24.09 -6.37 -4.52
CA TRP F 303 -24.51 -6.94 -3.25
C TRP F 303 -24.13 -8.42 -3.41
N LYS F 304 -23.61 -8.79 -4.59
CA LYS F 304 -23.16 -10.17 -4.82
C LYS F 304 -21.92 -10.36 -3.94
N ARG F 305 -21.53 -11.59 -3.66
CA ARG F 305 -20.39 -11.75 -2.77
C ARG F 305 -19.02 -11.74 -3.45
N GLU F 306 -19.02 -11.80 -4.78
CA GLU F 306 -17.76 -11.76 -5.51
C GLU F 306 -17.45 -10.28 -5.83
N ASN F 307 -17.02 -9.59 -4.77
CA ASN F 307 -16.70 -8.16 -4.81
C ASN F 307 -15.71 -7.79 -5.87
N ASP F 308 -16.13 -6.86 -6.71
CA ASP F 308 -15.31 -6.40 -7.80
C ASP F 308 -15.13 -4.89 -7.72
N ASN F 309 -16.14 -4.21 -7.17
CA ASN F 309 -16.12 -2.77 -6.98
C ASN F 309 -16.99 -2.42 -5.80
N GLU F 310 -16.35 -1.87 -4.78
CA GLU F 310 -17.00 -1.44 -3.56
C GLU F 310 -17.12 0.07 -3.71
N ASP F 311 -16.43 0.57 -4.73
CA ASP F 311 -16.37 1.98 -5.04
C ASP F 311 -17.69 2.48 -5.62
N ILE F 312 -18.18 1.76 -6.61
CA ILE F 312 -19.43 2.12 -7.27
C ILE F 312 -20.61 2.10 -6.30
N ILE F 313 -20.74 1.02 -5.54
CA ILE F 313 -21.85 0.92 -4.59
C ILE F 313 -21.85 1.97 -3.50
N VAL F 314 -20.68 2.47 -3.12
CA VAL F 314 -20.64 3.49 -2.08
C VAL F 314 -21.24 4.79 -2.60
N HIS F 315 -20.91 5.12 -3.84
CA HIS F 315 -21.42 6.34 -4.46
C HIS F 315 -22.90 6.24 -4.83
N ILE F 316 -23.35 5.05 -5.24
CA ILE F 316 -24.75 4.89 -5.57
C ILE F 316 -25.54 4.98 -4.27
N TYR F 317 -25.14 4.19 -3.28
CA TYR F 317 -25.81 4.19 -1.98
C TYR F 317 -25.73 5.58 -1.36
N MET F 318 -24.62 6.27 -1.60
CA MET F 318 -24.40 7.61 -1.09
C MET F 318 -25.38 8.61 -1.72
N LEU F 319 -25.53 8.52 -3.03
CA LEU F 319 -26.42 9.38 -3.79
C LEU F 319 -27.85 9.26 -3.30
N PHE F 320 -28.32 8.02 -3.10
CA PHE F 320 -29.70 7.82 -2.62
C PHE F 320 -29.81 8.45 -1.25
N VAL F 321 -29.00 7.96 -0.32
CA VAL F 321 -29.02 8.47 1.03
C VAL F 321 -29.02 9.99 1.03
N SER F 322 -28.17 10.58 0.21
CA SER F 322 -28.11 12.03 0.14
C SER F 322 -29.37 12.65 -0.44
N SER F 323 -29.82 12.16 -1.58
CA SER F 323 -31.02 12.71 -2.21
C SER F 323 -32.24 12.71 -1.30
N VAL F 324 -32.20 11.88 -0.26
CA VAL F 324 -33.31 11.81 0.68
C VAL F 324 -33.14 12.94 1.70
N GLU F 325 -31.89 13.17 2.07
CA GLU F 325 -31.56 14.23 3.02
C GLU F 325 -32.02 15.59 2.51
N ARG F 326 -31.67 15.90 1.26
CA ARG F 326 -32.04 17.17 0.65
C ARG F 326 -33.54 17.36 0.46
N HIS F 327 -34.28 16.26 0.38
CA HIS F 327 -35.74 16.30 0.19
C HIS F 327 -36.49 15.53 1.28
N SER F 328 -36.39 15.99 2.51
CA SER F 328 -37.04 15.34 3.64
C SER F 328 -38.56 15.32 3.52
N THR F 329 -39.13 16.46 3.14
CA THR F 329 -40.58 16.62 2.99
C THR F 329 -41.19 15.65 1.99
N LEU F 330 -40.54 15.47 0.85
CA LEU F 330 -41.05 14.55 -0.15
C LEU F 330 -41.08 13.15 0.48
N LEU F 331 -39.96 12.76 1.06
CA LEU F 331 -39.86 11.44 1.70
C LEU F 331 -40.89 11.24 2.80
N LEU F 332 -40.97 12.18 3.74
CA LEU F 332 -41.91 12.07 4.86
C LEU F 332 -43.37 12.17 4.43
N SER F 333 -43.69 13.17 3.61
CA SER F 333 -45.06 13.34 3.15
C SER F 333 -45.55 12.14 2.37
N GLY F 334 -44.62 11.42 1.73
CA GLY F 334 -45.00 10.24 0.96
C GLY F 334 -45.45 9.13 1.90
N ILE F 335 -44.88 9.13 3.10
CA ILE F 335 -45.22 8.13 4.11
C ILE F 335 -46.67 8.26 4.59
N THR F 336 -47.07 9.48 4.93
CA THR F 336 -48.42 9.75 5.43
C THR F 336 -49.39 10.29 4.37
N SER F 337 -49.13 11.48 3.83
CA SER F 337 -50.03 12.03 2.81
C SER F 337 -50.19 10.95 1.73
N ALA F 338 -49.22 10.05 1.69
CA ALA F 338 -49.16 8.92 0.78
C ALA F 338 -49.51 9.17 -0.69
N ASP F 339 -48.93 10.18 -1.34
CA ASP F 339 -49.23 10.35 -2.76
C ASP F 339 -48.75 8.97 -3.24
N PRO F 340 -49.59 8.20 -3.93
CA PRO F 340 -49.08 6.90 -4.35
C PRO F 340 -47.67 6.91 -4.92
N GLU F 341 -47.40 7.83 -5.84
CA GLU F 341 -46.09 7.93 -6.46
C GLU F 341 -44.97 8.04 -5.42
N LEU F 342 -45.30 8.59 -4.26
CA LEU F 342 -44.31 8.76 -3.17
C LEU F 342 -44.16 7.59 -2.22
N SER F 343 -45.25 6.93 -1.87
CA SER F 343 -45.17 5.78 -0.95
C SER F 343 -44.27 4.70 -1.49
N ILE F 344 -44.36 4.48 -2.80
CA ILE F 344 -43.56 3.47 -3.46
C ILE F 344 -42.12 3.98 -3.55
N LEU F 345 -41.94 5.17 -4.14
CA LEU F 345 -40.61 5.76 -4.27
C LEU F 345 -39.88 5.72 -2.94
N VAL F 346 -40.50 6.29 -1.91
CA VAL F 346 -39.93 6.33 -0.56
C VAL F 346 -39.53 4.93 -0.05
N HIS F 347 -40.44 3.97 -0.14
CA HIS F 347 -40.15 2.62 0.31
C HIS F 347 -38.97 2.04 -0.47
N ARG F 348 -38.96 2.34 -1.77
CA ARG F 348 -37.90 1.87 -2.65
C ARG F 348 -36.56 2.50 -2.29
N ILE F 349 -36.59 3.79 -1.97
CA ILE F 349 -35.36 4.49 -1.60
C ILE F 349 -34.83 3.94 -0.27
N VAL F 350 -35.72 3.63 0.65
CA VAL F 350 -35.34 3.08 1.95
C VAL F 350 -34.87 1.64 1.85
N GLN F 351 -35.46 0.87 0.94
CA GLN F 351 -35.07 -0.51 0.77
C GLN F 351 -33.61 -0.55 0.33
N GLU F 352 -33.25 0.35 -0.58
CA GLU F 352 -31.87 0.41 -1.06
C GLU F 352 -30.94 0.70 0.10
N ILE F 353 -31.31 1.69 0.91
CA ILE F 353 -30.49 2.08 2.07
C ILE F 353 -30.50 1.04 3.17
N LEU F 354 -31.64 0.38 3.35
CA LEU F 354 -31.75 -0.67 4.35
C LEU F 354 -30.79 -1.78 3.92
N HIS F 355 -30.87 -2.16 2.64
CA HIS F 355 -30.00 -3.20 2.07
C HIS F 355 -28.56 -2.76 2.29
N CYS F 356 -28.29 -1.50 1.95
CA CYS F 356 -26.99 -0.88 2.12
C CYS F 356 -26.46 -1.12 3.55
N THR F 357 -27.32 -0.84 4.54
CA THR F 357 -27.01 -0.99 5.98
C THR F 357 -26.77 -2.44 6.33
N ASP F 358 -27.61 -3.31 5.78
CA ASP F 358 -27.53 -4.74 6.04
C ASP F 358 -26.44 -5.43 5.21
N LYS F 359 -25.89 -4.74 4.21
CA LYS F 359 -24.86 -5.30 3.33
C LYS F 359 -23.88 -6.20 4.11
N PRO F 360 -23.50 -7.37 3.54
CA PRO F 360 -22.59 -8.33 4.18
C PRO F 360 -21.21 -7.81 4.55
N GLY F 361 -20.40 -8.65 5.19
CA GLY F 361 -19.05 -8.28 5.55
C GLY F 361 -18.78 -7.24 6.62
N ILE F 362 -17.61 -7.31 7.21
CA ILE F 362 -17.22 -6.36 8.22
C ILE F 362 -17.13 -5.03 7.51
N TYR F 363 -17.46 -3.96 8.19
CA TYR F 363 -17.41 -2.65 7.57
C TYR F 363 -16.11 -2.32 6.84
N PRO F 364 -14.96 -2.45 7.54
CA PRO F 364 -13.61 -2.18 7.01
C PRO F 364 -13.13 -2.99 5.82
N VAL F 365 -13.49 -4.27 5.80
CA VAL F 365 -13.01 -5.13 4.73
C VAL F 365 -13.98 -5.56 3.66
N GLU F 366 -15.17 -6.03 4.04
CA GLU F 366 -16.07 -6.51 3.01
C GLU F 366 -17.03 -5.54 2.32
N GLU F 367 -17.57 -4.58 3.06
CA GLU F 367 -18.51 -3.61 2.48
C GLU F 367 -18.38 -2.24 3.15
N SER F 368 -17.79 -1.30 2.42
CA SER F 368 -17.56 0.07 2.88
C SER F 368 -18.79 0.99 2.96
N CYS F 369 -19.99 0.42 2.83
CA CYS F 369 -21.21 1.23 2.84
C CYS F 369 -21.94 1.40 4.15
N SER F 370 -21.46 0.79 5.23
CA SER F 370 -22.18 0.89 6.50
C SER F 370 -22.36 2.31 7.02
N THR F 371 -21.33 3.13 6.88
CA THR F 371 -21.39 4.50 7.36
C THR F 371 -22.50 5.26 6.65
N MET F 372 -22.59 5.07 5.34
CA MET F 372 -23.59 5.73 4.51
C MET F 372 -24.97 5.61 5.12
N ALA F 373 -25.36 4.37 5.39
CA ALA F 373 -26.66 4.05 5.94
C ALA F 373 -26.91 4.59 7.34
N LEU F 374 -25.86 4.60 8.17
CA LEU F 374 -26.02 5.09 9.53
C LEU F 374 -26.23 6.59 9.49
N ALA F 375 -25.57 7.25 8.55
CA ALA F 375 -25.71 8.69 8.38
C ALA F 375 -27.17 8.98 8.09
N PHE F 376 -27.75 8.20 7.18
CA PHE F 376 -29.14 8.32 6.73
C PHE F 376 -30.16 8.16 7.85
N TRP F 377 -30.07 7.08 8.63
CA TRP F 377 -31.03 6.89 9.70
C TRP F 377 -31.02 8.05 10.67
N TYR F 378 -29.83 8.54 10.98
CA TYR F 378 -29.74 9.67 11.87
C TYR F 378 -30.69 10.77 11.40
N MET F 379 -30.60 11.12 10.12
CA MET F 379 -31.43 12.18 9.55
C MET F 379 -32.93 11.91 9.70
N LEU F 380 -33.35 10.70 9.35
CA LEU F 380 -34.76 10.36 9.41
C LEU F 380 -35.27 10.33 10.84
N GLN F 381 -34.50 9.70 11.73
CA GLN F 381 -34.85 9.60 13.13
C GLN F 381 -34.98 10.98 13.74
N ASP F 382 -34.03 11.88 13.44
CA ASP F 382 -34.10 13.23 14.02
C ASP F 382 -35.15 14.09 13.33
N GLU F 383 -35.40 13.80 12.06
CA GLU F 383 -36.38 14.56 11.29
C GLU F 383 -37.81 14.31 11.70
N VAL F 384 -38.10 13.09 12.11
CA VAL F 384 -39.44 12.73 12.52
C VAL F 384 -39.68 13.18 13.96
N PHE F 385 -38.62 13.30 14.74
CA PHE F 385 -38.76 13.73 16.13
C PHE F 385 -38.84 15.25 16.21
N ALA F 386 -38.42 15.91 15.13
CA ALA F 386 -38.43 17.36 15.05
C ALA F 386 -39.50 17.86 14.08
N HIS F 394 -46.21 12.85 14.64
CA HIS F 394 -47.10 12.38 13.59
C HIS F 394 -47.08 10.85 13.50
N LYS F 395 -47.45 10.33 12.34
CA LYS F 395 -47.47 8.90 12.13
C LYS F 395 -46.08 8.43 11.72
N CYS F 396 -45.26 9.36 11.23
CA CYS F 396 -43.92 9.04 10.79
C CYS F 396 -43.15 8.31 11.89
N TRP F 397 -43.41 8.68 13.15
CA TRP F 397 -42.74 8.02 14.26
C TRP F 397 -43.14 6.55 14.21
N GLU F 398 -44.44 6.30 14.17
CA GLU F 398 -44.94 4.93 14.11
C GLU F 398 -44.56 4.27 12.81
N TYR F 399 -44.50 5.06 11.75
CA TYR F 399 -44.15 4.55 10.43
C TYR F 399 -42.67 4.20 10.37
N ILE F 400 -41.88 4.84 11.23
CA ILE F 400 -40.46 4.59 11.27
C ILE F 400 -40.11 3.44 12.21
N LYS F 401 -40.99 3.17 13.17
CA LYS F 401 -40.76 2.09 14.12
C LYS F 401 -40.32 0.81 13.41
N PRO F 402 -41.13 0.30 12.47
CA PRO F 402 -40.69 -0.92 11.81
C PRO F 402 -39.25 -0.80 11.33
N LEU F 403 -38.98 0.24 10.54
CA LEU F 403 -37.63 0.47 10.02
C LEU F 403 -36.65 0.43 11.17
N TYR F 404 -36.83 1.37 12.10
CA TYR F 404 -35.97 1.49 13.27
C TYR F 404 -35.72 0.15 13.93
N ALA F 405 -36.79 -0.63 14.12
CA ALA F 405 -36.66 -1.93 14.74
C ALA F 405 -35.76 -2.82 13.89
N HIS F 406 -36.14 -2.99 12.63
CA HIS F 406 -35.37 -3.80 11.71
C HIS F 406 -33.91 -3.36 11.72
N LEU F 407 -33.69 -2.07 11.57
CA LEU F 407 -32.33 -1.53 11.57
C LEU F 407 -31.55 -2.02 12.79
N THR F 408 -32.09 -1.80 13.98
CA THR F 408 -31.40 -2.22 15.20
C THR F 408 -30.78 -3.60 15.03
N ARG F 409 -31.58 -4.55 14.56
CA ARG F 409 -31.11 -5.91 14.35
C ARG F 409 -29.88 -5.88 13.45
N ILE F 410 -30.04 -5.27 12.27
CA ILE F 410 -28.94 -5.17 11.30
C ILE F 410 -27.66 -4.69 11.97
N LEU F 411 -27.79 -3.63 12.77
CA LEU F 411 -26.65 -3.06 13.46
C LEU F 411 -25.91 -4.12 14.25
N VAL F 412 -26.60 -4.76 15.17
CA VAL F 412 -25.98 -5.80 15.98
C VAL F 412 -25.27 -6.78 15.04
N ARG F 413 -25.90 -7.04 13.89
CA ARG F 413 -25.33 -7.95 12.90
C ARG F 413 -23.97 -7.44 12.44
N LYS F 414 -23.88 -6.13 12.25
CA LYS F 414 -22.66 -5.50 11.81
C LYS F 414 -21.82 -5.24 13.05
N SER F 415 -22.48 -5.29 14.20
CA SER F 415 -21.82 -5.08 15.48
C SER F 415 -21.00 -6.30 15.82
N GLU F 416 -21.07 -7.32 14.95
CA GLU F 416 -20.34 -8.55 15.18
C GLU F 416 -18.89 -8.44 14.74
N GLN F 417 -17.99 -8.59 15.71
CA GLN F 417 -16.56 -8.50 15.45
C GLN F 417 -16.13 -9.55 14.44
N PRO F 418 -14.98 -9.35 13.78
CA PRO F 418 -14.49 -10.31 12.78
C PRO F 418 -14.17 -11.67 13.39
N ASP F 419 -14.69 -12.72 12.74
CA ASP F 419 -14.48 -14.07 13.21
C ASP F 419 -13.00 -14.43 13.14
N GLU F 420 -12.50 -15.11 14.17
CA GLU F 420 -11.11 -15.52 14.17
C GLU F 420 -10.94 -16.56 13.07
N LYS F 421 -12.03 -16.81 12.33
CA LYS F 421 -11.98 -17.74 11.21
C LYS F 421 -11.04 -17.03 10.26
N SER F 422 -11.39 -15.80 9.94
CA SER F 422 -10.55 -14.98 9.08
C SER F 422 -9.33 -14.69 9.95
N LEU F 423 -9.48 -15.00 11.25
CA LEU F 423 -8.45 -14.78 12.26
C LEU F 423 -7.83 -13.42 12.06
N ALA F 424 -8.67 -12.41 11.91
CA ALA F 424 -8.17 -11.07 11.72
C ALA F 424 -6.98 -11.10 10.76
N LYS F 425 -7.25 -11.38 9.49
CA LYS F 425 -6.17 -11.36 8.48
C LYS F 425 -6.10 -9.90 8.07
N TRP F 426 -6.85 -9.09 8.81
CA TRP F 426 -6.91 -7.66 8.59
C TRP F 426 -5.72 -6.98 9.28
N SER F 427 -5.47 -5.73 8.92
CA SER F 427 -4.37 -4.96 9.51
C SER F 427 -5.01 -4.08 10.58
N SER F 428 -4.25 -3.73 11.63
CA SER F 428 -4.78 -2.92 12.71
C SER F 428 -5.56 -1.69 12.23
N ASP F 429 -5.16 -1.15 11.09
CA ASP F 429 -5.82 0.02 10.51
C ASP F 429 -7.31 -0.29 10.55
N ASP F 430 -7.66 -1.36 9.85
CA ASP F 430 -9.02 -1.89 9.76
C ASP F 430 -9.60 -2.07 11.16
N LEU F 431 -8.83 -2.74 12.01
CA LEU F 431 -9.27 -2.98 13.38
C LEU F 431 -9.49 -1.66 14.13
N GLU F 432 -8.55 -0.73 13.98
CA GLU F 432 -8.65 0.60 14.61
C GLU F 432 -9.91 1.27 14.07
N CYS F 433 -10.07 1.27 12.74
CA CYS F 433 -11.24 1.88 12.10
C CYS F 433 -12.55 1.20 12.47
N PHE F 434 -12.50 -0.13 12.65
CA PHE F 434 -13.71 -0.87 13.03
C PHE F 434 -14.20 -0.33 14.37
N ARG F 435 -13.25 -0.13 15.27
CA ARG F 435 -13.54 0.39 16.60
C ARG F 435 -14.30 1.70 16.45
N CYS F 436 -13.78 2.57 15.59
CA CYS F 436 -14.43 3.85 15.34
C CYS F 436 -15.82 3.52 14.81
N TYR F 437 -15.86 2.63 13.83
CA TYR F 437 -17.12 2.20 13.23
C TYR F 437 -18.12 1.85 14.31
N ARG F 438 -17.73 0.89 15.16
CA ARG F 438 -18.58 0.44 16.24
C ARG F 438 -19.13 1.63 17.03
N GLN F 439 -18.30 2.65 17.21
CA GLN F 439 -18.74 3.83 17.94
C GLN F 439 -19.97 4.44 17.26
N ASP F 440 -19.89 4.60 15.94
CA ASP F 440 -21.00 5.17 15.19
C ASP F 440 -22.17 4.23 15.21
N ILE F 441 -21.87 2.93 15.24
CA ILE F 441 -22.90 1.92 15.24
C ILE F 441 -23.64 1.83 16.58
N SER F 442 -22.94 2.17 17.67
CA SER F 442 -23.55 2.13 18.99
C SER F 442 -24.32 3.42 19.22
N ASP F 443 -23.91 4.47 18.53
CA ASP F 443 -24.56 5.76 18.62
C ASP F 443 -25.91 5.62 17.93
N THR F 444 -25.89 5.00 16.76
CA THR F 444 -27.12 4.79 15.99
C THR F 444 -28.06 4.03 16.92
N PHE F 445 -27.54 3.00 17.57
CA PHE F 445 -28.34 2.22 18.53
C PHE F 445 -29.05 3.23 19.40
N MET F 446 -28.27 3.94 20.19
CA MET F 446 -28.82 4.95 21.08
C MET F 446 -30.00 5.64 20.44
N TYR F 447 -29.74 6.34 19.36
CA TYR F 447 -30.79 7.07 18.67
C TYR F 447 -32.08 6.31 18.50
N CYS F 448 -32.02 5.11 17.94
CA CYS F 448 -33.26 4.36 17.76
C CYS F 448 -33.89 4.02 19.11
N TYR F 449 -33.10 4.06 20.18
CA TYR F 449 -33.65 3.79 21.50
C TYR F 449 -34.72 4.86 21.79
N ASP F 450 -34.51 6.06 21.26
CA ASP F 450 -35.44 7.16 21.46
C ASP F 450 -36.81 6.83 20.86
N VAL F 451 -36.86 5.90 19.91
CA VAL F 451 -38.14 5.51 19.32
C VAL F 451 -38.91 4.58 20.24
N LEU F 452 -38.20 3.57 20.75
CA LEU F 452 -38.80 2.60 21.63
C LEU F 452 -37.94 2.45 22.88
N ASN F 453 -38.33 3.15 23.94
CA ASN F 453 -37.57 3.12 25.18
C ASN F 453 -37.27 1.71 25.72
N ASP F 454 -38.19 0.79 25.49
CA ASP F 454 -38.02 -0.58 25.98
C ASP F 454 -37.97 -1.54 24.79
N TYR F 455 -38.79 -1.28 23.78
CA TYR F 455 -38.84 -2.17 22.62
C TYR F 455 -37.46 -2.60 22.12
N ILE F 456 -36.51 -1.66 22.05
CA ILE F 456 -35.20 -2.05 21.58
C ILE F 456 -34.66 -3.14 22.50
N LEU F 457 -34.86 -2.96 23.80
CA LEU F 457 -34.40 -3.92 24.79
C LEU F 457 -34.91 -5.32 24.50
N GLU F 458 -36.07 -5.40 23.85
CA GLU F 458 -36.68 -6.68 23.52
C GLU F 458 -35.86 -7.34 22.42
N ILE F 459 -35.69 -6.62 21.32
CA ILE F 459 -34.93 -7.13 20.18
C ILE F 459 -33.56 -7.62 20.61
N LEU F 460 -32.83 -6.77 21.33
CA LEU F 460 -31.50 -7.14 21.80
C LEU F 460 -31.54 -8.46 22.54
N ALA F 461 -32.56 -8.63 23.38
CA ALA F 461 -32.72 -9.87 24.13
C ALA F 461 -32.88 -11.01 23.13
N ALA F 462 -33.84 -10.86 22.23
CA ALA F 462 -34.11 -11.86 21.20
C ALA F 462 -32.82 -12.29 20.53
N MET F 463 -32.00 -11.33 20.13
CA MET F 463 -30.74 -11.64 19.48
C MET F 463 -29.74 -12.28 20.43
N LEU F 464 -29.95 -12.11 21.72
CA LEU F 464 -29.04 -12.72 22.67
C LEU F 464 -29.50 -14.15 22.89
N ASP F 465 -30.80 -14.37 22.91
CA ASP F 465 -31.34 -15.72 23.09
C ASP F 465 -30.82 -16.56 21.93
N GLU F 466 -30.91 -16.03 20.73
CA GLU F 466 -30.41 -16.73 19.56
C GLU F 466 -28.91 -16.92 19.79
N ALA F 467 -28.25 -15.83 20.19
CA ALA F 467 -26.81 -15.85 20.46
C ALA F 467 -26.51 -17.02 21.39
N ILE F 468 -27.52 -17.43 22.17
CA ILE F 468 -27.37 -18.55 23.09
C ILE F 468 -27.36 -19.82 22.26
N ALA F 469 -28.36 -19.94 21.38
CA ALA F 469 -28.48 -21.10 20.50
C ALA F 469 -27.38 -21.14 19.45
N ASP F 470 -26.54 -20.10 19.43
CA ASP F 470 -25.43 -20.03 18.48
C ASP F 470 -24.22 -20.73 19.07
N LEU F 471 -23.88 -20.40 20.31
CA LEU F 471 -22.75 -21.02 21.00
C LEU F 471 -23.16 -22.42 21.42
N GLN F 472 -24.42 -22.56 21.81
CA GLN F 472 -24.97 -23.85 22.23
C GLN F 472 -24.67 -24.95 21.22
N ARG F 473 -25.05 -24.71 19.97
CA ARG F 473 -24.84 -25.67 18.88
C ARG F 473 -23.39 -25.66 18.40
N HIS F 474 -22.78 -24.48 18.36
CA HIS F 474 -21.39 -24.34 17.95
C HIS F 474 -20.73 -23.39 18.94
N PRO F 475 -19.99 -23.94 19.93
CA PRO F 475 -19.32 -23.12 20.94
C PRO F 475 -18.28 -22.16 20.40
N THR F 476 -18.04 -22.20 19.10
CA THR F 476 -17.05 -21.31 18.49
C THR F 476 -17.70 -19.98 18.09
N HIS F 477 -19.02 -19.87 18.29
CA HIS F 477 -19.76 -18.65 17.95
C HIS F 477 -19.70 -17.62 19.06
N TRP F 478 -18.50 -17.10 19.27
CA TRP F 478 -18.27 -16.09 20.28
C TRP F 478 -18.61 -14.71 19.69
N THR F 479 -18.49 -14.59 18.37
CA THR F 479 -18.72 -13.32 17.65
C THR F 479 -20.12 -12.81 17.93
N LYS F 480 -21.08 -13.71 17.88
CA LYS F 480 -22.48 -13.38 18.14
C LYS F 480 -22.71 -13.07 19.62
N LEU F 481 -21.90 -13.67 20.50
CA LEU F 481 -22.00 -13.44 21.94
C LEU F 481 -21.47 -12.06 22.27
N GLU F 482 -20.27 -11.75 21.76
CA GLU F 482 -19.64 -10.46 21.98
C GLU F 482 -20.40 -9.33 21.29
N ALA F 483 -20.94 -9.62 20.12
CA ALA F 483 -21.71 -8.62 19.38
C ALA F 483 -23.00 -8.30 20.13
N CYS F 484 -23.70 -9.33 20.55
CA CYS F 484 -24.95 -9.16 21.29
C CYS F 484 -24.66 -8.38 22.57
N ILE F 485 -23.69 -8.86 23.35
CA ILE F 485 -23.34 -8.16 24.57
C ILE F 485 -23.03 -6.72 24.20
N TYR F 486 -22.21 -6.53 23.18
CA TYR F 486 -21.84 -5.18 22.73
C TYR F 486 -23.08 -4.32 22.49
N SER F 487 -24.10 -4.90 21.86
CA SER F 487 -25.34 -4.19 21.58
C SER F 487 -26.00 -3.66 22.85
N PHE F 488 -25.96 -4.46 23.93
CA PHE F 488 -26.54 -4.07 25.21
C PHE F 488 -25.75 -2.92 25.83
N GLN F 489 -24.44 -3.05 25.84
CA GLN F 489 -23.58 -2.01 26.40
C GLN F 489 -23.81 -0.71 25.63
N SER F 490 -24.12 -0.83 24.35
CA SER F 490 -24.37 0.33 23.50
C SER F 490 -25.56 1.13 24.02
N VAL F 491 -26.45 0.44 24.72
CA VAL F 491 -27.64 1.08 25.26
C VAL F 491 -27.55 1.26 26.77
N ALA F 492 -26.33 1.20 27.30
CA ALA F 492 -26.13 1.34 28.74
C ALA F 492 -26.12 2.79 29.18
N GLU F 493 -26.48 3.69 28.29
CA GLU F 493 -26.50 5.12 28.60
C GLU F 493 -27.92 5.67 28.64
N HIS F 494 -28.86 4.87 29.15
CA HIS F 494 -30.27 5.27 29.25
C HIS F 494 -30.88 4.85 30.61
N ARG F 501 -36.76 -6.45 32.97
CA ARG F 501 -36.42 -7.87 32.89
C ARG F 501 -35.44 -8.15 31.77
N GLN F 502 -35.53 -7.38 30.69
CA GLN F 502 -34.63 -7.58 29.56
C GLN F 502 -33.19 -7.39 29.97
N ILE F 503 -32.96 -6.48 30.91
CA ILE F 503 -31.61 -6.18 31.37
C ILE F 503 -30.98 -7.27 32.23
N PRO F 504 -31.66 -7.72 33.28
CA PRO F 504 -31.07 -8.77 34.12
C PRO F 504 -30.73 -10.03 33.35
N ARG F 505 -31.54 -10.38 32.35
CA ARG F 505 -31.26 -11.55 31.53
C ARG F 505 -29.80 -11.45 31.14
N LEU F 506 -29.43 -10.25 30.66
CA LEU F 506 -28.08 -9.95 30.24
C LEU F 506 -27.07 -10.31 31.32
N MET F 507 -27.35 -9.86 32.54
CA MET F 507 -26.48 -10.13 33.68
C MET F 507 -26.28 -11.64 33.88
N ARG F 508 -27.39 -12.35 34.00
CA ARG F 508 -27.37 -13.80 34.19
C ARG F 508 -26.59 -14.46 33.06
N VAL F 509 -26.94 -14.10 31.83
CA VAL F 509 -26.27 -14.63 30.67
C VAL F 509 -24.77 -14.47 30.81
N LEU F 510 -24.35 -13.30 31.28
CA LEU F 510 -22.93 -13.04 31.46
C LEU F 510 -22.34 -14.01 32.47
N ALA F 511 -23.05 -14.26 33.55
CA ALA F 511 -22.56 -15.17 34.57
C ALA F 511 -22.49 -16.60 34.04
N GLU F 512 -23.55 -17.03 33.36
CA GLU F 512 -23.63 -18.37 32.79
C GLU F 512 -22.51 -18.64 31.79
N ILE F 513 -22.27 -17.68 30.90
CA ILE F 513 -21.22 -17.81 29.88
C ILE F 513 -19.87 -18.20 30.46
N PRO F 514 -19.39 -19.41 30.15
CA PRO F 514 -18.10 -19.88 30.64
C PRO F 514 -16.95 -19.20 29.87
N TYR F 515 -16.63 -17.98 30.28
CA TYR F 515 -15.59 -17.20 29.61
C TYR F 515 -14.22 -17.83 29.47
N GLU F 516 -13.90 -18.82 30.30
CA GLU F 516 -12.61 -19.47 30.21
C GLU F 516 -12.60 -20.46 29.05
N LYS F 517 -13.79 -20.78 28.56
CA LYS F 517 -13.93 -21.73 27.46
C LYS F 517 -13.87 -21.10 26.06
N LEU F 518 -14.32 -19.86 25.93
CA LEU F 518 -14.31 -19.19 24.64
C LEU F 518 -13.18 -18.18 24.49
N ASN F 519 -13.01 -17.65 23.28
CA ASN F 519 -11.94 -16.70 23.02
C ASN F 519 -11.86 -15.55 24.02
N VAL F 520 -10.63 -15.18 24.38
CA VAL F 520 -10.33 -14.11 25.31
C VAL F 520 -11.23 -12.91 25.07
N LYS F 521 -11.56 -12.68 23.81
CA LYS F 521 -12.39 -11.55 23.44
C LYS F 521 -13.65 -11.38 24.31
N LEU F 522 -14.38 -12.46 24.57
CA LEU F 522 -15.61 -12.38 25.35
C LEU F 522 -15.37 -11.79 26.75
N LEU F 523 -14.28 -12.20 27.39
CA LEU F 523 -13.94 -11.73 28.74
C LEU F 523 -13.79 -10.22 28.80
N GLY F 524 -13.14 -9.64 27.80
CA GLY F 524 -12.95 -8.20 27.78
C GLY F 524 -14.24 -7.44 27.59
N THR F 525 -15.10 -7.94 26.72
CA THR F 525 -16.39 -7.31 26.46
C THR F 525 -17.27 -7.49 27.69
N ALA F 526 -17.50 -8.74 28.06
CA ALA F 526 -18.31 -9.07 29.21
C ALA F 526 -18.02 -8.09 30.33
N LEU F 527 -16.75 -8.03 30.73
CA LEU F 527 -16.34 -7.14 31.80
C LEU F 527 -16.61 -5.67 31.49
N GLU F 528 -16.31 -5.25 30.27
CA GLU F 528 -16.50 -3.86 29.87
C GLU F 528 -17.97 -3.46 29.85
N THR F 529 -18.82 -4.38 29.39
CA THR F 529 -20.25 -4.11 29.32
C THR F 529 -20.84 -3.98 30.71
N MET F 530 -20.27 -4.72 31.65
CA MET F 530 -20.72 -4.68 33.04
C MET F 530 -20.33 -3.37 33.70
N GLY F 531 -19.14 -2.87 33.36
CA GLY F 531 -18.71 -1.61 33.93
C GLY F 531 -19.69 -0.53 33.54
N SER F 532 -20.08 -0.52 32.27
CA SER F 532 -21.01 0.48 31.78
C SER F 532 -22.33 0.43 32.53
N TYR F 533 -22.70 -0.74 33.04
CA TYR F 533 -23.94 -0.89 33.78
C TYR F 533 -23.76 -0.61 35.28
N CYS F 534 -22.71 0.11 35.61
CA CYS F 534 -22.44 0.44 37.00
C CYS F 534 -23.71 0.98 37.66
N ASN F 535 -24.33 1.97 37.01
CA ASN F 535 -25.54 2.60 37.54
C ASN F 535 -26.67 1.63 37.79
N TRP F 536 -27.03 0.86 36.78
CA TRP F 536 -28.12 -0.09 36.92
C TRP F 536 -27.95 -1.01 38.14
N LEU F 537 -26.70 -1.21 38.55
CA LEU F 537 -26.44 -2.07 39.69
C LEU F 537 -26.90 -1.43 41.00
N MET F 538 -26.83 -0.11 41.07
CA MET F 538 -27.25 0.59 42.27
C MET F 538 -28.78 0.74 42.27
N TYR F 543 -27.40 -7.67 42.43
CA TYR F 543 -26.71 -8.10 41.23
C TYR F 543 -25.24 -7.68 41.28
N ILE F 544 -24.84 -7.02 42.36
CA ILE F 544 -23.45 -6.57 42.53
C ILE F 544 -22.50 -7.68 42.91
N PRO F 545 -22.95 -8.64 43.73
CA PRO F 545 -22.03 -9.72 44.10
C PRO F 545 -21.43 -10.49 42.92
N PRO F 546 -22.25 -10.87 41.91
CA PRO F 546 -21.70 -11.59 40.77
C PRO F 546 -20.87 -10.67 39.88
N ALA F 547 -21.18 -9.38 39.94
CA ALA F 547 -20.46 -8.38 39.16
C ALA F 547 -19.00 -8.46 39.59
N ILE F 548 -18.80 -8.45 40.90
CA ILE F 548 -17.48 -8.54 41.50
C ILE F 548 -16.84 -9.83 41.02
N ASN F 549 -17.61 -10.92 41.10
CA ASN F 549 -17.13 -12.23 40.70
C ASN F 549 -16.56 -12.18 39.29
N LEU F 550 -17.29 -11.53 38.38
CA LEU F 550 -16.86 -11.41 37.00
C LEU F 550 -15.59 -10.57 36.89
N LEU F 551 -15.62 -9.36 37.46
CA LEU F 551 -14.47 -8.48 37.41
C LEU F 551 -13.23 -9.15 37.98
N VAL F 552 -13.29 -9.59 39.22
CA VAL F 552 -12.14 -10.24 39.83
C VAL F 552 -11.67 -11.37 38.91
N ARG F 553 -12.62 -12.08 38.33
CA ARG F 553 -12.29 -13.19 37.43
C ARG F 553 -11.61 -12.62 36.20
N GLY F 554 -12.19 -11.57 35.63
CA GLY F 554 -11.62 -10.95 34.45
C GLY F 554 -10.20 -10.47 34.65
N LEU F 555 -9.81 -10.26 35.90
CA LEU F 555 -8.46 -9.82 36.21
C LEU F 555 -7.49 -10.99 36.00
N ASN F 556 -7.95 -12.18 36.37
CA ASN F 556 -7.17 -13.41 36.23
C ASN F 556 -6.65 -13.63 34.81
N SER F 557 -7.49 -13.36 33.80
CA SER F 557 -7.12 -13.55 32.40
C SER F 557 -6.26 -12.44 31.80
N SER F 558 -6.03 -12.56 30.49
CA SER F 558 -5.22 -11.64 29.70
C SER F 558 -5.69 -10.19 29.78
N MET F 559 -6.99 -9.98 29.62
CA MET F 559 -7.57 -8.65 29.64
C MET F 559 -7.81 -8.06 31.02
N SER F 560 -6.72 -7.71 31.69
CA SER F 560 -6.79 -7.14 33.03
C SER F 560 -7.30 -5.70 32.94
N ALA F 561 -6.67 -4.90 32.07
CA ALA F 561 -7.04 -3.50 31.89
C ALA F 561 -8.55 -3.31 31.77
N GLN F 562 -9.20 -4.17 30.99
CA GLN F 562 -10.64 -4.09 30.82
C GLN F 562 -11.36 -4.23 32.16
N ALA F 563 -11.01 -5.28 32.91
CA ALA F 563 -11.60 -5.53 34.21
C ALA F 563 -11.27 -4.35 35.11
N THR F 564 -10.09 -3.79 34.91
CA THR F 564 -9.63 -2.65 35.67
C THR F 564 -10.65 -1.52 35.50
N LEU F 565 -10.85 -1.13 34.26
CA LEU F 565 -11.80 -0.06 33.93
C LEU F 565 -13.15 -0.38 34.55
N GLY F 566 -13.61 -1.62 34.36
CA GLY F 566 -14.89 -2.03 34.90
C GLY F 566 -14.95 -1.86 36.40
N LEU F 567 -13.91 -2.28 37.08
CA LEU F 567 -13.85 -2.16 38.53
C LEU F 567 -13.92 -0.69 38.95
N LYS F 568 -13.01 0.12 38.42
CA LYS F 568 -12.95 1.55 38.72
C LYS F 568 -14.30 2.24 38.54
N GLU F 569 -15.03 1.83 37.50
CA GLU F 569 -16.33 2.43 37.24
C GLU F 569 -17.23 2.08 38.42
N LEU F 570 -17.31 0.80 38.72
CA LEU F 570 -18.14 0.32 39.82
C LEU F 570 -17.82 1.05 41.12
N CYS F 571 -16.54 1.15 41.45
CA CYS F 571 -16.12 1.81 42.67
C CYS F 571 -16.57 3.26 42.75
N ARG F 572 -16.42 3.98 41.63
CA ARG F 572 -16.79 5.39 41.57
C ARG F 572 -18.28 5.70 41.66
N ASP F 573 -19.12 4.82 41.11
CA ASP F 573 -20.56 5.07 41.09
C ASP F 573 -21.42 4.39 42.16
N CYS F 574 -20.99 3.25 42.67
CA CYS F 574 -21.75 2.56 43.71
C CYS F 574 -20.84 2.10 44.83
N GLN F 575 -20.22 3.06 45.51
CA GLN F 575 -19.33 2.77 46.62
C GLN F 575 -20.11 2.22 47.82
N LEU F 576 -21.04 3.02 48.35
CA LEU F 576 -21.89 2.64 49.51
C LEU F 576 -22.33 1.22 49.38
N GLN F 577 -22.81 0.86 48.19
CA GLN F 577 -23.32 -0.49 47.94
C GLN F 577 -22.29 -1.62 48.09
N LEU F 578 -21.01 -1.31 47.83
CA LEU F 578 -19.92 -2.27 47.92
C LEU F 578 -19.27 -2.34 49.31
N LYS F 579 -19.73 -1.50 50.23
CA LYS F 579 -19.17 -1.48 51.59
C LYS F 579 -19.04 -2.90 52.17
N PRO F 580 -20.11 -3.72 52.07
CA PRO F 580 -20.00 -5.08 52.61
C PRO F 580 -18.85 -5.89 52.01
N TYR F 581 -18.60 -5.69 50.72
CA TYR F 581 -17.55 -6.38 49.97
C TYR F 581 -16.22 -5.61 49.94
N ALA F 582 -16.18 -4.45 50.60
CA ALA F 582 -14.98 -3.62 50.64
C ALA F 582 -13.82 -4.38 51.30
N ASP F 583 -14.11 -5.05 52.41
CA ASP F 583 -13.09 -5.84 53.11
C ASP F 583 -12.56 -6.88 52.12
N PRO F 584 -13.46 -7.59 51.41
CA PRO F 584 -13.08 -8.62 50.41
C PRO F 584 -12.32 -8.11 49.18
N LEU F 585 -12.99 -7.28 48.37
CA LEU F 585 -12.37 -6.74 47.16
C LEU F 585 -10.98 -6.19 47.46
N LEU F 586 -10.93 -5.19 48.35
CA LEU F 586 -9.67 -4.56 48.74
C LEU F 586 -8.55 -5.58 48.86
N ASN F 587 -8.85 -6.69 49.53
CA ASN F 587 -7.84 -7.74 49.72
C ASN F 587 -7.63 -8.57 48.46
N ALA F 588 -8.71 -8.79 47.70
CA ALA F 588 -8.64 -9.56 46.46
C ALA F 588 -7.80 -8.79 45.45
N CYS F 589 -7.88 -7.46 45.56
CA CYS F 589 -7.16 -6.57 44.67
C CYS F 589 -5.66 -6.61 44.97
N HIS F 590 -5.31 -6.47 46.24
CA HIS F 590 -3.91 -6.50 46.66
C HIS F 590 -3.24 -7.77 46.14
N ALA F 591 -4.00 -8.86 46.11
CA ALA F 591 -3.49 -10.14 45.63
C ALA F 591 -3.28 -10.08 44.13
N SER F 592 -4.29 -9.62 43.40
CA SER F 592 -4.22 -9.51 41.96
C SER F 592 -3.02 -8.69 41.52
N LEU F 593 -2.62 -7.74 42.35
CA LEU F 593 -1.47 -6.90 42.04
C LEU F 593 -0.16 -7.67 42.21
N ASN F 594 -0.11 -8.56 43.21
CA ASN F 594 1.05 -9.41 43.52
C ASN F 594 1.68 -10.05 42.29
N THR F 595 0.88 -10.76 41.50
CA THR F 595 1.43 -11.37 40.30
C THR F 595 1.97 -10.18 39.54
N GLY F 596 3.12 -10.32 38.90
CA GLY F 596 3.66 -9.22 38.13
C GLY F 596 2.92 -9.19 36.80
N ARG F 597 2.10 -10.23 36.64
CA ARG F 597 1.32 -10.43 35.43
C ARG F 597 0.48 -9.22 35.07
N MET F 598 -0.13 -8.60 36.08
CA MET F 598 -0.94 -7.41 35.84
C MET F 598 -0.02 -6.29 35.37
N LYS F 599 -0.48 -5.51 34.41
CA LYS F 599 0.31 -4.40 33.87
C LYS F 599 0.31 -3.22 34.85
N ASN F 600 1.50 -2.72 35.16
CA ASN F 600 1.68 -1.59 36.08
C ASN F 600 0.76 -0.44 35.65
N SER F 601 0.83 -0.12 34.36
CA SER F 601 0.03 0.93 33.76
C SER F 601 -1.41 0.75 34.21
N ASP F 602 -1.93 -0.45 34.01
CA ASP F 602 -3.29 -0.81 34.39
C ASP F 602 -3.42 -0.95 35.91
N SER F 603 -2.40 -1.54 36.54
CA SER F 603 -2.40 -1.76 37.98
C SER F 603 -2.66 -0.47 38.75
N VAL F 604 -2.37 0.66 38.11
CA VAL F 604 -2.58 1.95 38.75
C VAL F 604 -4.06 2.23 38.97
N ARG F 605 -4.90 1.86 38.02
CA ARG F 605 -6.32 2.10 38.18
C ARG F 605 -6.88 1.24 39.30
N LEU F 606 -6.28 0.06 39.50
CA LEU F 606 -6.72 -0.82 40.56
C LEU F 606 -6.46 -0.11 41.87
N MET F 607 -5.40 0.68 41.89
CA MET F 607 -5.03 1.45 43.07
C MET F 607 -6.14 2.45 43.34
N PHE F 608 -6.76 2.95 42.27
CA PHE F 608 -7.86 3.90 42.38
C PHE F 608 -9.03 3.23 43.09
N SER F 609 -9.42 2.06 42.59
CA SER F 609 -10.52 1.29 43.15
C SER F 609 -10.26 0.96 44.61
N ILE F 610 -9.01 0.61 44.91
CA ILE F 610 -8.63 0.28 46.28
C ILE F 610 -8.93 1.48 47.17
N GLY F 611 -8.26 2.60 46.89
CA GLY F 611 -8.47 3.80 47.67
C GLY F 611 -9.94 4.13 47.89
N LYS F 612 -10.75 3.89 46.85
CA LYS F 612 -12.18 4.16 46.96
C LYS F 612 -12.85 3.10 47.83
N LEU F 613 -12.30 1.88 47.80
CA LEU F 613 -12.83 0.79 48.61
C LEU F 613 -12.44 0.98 50.07
N MET F 614 -11.23 1.48 50.29
CA MET F 614 -10.73 1.71 51.63
C MET F 614 -11.66 2.67 52.37
N SER F 615 -12.13 3.70 51.67
CA SER F 615 -13.03 4.68 52.26
C SER F 615 -14.20 3.94 52.91
N LEU F 616 -14.66 2.90 52.24
CA LEU F 616 -15.78 2.11 52.73
C LEU F 616 -15.35 1.04 53.73
N LEU F 617 -14.18 1.22 54.34
CA LEU F 617 -13.70 0.26 55.32
C LEU F 617 -14.03 0.69 56.73
N ARG F 618 -13.84 -0.23 57.67
CA ARG F 618 -14.09 0.04 59.07
C ARG F 618 -12.86 0.73 59.68
N PRO F 619 -13.04 1.42 60.82
CA PRO F 619 -11.95 2.12 61.51
C PRO F 619 -10.72 1.22 61.71
N GLU F 620 -10.96 0.11 62.38
CA GLU F 620 -9.95 -0.90 62.68
C GLU F 620 -9.07 -1.33 61.51
N GLU F 621 -9.74 -1.74 60.43
CA GLU F 621 -9.11 -2.27 59.23
C GLU F 621 -8.36 -1.34 58.27
N ILE F 622 -8.74 -0.08 58.19
CA ILE F 622 -8.11 0.85 57.25
C ILE F 622 -6.58 0.92 57.24
N PRO F 623 -5.98 1.48 58.30
CA PRO F 623 -4.52 1.57 58.32
C PRO F 623 -3.75 0.27 58.03
N LYS F 624 -4.21 -0.86 58.58
CA LYS F 624 -3.56 -2.15 58.36
C LYS F 624 -3.60 -2.48 56.86
N TYR F 625 -4.71 -2.11 56.21
CA TYR F 625 -4.88 -2.33 54.78
C TYR F 625 -3.96 -1.39 54.03
N LEU F 626 -3.86 -0.16 54.52
CA LEU F 626 -2.99 0.82 53.92
C LEU F 626 -1.56 0.32 54.09
N ASP F 627 -1.23 -0.14 55.28
CA ASP F 627 0.11 -0.66 55.54
C ASP F 627 0.38 -1.84 54.59
N ILE F 628 -0.56 -2.76 54.54
CA ILE F 628 -0.43 -3.92 53.67
C ILE F 628 -0.37 -3.52 52.20
N ILE F 629 -0.95 -2.37 51.86
CA ILE F 629 -1.02 -1.87 50.47
C ILE F 629 -0.14 -0.68 50.06
N VAL F 630 0.50 -0.05 51.04
CA VAL F 630 1.36 1.10 50.76
C VAL F 630 2.82 0.89 51.13
N SER F 631 3.06 0.21 52.25
CA SER F 631 4.41 -0.06 52.69
C SER F 631 5.30 -0.58 51.53
N PRO F 632 4.84 -1.61 50.81
CA PRO F 632 5.63 -2.19 49.69
C PRO F 632 6.09 -1.14 48.68
N CYS F 633 5.20 -0.22 48.33
CA CYS F 633 5.48 0.85 47.39
C CYS F 633 6.66 1.72 47.84
N PHE F 634 6.67 2.14 49.11
CA PHE F 634 7.75 2.98 49.65
C PHE F 634 9.05 2.20 49.83
N GLU F 635 8.98 1.04 50.48
CA GLU F 635 10.16 0.24 50.68
C GLU F 635 10.80 -0.09 49.33
N GLU F 636 10.00 -0.44 48.32
CA GLU F 636 10.57 -0.73 46.99
C GLU F 636 11.40 0.47 46.59
N LEU F 637 10.77 1.64 46.68
CA LEU F 637 11.42 2.90 46.34
C LEU F 637 12.66 3.05 47.23
N GLN F 638 12.49 2.77 48.52
CA GLN F 638 13.57 2.86 49.48
C GLN F 638 14.75 1.97 49.03
N ALA F 639 14.47 0.73 48.65
CA ALA F 639 15.50 -0.18 48.18
C ALA F 639 16.30 0.55 47.08
N ILE F 640 15.61 1.08 46.07
CA ILE F 640 16.27 1.81 45.00
C ILE F 640 17.03 2.99 45.62
N CYS F 641 16.45 3.56 46.68
CA CYS F 641 17.09 4.68 47.35
C CYS F 641 18.52 4.24 47.67
N GLN F 642 18.73 2.93 47.76
CA GLN F 642 20.05 2.38 48.03
C GLN F 642 21.01 2.98 46.99
N ALA F 643 20.50 3.10 45.76
CA ALA F 643 21.16 3.64 44.58
C ALA F 643 21.82 2.58 43.70
N THR F 647 20.34 1.45 36.54
CA THR F 647 19.63 2.66 36.93
C THR F 647 18.44 2.93 36.01
N PRO F 648 18.67 2.98 34.68
CA PRO F 648 17.55 3.25 33.77
C PRO F 648 16.44 2.23 34.00
N ALA F 649 16.83 1.06 34.50
CA ALA F 649 15.88 0.00 34.79
C ALA F 649 15.20 0.36 36.12
N ALA F 650 15.94 1.07 36.97
CA ALA F 650 15.44 1.49 38.27
C ALA F 650 14.48 2.66 38.11
N ARG F 651 14.79 3.54 37.15
CA ARG F 651 13.97 4.71 36.88
C ARG F 651 12.51 4.32 36.71
N ILE F 652 12.29 3.20 36.04
CA ILE F 652 10.94 2.71 35.80
C ILE F 652 10.26 2.38 37.12
N ARG F 653 10.85 1.47 37.89
CA ARG F 653 10.30 1.06 39.17
C ARG F 653 9.99 2.28 40.02
N THR F 654 10.87 3.27 39.94
CA THR F 654 10.70 4.50 40.68
C THR F 654 9.40 5.20 40.28
N ILE F 655 9.18 5.32 38.97
CA ILE F 655 7.98 5.97 38.46
C ILE F 655 6.71 5.22 38.90
N PHE F 656 6.66 3.93 38.64
CA PHE F 656 5.49 3.14 39.01
C PHE F 656 5.11 3.39 40.47
N ARG F 657 6.02 3.02 41.38
CA ARG F 657 5.74 3.19 42.80
C ARG F 657 5.29 4.59 43.13
N LEU F 658 5.92 5.58 42.50
CA LEU F 658 5.54 6.96 42.76
C LEU F 658 4.12 7.23 42.28
N ASN F 659 3.80 6.84 41.07
CA ASN F 659 2.45 7.06 40.54
C ASN F 659 1.40 6.28 41.33
N MET F 660 1.70 5.02 41.65
CA MET F 660 0.77 4.17 42.40
C MET F 660 0.23 4.90 43.62
N ILE F 661 1.16 5.49 44.38
CA ILE F 661 0.81 6.25 45.55
C ILE F 661 -0.03 7.42 45.08
N SER F 662 0.55 8.21 44.18
CA SER F 662 -0.09 9.39 43.60
C SER F 662 -1.57 9.11 43.30
N THR F 663 -1.82 7.93 42.74
CA THR F 663 -3.18 7.52 42.41
C THR F 663 -3.95 7.18 43.67
N LEU F 664 -3.46 6.22 44.43
CA LEU F 664 -4.13 5.83 45.67
C LEU F 664 -4.48 7.08 46.46
N PHE F 665 -3.54 8.02 46.52
CA PHE F 665 -3.76 9.28 47.23
C PHE F 665 -4.92 10.02 46.57
N SER F 666 -4.86 10.16 45.26
CA SER F 666 -5.89 10.84 44.50
C SER F 666 -7.28 10.38 44.89
N SER F 667 -7.50 9.06 44.82
CA SER F 667 -8.82 8.52 45.14
C SER F 667 -9.10 8.51 46.64
N LEU F 668 -8.03 8.45 47.45
CA LEU F 668 -8.22 8.41 48.89
C LEU F 668 -8.49 9.79 49.47
N ASN F 669 -8.45 10.82 48.63
CA ASN F 669 -8.70 12.17 49.10
C ASN F 669 -10.19 12.42 49.21
N THR F 670 -10.98 11.40 48.86
CA THR F 670 -12.43 11.48 48.92
C THR F 670 -12.90 11.39 50.36
N PRO F 684 -6.79 10.58 58.88
CA PRO F 684 -6.98 10.39 57.45
C PRO F 684 -5.75 9.72 56.85
N VAL F 685 -5.21 10.33 55.78
CA VAL F 685 -4.03 9.79 55.12
C VAL F 685 -2.80 10.57 55.56
N LEU F 686 -3.03 11.61 56.35
CA LEU F 686 -1.97 12.47 56.85
C LEU F 686 -0.82 11.72 57.52
N LEU F 687 -1.15 10.77 58.38
CA LEU F 687 -0.11 10.01 59.07
C LEU F 687 0.79 9.30 58.07
N VAL F 688 0.21 8.87 56.95
CA VAL F 688 0.98 8.18 55.91
C VAL F 688 2.01 9.13 55.31
N MET F 689 1.55 10.34 54.98
CA MET F 689 2.43 11.34 54.40
C MET F 689 3.50 11.84 55.37
N GLN F 690 3.11 12.07 56.61
CA GLN F 690 4.02 12.56 57.64
C GLN F 690 5.33 11.77 57.70
N ARG F 691 5.21 10.45 57.78
CA ARG F 691 6.38 9.58 57.86
C ARG F 691 7.00 9.35 56.48
N THR F 692 6.39 9.93 55.46
CA THR F 692 6.86 9.76 54.08
C THR F 692 7.67 10.94 53.53
N MET F 693 7.26 12.15 53.89
CA MET F 693 7.90 13.38 53.43
C MET F 693 9.40 13.29 53.23
N PRO F 694 10.13 12.58 54.11
CA PRO F 694 11.59 12.50 53.93
C PRO F 694 12.05 11.76 52.69
N ILE F 695 11.32 10.72 52.30
CA ILE F 695 11.72 9.94 51.13
C ILE F 695 11.59 10.71 49.82
N PHE F 696 10.68 11.68 49.76
CA PHE F 696 10.55 12.44 48.53
C PHE F 696 11.79 13.30 48.33
N LYS F 697 12.41 13.72 49.43
CA LYS F 697 13.64 14.51 49.36
C LYS F 697 14.68 13.60 48.69
N ARG F 698 14.76 12.38 49.20
CA ARG F 698 15.70 11.37 48.72
C ARG F 698 15.48 11.03 47.25
N ILE F 699 14.22 10.85 46.86
CA ILE F 699 13.91 10.52 45.48
C ILE F 699 14.33 11.66 44.57
N ALA F 700 14.14 12.88 45.05
CA ALA F 700 14.49 14.06 44.28
C ALA F 700 15.97 14.06 43.91
N GLU F 701 16.84 13.72 44.86
CA GLU F 701 18.27 13.70 44.60
C GLU F 701 18.61 12.71 43.48
N MET F 702 17.95 11.56 43.51
CA MET F 702 18.14 10.52 42.50
C MET F 702 17.58 11.04 41.19
N TRP F 703 16.48 11.76 41.30
CA TRP F 703 15.81 12.31 40.15
C TRP F 703 16.19 13.75 39.89
N VAL F 704 17.20 14.27 40.59
CA VAL F 704 17.58 15.67 40.41
C VAL F 704 17.81 16.04 38.96
N GLU F 705 18.38 15.10 38.21
CA GLU F 705 18.67 15.34 36.80
C GLU F 705 17.60 14.84 35.83
N GLU F 706 16.63 14.08 36.33
CA GLU F 706 15.59 13.55 35.46
C GLU F 706 14.21 14.10 35.79
N ILE F 707 13.75 15.06 34.99
CA ILE F 707 12.43 15.66 35.23
C ILE F 707 11.35 14.60 35.22
N ASP F 708 11.49 13.59 34.37
CA ASP F 708 10.51 12.52 34.28
C ASP F 708 10.16 12.04 35.68
N VAL F 709 11.16 11.48 36.36
CA VAL F 709 10.98 11.00 37.72
C VAL F 709 10.57 12.16 38.61
N LEU F 710 11.16 13.32 38.36
CA LEU F 710 10.87 14.50 39.13
C LEU F 710 9.38 14.81 39.11
N GLU F 711 8.83 14.98 37.90
CA GLU F 711 7.42 15.27 37.74
C GLU F 711 6.60 14.19 38.44
N ALA F 712 7.02 12.94 38.30
CA ALA F 712 6.32 11.81 38.91
C ALA F 712 6.24 11.93 40.43
N ALA F 713 7.34 12.29 41.07
CA ALA F 713 7.35 12.45 42.53
C ALA F 713 6.49 13.63 42.95
N CYS F 714 6.66 14.77 42.28
CA CYS F 714 5.87 15.96 42.61
C CYS F 714 4.37 15.69 42.55
N SER F 715 3.92 15.07 41.47
CA SER F 715 2.50 14.77 41.32
C SER F 715 2.06 14.06 42.58
N ALA F 716 2.79 13.01 42.93
CA ALA F 716 2.51 12.23 44.12
C ALA F 716 2.40 13.16 45.31
N MET F 717 3.44 13.98 45.50
CA MET F 717 3.47 14.93 46.61
C MET F 717 2.22 15.80 46.61
N LYS F 718 1.93 16.41 45.45
CA LYS F 718 0.77 17.28 45.29
C LYS F 718 -0.54 16.66 45.72
N HIS F 719 -0.85 15.49 45.16
CA HIS F 719 -2.09 14.82 45.46
C HIS F 719 -2.30 14.54 46.94
N ALA F 720 -1.22 14.28 47.67
CA ALA F 720 -1.32 13.99 49.09
C ALA F 720 -1.44 15.28 49.89
N ILE F 721 -0.77 16.32 49.40
CA ILE F 721 -0.79 17.61 50.07
C ILE F 721 -2.20 18.21 50.06
N THR F 722 -3.00 17.80 49.08
CA THR F 722 -4.39 18.28 48.94
C THR F 722 -5.21 18.04 50.21
N ASN F 723 -4.95 16.92 50.87
CA ASN F 723 -5.68 16.56 52.09
C ASN F 723 -5.49 17.57 53.24
N LEU F 724 -4.28 18.10 53.40
CA LEU F 724 -3.99 19.04 54.49
C LEU F 724 -4.90 20.26 54.62
N ARG F 725 -5.04 21.05 53.55
CA ARG F 725 -5.90 22.24 53.63
C ARG F 725 -7.18 21.83 54.36
N SER F 726 -7.81 20.76 53.89
CA SER F 726 -9.04 20.25 54.48
C SER F 726 -8.74 19.10 55.45
N GLN F 729 -1.13 20.42 59.05
CA GLN F 729 -0.38 21.56 58.53
C GLN F 729 1.11 21.30 58.61
N PRO F 730 1.46 20.12 59.11
CA PRO F 730 2.86 19.72 59.26
C PRO F 730 3.49 19.44 57.90
N MET F 731 2.65 19.25 56.90
CA MET F 731 3.10 18.96 55.55
C MET F 731 3.85 20.16 54.97
N LEU F 732 3.38 21.36 55.29
CA LEU F 732 3.98 22.58 54.79
C LEU F 732 5.47 22.65 55.07
N GLN F 733 5.89 22.11 56.21
CA GLN F 733 7.30 22.14 56.60
C GLN F 733 8.21 21.33 55.68
N ASP F 734 7.90 20.05 55.48
CA ASP F 734 8.75 19.23 54.62
C ASP F 734 8.71 19.69 53.19
N LEU F 735 7.63 20.39 52.82
CA LEU F 735 7.49 20.90 51.47
C LEU F 735 8.61 21.89 51.21
N CYS F 736 8.75 22.86 52.11
CA CYS F 736 9.79 23.86 51.97
C CYS F 736 11.14 23.16 52.00
N LEU F 737 11.18 21.99 52.64
CA LEU F 737 12.40 21.21 52.73
C LEU F 737 12.57 20.41 51.45
N PHE F 738 11.47 19.82 51.00
CA PHE F 738 11.43 19.02 49.80
C PHE F 738 11.62 19.92 48.57
N ILE F 739 11.07 21.12 48.63
CA ILE F 739 11.18 22.08 47.55
C ILE F 739 12.56 22.75 47.61
N VAL F 740 13.10 22.87 48.82
CA VAL F 740 14.42 23.49 49.02
C VAL F 740 15.51 22.55 48.51
N ALA F 741 15.13 21.31 48.26
CA ALA F 741 16.03 20.29 47.76
C ALA F 741 15.81 20.26 46.26
N SER F 742 14.55 20.42 45.88
CA SER F 742 14.18 20.43 44.47
C SER F 742 14.82 21.65 43.82
N PHE F 743 14.58 22.84 44.39
CA PHE F 743 15.15 24.08 43.87
C PHE F 743 16.65 23.94 43.75
N GLN F 744 17.22 23.16 44.67
CA GLN F 744 18.65 22.91 44.69
C GLN F 744 19.01 21.75 43.78
N CYS F 747 16.48 23.94 38.39
CA CYS F 747 15.30 24.79 38.35
C CYS F 747 14.34 24.35 37.25
N CYS F 748 14.02 23.06 37.26
CA CYS F 748 13.11 22.50 36.28
C CYS F 748 11.69 22.98 36.52
N ALA F 749 10.89 22.88 35.47
CA ALA F 749 9.49 23.31 35.47
C ALA F 749 8.50 22.72 36.51
N PRO F 750 8.65 21.44 36.89
CA PRO F 750 7.72 20.84 37.87
C PRO F 750 7.87 21.47 39.24
N THR F 751 9.13 21.67 39.61
CA THR F 751 9.55 22.28 40.87
C THR F 751 8.71 23.52 41.20
N LEU F 752 8.75 24.52 40.33
CA LEU F 752 7.96 25.74 40.57
C LEU F 752 6.46 25.44 40.52
N GLU F 753 6.09 24.38 39.78
CA GLU F 753 4.70 23.97 39.63
C GLU F 753 4.04 23.72 40.99
N ILE F 754 4.73 23.01 41.89
CA ILE F 754 4.22 22.71 43.23
C ILE F 754 4.28 23.95 44.15
N SER F 755 5.42 24.65 44.11
CA SER F 755 5.61 25.85 44.91
C SER F 755 4.34 26.70 44.76
N LYS F 756 3.95 26.98 43.52
CA LYS F 756 2.73 27.75 43.26
C LYS F 756 1.52 27.05 43.88
N THR F 757 1.33 25.78 43.56
CA THR F 757 0.21 24.98 44.07
C THR F 757 0.16 25.05 45.60
N ALA F 758 1.31 24.88 46.25
CA ALA F 758 1.38 24.94 47.71
C ALA F 758 0.95 26.36 48.14
N ILE F 759 1.63 27.35 47.58
CA ILE F 759 1.36 28.73 47.89
C ILE F 759 -0.13 29.06 47.78
N VAL F 760 -0.76 28.75 46.65
CA VAL F 760 -2.17 29.08 46.44
C VAL F 760 -3.20 28.49 47.39
N MET F 761 -2.77 27.59 48.26
CA MET F 761 -3.70 26.99 49.20
C MET F 761 -3.45 27.51 50.61
N PHE F 762 -2.57 28.50 50.72
CA PHE F 762 -2.23 29.09 52.01
C PHE F 762 -2.58 30.58 52.05
N PHE F 763 -3.79 30.91 51.60
CA PHE F 763 -4.26 32.29 51.59
C PHE F 763 -5.47 32.44 52.48
N LYS F 769 0.64 32.62 56.72
CA LYS F 769 1.19 33.66 55.86
C LYS F 769 2.72 33.57 55.72
N PRO F 770 3.44 33.29 56.82
CA PRO F 770 4.90 33.19 56.69
C PRO F 770 5.34 32.07 55.76
N LEU F 771 4.87 30.86 56.04
CA LEU F 771 5.20 29.69 55.24
C LEU F 771 5.12 29.99 53.74
N MET F 772 4.07 30.71 53.34
CA MET F 772 3.87 31.03 51.94
C MET F 772 4.82 32.11 51.41
N GLN F 773 4.93 33.22 52.14
CA GLN F 773 5.78 34.32 51.70
C GLN F 773 7.24 33.93 51.51
N GLN F 774 7.78 33.14 52.43
CA GLN F 774 9.16 32.71 52.33
C GLN F 774 9.41 31.83 51.12
N LEU F 775 8.50 30.89 50.88
CA LEU F 775 8.64 29.98 49.76
C LEU F 775 8.55 30.71 48.42
N LEU F 776 7.69 31.73 48.34
CA LEU F 776 7.54 32.48 47.10
C LEU F 776 8.75 33.36 46.89
N ARG F 777 9.22 33.96 47.98
CA ARG F 777 10.38 34.84 47.90
C ARG F 777 11.59 34.04 47.45
N GLU F 778 11.76 32.84 47.99
CA GLU F 778 12.87 31.98 47.59
C GLU F 778 12.63 31.60 46.14
N PHE F 779 11.38 31.31 45.83
CA PHE F 779 10.92 30.92 44.49
C PHE F 779 11.36 31.90 43.40
N ILE F 780 11.22 33.21 43.67
CA ILE F 780 11.60 34.22 42.70
C ILE F 780 13.12 34.32 42.53
N GLN F 781 13.81 34.44 43.66
CA GLN F 781 15.27 34.59 43.68
C GLN F 781 16.08 33.43 43.09
N HIS F 782 15.54 32.22 43.16
CA HIS F 782 16.23 31.04 42.64
C HIS F 782 16.05 30.99 41.13
N SER F 783 14.83 31.26 40.69
CA SER F 783 14.49 31.25 39.28
C SER F 783 15.47 32.12 38.52
N PHE F 784 15.84 33.26 39.09
CA PHE F 784 16.77 34.17 38.46
C PHE F 784 18.09 33.48 38.14
N LYS F 785 18.62 32.73 39.09
CA LYS F 785 19.88 32.01 38.91
C LYS F 785 19.87 31.22 37.61
N LEU F 786 18.79 30.49 37.37
CA LEU F 786 18.66 29.71 36.15
C LEU F 786 18.50 30.66 34.98
N PHE F 787 17.72 31.72 35.19
CA PHE F 787 17.46 32.74 34.18
C PHE F 787 18.73 33.51 33.85
N GLU F 788 19.74 33.38 34.72
CA GLU F 788 21.02 34.06 34.55
C GLU F 788 21.93 33.42 33.52
N SER F 789 21.52 32.29 32.95
CA SER F 789 22.33 31.64 31.94
C SER F 789 22.49 32.61 30.76
N THR F 790 23.40 32.30 29.85
CA THR F 790 23.62 33.15 28.67
C THR F 790 22.26 33.54 28.09
N PRO F 791 21.99 34.85 27.97
CA PRO F 791 20.73 35.35 27.43
C PRO F 791 20.42 34.88 26.01
N GLU F 792 21.41 34.98 25.14
CA GLU F 792 21.26 34.61 23.74
C GLU F 792 20.79 33.19 23.40
N GLN F 793 21.42 32.18 23.98
CA GLN F 793 21.05 30.81 23.65
C GLN F 793 20.25 30.14 24.74
N ASN F 794 20.80 30.10 25.94
CA ASN F 794 20.10 29.47 27.04
C ASN F 794 18.68 29.99 27.15
N PHE F 795 18.52 31.31 27.08
CA PHE F 795 17.21 31.91 27.19
C PHE F 795 16.26 31.28 26.16
N SER F 796 16.78 31.03 24.96
CA SER F 796 15.99 30.40 23.89
C SER F 796 15.74 29.01 24.43
N ASN F 797 16.83 28.39 24.88
CA ASN F 797 16.83 27.06 25.46
C ASN F 797 15.96 27.01 26.73
N ILE F 798 15.76 28.17 27.34
CA ILE F 798 15.00 28.30 28.57
C ILE F 798 13.46 28.42 28.37
N SER F 799 13.00 28.35 27.13
CA SER F 799 11.56 28.46 26.84
C SER F 799 10.61 27.75 27.83
N ASP F 800 10.84 26.47 28.11
CA ASP F 800 9.98 25.71 29.03
C ASP F 800 9.78 26.36 30.40
N THR F 801 10.89 26.60 31.08
CA THR F 801 10.86 27.21 32.41
C THR F 801 10.35 28.65 32.40
N MET F 802 10.65 29.39 31.33
CA MET F 802 10.21 30.78 31.22
C MET F 802 8.68 30.86 31.21
N GLU F 803 8.05 29.93 30.48
CA GLU F 803 6.61 29.89 30.39
C GLU F 803 6.05 29.50 31.75
N THR F 804 6.51 28.36 32.23
CA THR F 804 6.08 27.84 33.52
C THR F 804 6.24 28.85 34.67
N PHE F 805 7.46 29.31 34.91
CA PHE F 805 7.73 30.26 35.97
C PHE F 805 6.68 31.37 36.01
N PHE F 806 6.49 32.02 34.87
CA PHE F 806 5.53 33.11 34.77
C PHE F 806 4.09 32.64 34.84
N GLY F 807 3.82 31.45 34.30
CA GLY F 807 2.47 30.95 34.37
C GLY F 807 2.06 30.82 35.82
N CYS F 808 3.00 30.36 36.64
CA CYS F 808 2.78 30.17 38.08
C CYS F 808 2.70 31.49 38.84
N LEU F 809 3.57 32.42 38.49
CA LEU F 809 3.60 33.71 39.16
C LEU F 809 2.37 34.51 38.75
N THR F 810 1.67 34.02 37.73
CA THR F 810 0.46 34.67 37.22
C THR F 810 -0.76 34.15 37.98
N GLN F 811 -0.81 32.84 38.17
CA GLN F 811 -1.90 32.21 38.90
C GLN F 811 -1.82 32.63 40.37
N ILE F 812 -0.60 32.67 40.89
CA ILE F 812 -0.35 33.04 42.28
C ILE F 812 -0.79 34.48 42.56
N ILE F 813 -0.89 35.29 41.51
CA ILE F 813 -1.31 36.68 41.66
C ILE F 813 -2.80 36.85 41.94
N LYS F 814 -3.65 36.36 41.03
CA LYS F 814 -5.10 36.46 41.15
C LYS F 814 -5.62 35.94 42.49
N LYS F 815 -5.25 34.71 42.83
CA LYS F 815 -5.62 34.15 44.11
C LYS F 815 -4.41 34.52 44.94
N ILE F 816 -4.51 34.60 46.26
CA ILE F 816 -3.30 34.95 46.99
C ILE F 816 -2.83 36.34 46.53
N PRO F 817 -3.76 37.31 46.36
CA PRO F 817 -3.40 38.65 45.91
C PRO F 817 -2.61 39.48 46.92
N GLN F 818 -2.99 39.42 48.18
CA GLN F 818 -2.29 40.19 49.21
C GLN F 818 -0.80 39.88 49.06
N VAL F 819 -0.47 38.92 48.20
CA VAL F 819 0.92 38.53 47.98
C VAL F 819 1.69 39.67 47.33
N LEU F 820 1.04 40.33 46.38
CA LEU F 820 1.66 41.47 45.72
C LEU F 820 2.07 42.46 46.81
N GLU F 821 1.42 42.35 47.98
CA GLU F 821 1.67 43.20 49.15
C GLU F 821 3.11 43.10 49.70
N ASP F 822 3.73 41.93 49.58
CA ASP F 822 5.09 41.70 50.08
C ASP F 822 6.12 42.58 49.36
N LYS F 823 6.42 43.74 49.96
CA LYS F 823 7.39 44.71 49.43
C LYS F 823 8.71 44.01 49.18
N THR F 824 8.91 42.86 49.81
CA THR F 824 10.17 42.13 49.66
C THR F 824 10.48 41.77 48.22
N LEU F 825 9.51 41.14 47.58
CA LEU F 825 9.61 40.65 46.20
C LEU F 825 10.26 41.67 45.28
N ALA F 826 11.22 41.21 44.47
CA ALA F 826 11.94 42.04 43.50
C ALA F 826 11.22 41.98 42.16
N TYR F 827 10.37 42.98 41.89
CA TYR F 827 9.60 43.01 40.66
C TYR F 827 10.40 43.52 39.46
N ASP F 828 11.19 44.56 39.68
CA ASP F 828 12.02 45.11 38.61
C ASP F 828 12.77 43.97 37.95
N ARG F 829 13.18 42.99 38.76
CA ARG F 829 13.87 41.82 38.25
C ARG F 829 12.88 41.00 37.44
N LEU F 830 11.76 40.65 38.06
CA LEU F 830 10.74 39.86 37.39
C LEU F 830 10.46 40.39 35.99
N VAL F 831 9.96 41.62 35.91
CA VAL F 831 9.65 42.23 34.64
C VAL F 831 10.86 42.22 33.71
N PHE F 832 12.04 42.43 34.27
CA PHE F 832 13.28 42.44 33.51
C PHE F 832 13.25 41.25 32.56
N TYR F 833 13.08 40.06 33.13
CA TYR F 833 13.05 38.80 32.39
C TYR F 833 11.74 38.58 31.64
N ALA F 834 10.63 38.99 32.23
CA ALA F 834 9.31 38.83 31.63
C ALA F 834 9.20 39.47 30.26
N GLN F 835 9.86 40.60 30.08
CA GLN F 835 9.82 41.31 28.82
C GLN F 835 10.69 40.54 27.81
N ARG F 836 11.66 39.78 28.29
CA ARG F 836 12.52 39.00 27.40
C ARG F 836 11.75 37.82 26.83
N GLY F 837 11.16 37.03 27.71
CA GLY F 837 10.39 35.88 27.30
C GLY F 837 9.52 36.20 26.09
N MET F 838 8.76 37.29 26.17
CA MET F 838 7.89 37.64 25.04
C MET F 838 8.73 37.68 23.78
N THR F 839 9.92 38.24 23.93
CA THR F 839 10.86 38.36 22.86
C THR F 839 11.62 37.03 22.72
N LEU F 840 11.01 35.95 23.17
CA LEU F 840 11.66 34.65 23.13
C LEU F 840 11.46 33.94 21.80
N PRO F 841 11.98 32.73 21.74
CA PRO F 841 11.89 31.93 20.54
C PRO F 841 10.88 30.81 20.71
N GLU F 842 10.20 30.73 21.85
CA GLU F 842 9.20 29.70 22.01
C GLU F 842 7.94 30.22 21.34
N SER F 843 7.26 29.34 20.62
CA SER F 843 6.05 29.71 19.90
C SER F 843 4.87 30.14 20.80
N GLY F 844 4.83 29.61 22.03
CA GLY F 844 3.73 29.94 22.94
C GLY F 844 4.08 30.54 24.30
N ALA F 845 5.26 30.21 24.83
CA ALA F 845 5.69 30.71 26.13
C ALA F 845 5.59 32.24 26.25
N ILE F 846 5.46 32.93 25.12
CA ILE F 846 5.37 34.39 25.12
C ILE F 846 4.11 34.94 25.72
N ARG F 847 3.08 34.12 25.71
CA ARG F 847 1.78 34.48 26.26
C ARG F 847 1.89 34.58 27.78
N ASN F 848 2.67 33.68 28.37
CA ASN F 848 2.88 33.63 29.81
C ASN F 848 3.49 34.92 30.34
N SER F 849 4.60 35.30 29.75
CA SER F 849 5.28 36.53 30.14
C SER F 849 4.24 37.63 30.02
N ILE F 850 3.64 37.71 28.85
CA ILE F 850 2.62 38.70 28.57
C ILE F 850 1.48 38.59 29.58
N GLN F 851 0.90 37.39 29.69
CA GLN F 851 -0.19 37.17 30.63
C GLN F 851 0.20 37.64 32.02
N PHE F 852 1.42 37.31 32.41
CA PHE F 852 1.94 37.72 33.72
C PHE F 852 1.90 39.23 33.88
N LEU F 853 2.59 39.92 32.98
CA LEU F 853 2.65 41.37 33.01
C LEU F 853 1.26 41.96 32.99
N THR F 854 0.39 41.41 32.16
CA THR F 854 -0.97 41.92 32.06
C THR F 854 -1.72 41.90 33.38
N HIS F 855 -1.46 40.89 34.20
CA HIS F 855 -2.11 40.74 35.52
C HIS F 855 -1.44 41.48 36.66
N PHE F 856 -0.24 41.96 36.41
CA PHE F 856 0.55 42.72 37.37
C PHE F 856 -0.01 44.14 37.23
N VAL F 857 -0.02 44.66 36.02
CA VAL F 857 -0.55 46.00 35.73
C VAL F 857 -1.94 46.16 36.35
N MET F 858 -2.66 45.04 36.39
CA MET F 858 -4.00 45.00 36.95
C MET F 858 -3.92 45.30 38.45
N GLN F 859 -3.21 44.48 39.20
CA GLN F 859 -3.11 44.71 40.64
C GLN F 859 -2.29 45.95 40.94
N SER F 860 -1.32 46.25 40.08
CA SER F 860 -0.45 47.39 40.28
C SER F 860 -1.20 48.72 40.41
N ARG F 861 -2.35 48.83 39.75
CA ARG F 861 -3.13 50.05 39.83
C ARG F 861 -3.78 50.19 41.20
N ASN F 862 -3.69 49.13 42.01
CA ASN F 862 -4.29 49.12 43.34
C ASN F 862 -3.30 49.20 44.49
N HIS F 863 -2.00 49.14 44.20
CA HIS F 863 -0.98 49.23 45.25
C HIS F 863 0.18 50.12 44.81
N ALA F 864 0.31 51.28 45.45
CA ALA F 864 1.37 52.22 45.12
C ALA F 864 2.70 51.47 45.07
N HIS F 865 2.96 50.68 46.09
CA HIS F 865 4.17 49.88 46.19
C HIS F 865 4.55 49.28 44.84
N VAL F 866 3.65 48.47 44.30
CA VAL F 866 3.87 47.82 43.01
C VAL F 866 3.77 48.80 41.85
N THR F 867 2.87 49.78 41.97
CA THR F 867 2.69 50.78 40.91
C THR F 867 4.03 51.34 40.46
N GLU F 868 4.91 51.55 41.42
CA GLU F 868 6.24 52.08 41.14
C GLU F 868 6.84 51.27 40.00
N VAL F 869 7.05 49.99 40.27
CA VAL F 869 7.63 49.08 39.28
C VAL F 869 6.99 49.33 37.91
N VAL F 870 5.67 49.39 37.88
CA VAL F 870 4.94 49.63 36.64
C VAL F 870 5.33 50.93 35.97
N LEU F 871 5.36 51.99 36.75
CA LEU F 871 5.71 53.31 36.23
C LEU F 871 7.05 53.26 35.50
N ALA F 872 8.04 52.63 36.14
CA ALA F 872 9.36 52.51 35.54
C ALA F 872 9.32 51.65 34.27
N THR F 873 8.70 50.49 34.40
CA THR F 873 8.58 49.55 33.29
C THR F 873 7.58 50.03 32.25
N GLY F 874 6.90 51.13 32.56
CA GLY F 874 5.89 51.70 31.68
C GLY F 874 6.26 51.69 30.21
N GLU F 875 6.99 52.70 29.77
CA GLU F 875 7.37 52.79 28.37
C GLU F 875 8.26 51.66 27.89
N GLN F 876 8.98 51.03 28.83
CA GLN F 876 9.88 49.92 28.50
C GLN F 876 9.10 48.71 27.97
N THR F 877 8.04 48.34 28.68
CA THR F 877 7.20 47.22 28.29
C THR F 877 6.59 47.48 26.94
N LEU F 878 5.72 48.48 26.86
CA LEU F 878 5.07 48.81 25.59
C LEU F 878 6.09 48.91 24.47
N TYR F 879 7.34 49.21 24.82
CA TYR F 879 8.40 49.28 23.83
C TYR F 879 8.67 47.83 23.42
N THR F 880 8.94 47.00 24.42
CA THR F 880 9.21 45.58 24.22
C THR F 880 8.08 44.97 23.40
N ALA F 881 6.86 45.38 23.69
CA ALA F 881 5.69 44.87 22.98
C ALA F 881 5.75 45.26 21.51
N MET F 882 5.89 46.56 21.25
CA MET F 882 5.94 47.07 19.89
C MET F 882 7.11 46.55 19.07
N MET F 883 8.19 46.17 19.73
CA MET F 883 9.36 45.63 19.04
C MET F 883 9.02 44.26 18.45
N CYS F 884 8.50 43.38 19.28
CA CYS F 884 8.11 42.05 18.86
C CYS F 884 6.98 42.08 17.84
N VAL F 885 5.97 42.88 18.13
CA VAL F 885 4.81 43.05 17.26
C VAL F 885 5.11 43.44 15.83
N GLY F 886 6.31 43.95 15.58
CA GLY F 886 6.63 44.34 14.23
C GLY F 886 7.99 43.92 13.76
N TYR F 887 8.89 43.60 14.69
CA TYR F 887 10.22 43.23 14.25
C TYR F 887 10.80 41.94 14.78
N LEU F 888 10.29 41.42 15.89
CA LEU F 888 10.90 40.21 16.43
C LEU F 888 10.01 39.01 16.67
N THR F 889 8.76 39.24 17.03
CA THR F 889 7.83 38.17 17.30
C THR F 889 7.25 37.52 16.04
N PRO F 890 7.24 36.16 15.95
CA PRO F 890 6.67 35.60 14.71
C PRO F 890 5.32 36.19 14.32
N ARG F 891 5.07 36.19 13.01
CA ARG F 891 3.87 36.75 12.48
C ARG F 891 2.59 36.32 13.18
N SER F 892 2.51 35.07 13.61
CA SER F 892 1.31 34.57 14.26
C SER F 892 1.14 34.93 15.72
N GLN F 893 2.23 34.99 16.48
CA GLN F 893 2.09 35.30 17.90
C GLN F 893 1.94 36.78 18.21
N VAL F 894 1.48 37.56 17.25
CA VAL F 894 1.32 39.00 17.43
C VAL F 894 0.14 39.39 18.33
N ASP F 895 -1.00 38.74 18.10
CA ASP F 895 -2.21 39.02 18.86
C ASP F 895 -2.06 38.84 20.36
N LYS F 896 -1.21 37.89 20.77
CA LYS F 896 -0.99 37.61 22.18
C LYS F 896 -0.49 38.81 22.99
N PHE F 897 -0.19 39.90 22.30
CA PHE F 897 0.31 41.11 22.94
C PHE F 897 -0.76 42.14 23.26
N ALA F 898 -1.87 42.09 22.54
CA ALA F 898 -2.96 43.03 22.74
C ALA F 898 -3.53 42.97 24.16
N ASP F 899 -3.10 41.98 24.94
CA ASP F 899 -3.57 41.82 26.31
C ASP F 899 -2.92 42.83 27.25
N ILE F 900 -1.59 42.94 27.16
CA ILE F 900 -0.84 43.87 27.99
C ILE F 900 -1.12 45.31 27.58
N LEU F 901 -1.19 45.55 26.28
CA LEU F 901 -1.47 46.89 25.80
C LEU F 901 -2.83 47.34 26.32
N LEU F 902 -3.72 46.37 26.55
CA LEU F 902 -5.05 46.67 27.05
C LEU F 902 -5.03 46.89 28.55
N ALA F 903 -4.30 46.03 29.25
CA ALA F 903 -4.17 46.12 30.70
C ALA F 903 -3.53 47.44 31.10
N MET F 904 -2.84 48.07 30.15
CA MET F 904 -2.17 49.33 30.42
C MET F 904 -3.04 50.54 30.16
N ASN F 905 -4.12 50.35 29.41
CA ASN F 905 -5.00 51.48 29.11
C ASN F 905 -6.06 51.66 30.18
N ARG F 906 -6.43 50.56 30.83
CA ARG F 906 -7.47 50.58 31.86
C ARG F 906 -6.98 51.12 33.20
N LYS F 907 -5.71 50.90 33.51
CA LYS F 907 -5.15 51.35 34.77
C LYS F 907 -4.25 52.56 34.61
N TYR F 908 -3.64 52.71 33.44
CA TYR F 908 -2.76 53.85 33.18
C TYR F 908 -3.01 54.41 31.78
N ALA F 909 -4.27 54.73 31.48
CA ALA F 909 -4.62 55.27 30.18
C ALA F 909 -3.76 56.46 29.81
N ALA F 910 -3.72 57.44 30.72
CA ALA F 910 -2.94 58.66 30.54
C ALA F 910 -1.48 58.40 30.22
N GLU F 911 -0.82 57.63 31.09
CA GLU F 911 0.57 57.29 30.89
C GLU F 911 0.77 56.55 29.56
N MET F 912 -0.03 55.51 29.35
CA MET F 912 0.05 54.69 28.14
C MET F 912 -0.16 55.53 26.88
N ALA F 913 -1.01 56.55 27.00
CA ALA F 913 -1.29 57.42 25.87
C ALA F 913 -0.03 58.18 25.48
N VAL F 914 0.83 58.42 26.46
CA VAL F 914 2.07 59.14 26.20
C VAL F 914 3.21 58.19 25.81
N TRP F 915 3.39 57.10 26.56
CA TRP F 915 4.44 56.15 26.22
C TRP F 915 4.23 55.62 24.80
N MET F 916 2.98 55.68 24.34
CA MET F 916 2.64 55.21 22.99
C MET F 916 3.07 56.21 21.92
N LYS F 917 2.67 57.46 22.10
CA LYS F 917 3.02 58.51 21.14
C LYS F 917 4.54 58.64 21.03
N SER F 918 5.21 58.56 22.17
CA SER F 918 6.66 58.68 22.25
C SER F 918 7.44 57.57 21.55
N LEU F 919 6.90 56.35 21.59
CA LEU F 919 7.57 55.21 20.97
C LEU F 919 7.15 54.98 19.54
N MET F 920 5.96 55.45 19.18
CA MET F 920 5.44 55.26 17.83
C MET F 920 5.52 56.45 16.90
N SER F 921 4.93 57.57 17.32
CA SER F 921 4.90 58.77 16.50
C SER F 921 6.21 59.55 16.50
N THR F 922 6.90 59.57 17.64
CA THR F 922 8.16 60.29 17.77
C THR F 922 9.45 59.46 17.70
N PRO F 923 9.40 58.22 17.19
CA PRO F 923 10.63 57.44 17.11
C PRO F 923 11.16 57.48 15.68
N ASN F 924 12.44 57.19 15.51
CA ASN F 924 13.00 57.18 14.17
C ASN F 924 12.46 55.95 13.45
N PHE F 925 12.34 54.84 14.15
CA PHE F 925 11.85 53.65 13.48
C PHE F 925 11.08 52.59 14.24
N PRO F 926 9.76 52.77 14.37
CA PRO F 926 9.02 51.71 15.08
C PRO F 926 9.42 50.54 14.17
N THR F 927 9.69 50.95 12.94
CA THR F 927 10.14 50.14 11.81
C THR F 927 10.43 51.15 10.71
N GLN F 928 11.41 50.86 9.86
CA GLN F 928 11.81 51.74 8.76
C GLN F 928 10.75 51.88 7.67
N LEU F 929 10.15 50.75 7.31
CA LEU F 929 9.14 50.68 6.24
C LEU F 929 7.78 51.33 6.53
N ILE F 930 7.17 50.97 7.65
CA ILE F 930 5.87 51.53 8.00
C ILE F 930 5.87 53.03 7.74
N THR F 931 4.70 53.56 7.39
CA THR F 931 4.57 54.98 7.09
C THR F 931 4.25 55.81 8.32
N ASP F 932 4.90 56.96 8.42
CA ASP F 932 4.68 57.88 9.53
C ASP F 932 3.17 58.08 9.69
N ALA F 933 2.49 58.21 8.56
CA ALA F 933 1.06 58.42 8.53
C ALA F 933 0.31 57.26 9.14
N ASP F 934 0.51 56.07 8.59
CA ASP F 934 -0.14 54.88 9.09
C ASP F 934 0.34 54.52 10.49
N LYS F 935 1.54 55.00 10.82
CA LYS F 935 2.11 54.73 12.14
C LYS F 935 1.42 55.56 13.20
N THR F 936 1.17 56.83 12.87
CA THR F 936 0.52 57.76 13.80
C THR F 936 -0.93 57.38 14.07
N ARG F 937 -1.62 56.87 13.07
CA ARG F 937 -3.02 56.49 13.19
C ARG F 937 -3.22 55.22 14.01
N TYR F 938 -2.32 54.25 13.83
CA TYR F 938 -2.38 52.99 14.57
C TYR F 938 -2.11 53.31 16.03
N THR F 939 -1.20 54.24 16.26
CA THR F 939 -0.84 54.68 17.60
C THR F 939 -2.03 55.34 18.27
N ALA F 940 -2.89 55.95 17.46
CA ALA F 940 -4.05 56.64 17.97
C ALA F 940 -5.13 55.65 18.36
N LEU F 941 -5.41 54.70 17.47
CA LEU F 941 -6.43 53.70 17.72
C LEU F 941 -6.09 52.85 18.94
N ILE F 942 -4.84 52.38 19.03
CA ILE F 942 -4.42 51.54 20.15
C ILE F 942 -4.71 52.12 21.52
N ILE F 943 -4.57 53.45 21.64
CA ILE F 943 -4.79 54.13 22.91
C ILE F 943 -6.26 54.46 23.15
N LYS F 944 -7.08 54.40 22.10
CA LYS F 944 -8.50 54.74 22.21
C LYS F 944 -9.42 53.58 22.52
N GLU F 945 -9.00 52.36 22.19
CA GLU F 945 -9.81 51.19 22.44
C GLU F 945 -9.44 50.50 23.74
N LYS F 946 -10.27 50.66 24.76
CA LYS F 946 -10.00 50.02 26.04
C LYS F 946 -11.14 49.07 26.38
N VAL F 947 -12.11 48.96 25.47
CA VAL F 947 -13.27 48.10 25.68
C VAL F 947 -13.30 46.86 24.78
N ASN F 948 -12.40 46.81 23.81
CA ASN F 948 -12.33 45.70 22.87
C ASN F 948 -10.90 45.19 22.73
N LYS F 949 -10.72 43.87 22.80
CA LYS F 949 -9.39 43.29 22.67
C LYS F 949 -9.20 42.79 21.24
N ARG F 950 -10.30 42.42 20.60
CA ARG F 950 -10.25 41.92 19.24
C ARG F 950 -9.83 43.07 18.34
N LEU F 951 -10.41 44.23 18.60
CA LEU F 951 -10.11 45.43 17.85
C LEU F 951 -8.60 45.61 17.88
N LEU F 952 -8.04 45.61 19.09
CA LEU F 952 -6.61 45.77 19.26
C LEU F 952 -5.89 44.78 18.35
N GLN F 953 -6.38 43.54 18.34
CA GLN F 953 -5.79 42.50 17.51
C GLN F 953 -5.83 42.86 16.03
N GLN F 954 -6.85 43.63 15.63
CA GLN F 954 -6.96 44.02 14.23
C GLN F 954 -6.06 45.22 13.95
N HIS F 955 -6.15 46.24 14.80
CA HIS F 955 -5.31 47.41 14.63
C HIS F 955 -3.87 46.94 14.74
N LEU F 956 -3.63 46.09 15.72
CA LEU F 956 -2.31 45.54 15.99
C LEU F 956 -1.74 44.80 14.79
N SER F 957 -2.50 43.87 14.26
CA SER F 957 -2.08 43.07 13.11
C SER F 957 -1.78 43.91 11.86
N GLU F 958 -2.75 44.70 11.42
CA GLU F 958 -2.56 45.53 10.24
C GLU F 958 -1.21 46.23 10.31
N MET F 959 -0.99 46.95 11.41
CA MET F 959 0.26 47.64 11.62
C MET F 959 1.40 46.62 11.59
N ALA F 960 1.18 45.50 12.27
CA ALA F 960 2.19 44.44 12.33
C ALA F 960 2.68 44.16 10.92
N MET F 961 1.74 44.01 10.01
CA MET F 961 2.08 43.73 8.61
C MET F 961 2.83 44.92 8.03
N LYS F 962 2.15 46.06 7.98
CA LYS F 962 2.74 47.28 7.45
C LYS F 962 4.11 47.52 8.06
N THR F 963 4.30 47.06 9.29
CA THR F 963 5.57 47.20 9.98
C THR F 963 6.67 46.35 9.34
N ARG F 964 6.50 45.04 9.38
CA ARG F 964 7.49 44.13 8.80
C ARG F 964 7.58 44.38 7.30
N GLY F 965 6.54 45.01 6.77
CA GLY F 965 6.48 45.31 5.35
C GLY F 965 5.54 44.38 4.61
#